data_7CQQ
#
_entry.id   7CQQ
#
_cell.length_a   115.553
_cell.length_b   174.476
_cell.length_c   190.125
_cell.angle_alpha   90.000
_cell.angle_beta   90.000
_cell.angle_gamma   90.000
#
_symmetry.space_group_name_H-M   'I 2 2 2'
#
loop_
_entity.id
_entity.type
_entity.pdbx_description
1 polymer 'Type III glutamate--ammonia ligase'
2 non-polymer 'MAGNESIUM ION'
3 non-polymer 'PHOSPHOAMINOPHOSPHONIC ACID-ADENYLATE ESTER'
4 non-polymer '(2S)-2-AMINO-4-(METHYLSULFONIMIDOYL)BUTANOIC ACID'
5 water water
#
_entity_poly.entity_id   1
_entity_poly.type   'polypeptide(L)'
_entity_poly.pdbx_seq_one_letter_code
;MGSSHHHHHHSSGLVPRGSHMTDLASIAREKGIEFFLISFTDLLGVQRAKLVPARAIADMAVNGAGFAGFAAWLDMSPAD
ADILAIPDPESLIQLPWKPSVGWLAADVHFEGRPFPKAPRVALKSVLARAAGKDMHLKHGVECEFFLIQPDGSAISDPAD
TQAKPCYDQDALMRRFDVIAEICSYMVDLGWGPYQNDHEDANGQFEMNWDYADALVTADRHAFFKFMVKSVAERHGLRAT
FMPKPFAHLTGNGCHTHLSMWTAAGDNLFEGDGELGLSPTAYAFLGGLIGHAKGLTAVVNPTVNSYKRLNAPVTVSGATW
SPNTITYGGNNRTHMVRIPDAGRLELRLPDGAANPYLMPAAILAAGLDGIETQADPGQRLDIDMYVEGHSVEAEQLPLNL
LDAVRALEADEVLAGGLGAAAAAFAKFKRAEWADYKSQLTEWERRTTLDC
;
_entity_poly.pdbx_strand_id   A,B,C
#
loop_
_chem_comp.id
_chem_comp.type
_chem_comp.name
_chem_comp.formula
ANP non-polymer 'PHOSPHOAMINOPHOSPHONIC ACID-ADENYLATE ESTER' 'C10 H17 N6 O12 P3'
MG non-polymer 'MAGNESIUM ION' 'Mg 2'
#
# COMPACT_ATOMS: atom_id res chain seq x y z
N THR A 22 8.62 -26.85 13.26
CA THR A 22 7.25 -27.22 12.94
C THR A 22 7.22 -27.97 11.61
N ASP A 23 6.15 -28.72 11.37
CA ASP A 23 6.04 -29.50 10.15
C ASP A 23 5.20 -28.81 9.07
N LEU A 24 5.85 -27.96 8.26
CA LEU A 24 5.17 -27.13 7.25
C LEU A 24 4.34 -27.92 6.24
N ALA A 25 4.84 -29.07 5.81
CA ALA A 25 4.10 -29.90 4.87
C ALA A 25 2.75 -30.34 5.44
N SER A 26 2.73 -30.73 6.72
CA SER A 26 1.49 -31.16 7.36
C SER A 26 0.51 -30.01 7.52
N ILE A 27 1.03 -28.86 7.93
CA ILE A 27 0.19 -27.70 8.08
C ILE A 27 -0.43 -27.33 6.73
N ALA A 28 0.36 -27.42 5.68
CA ALA A 28 -0.11 -27.11 4.32
C ALA A 28 -1.35 -27.92 4.02
N ARG A 29 -1.27 -29.22 4.32
CA ARG A 29 -2.34 -30.17 4.05
C ARG A 29 -3.56 -29.88 4.90
N GLU A 30 -3.33 -29.61 6.19
CA GLU A 30 -4.41 -29.32 7.13
C GLU A 30 -5.16 -28.04 6.78
N LYS A 31 -4.40 -26.96 6.57
CA LYS A 31 -4.99 -25.64 6.32
C LYS A 31 -5.21 -25.33 4.84
N GLY A 32 -4.86 -26.27 3.96
CA GLY A 32 -5.11 -26.11 2.54
C GLY A 32 -4.25 -25.00 1.93
N ILE A 33 -2.99 -24.96 2.30
CA ILE A 33 -2.06 -24.02 1.72
C ILE A 33 -1.41 -24.68 0.52
N GLU A 34 -1.52 -24.04 -0.63
CA GLU A 34 -1.03 -24.63 -1.87
C GLU A 34 0.34 -24.10 -2.25
N PHE A 35 0.67 -22.90 -1.79
CA PHE A 35 1.99 -22.33 -2.08
C PHE A 35 2.53 -21.60 -0.87
N PHE A 36 3.85 -21.54 -0.76
CA PHE A 36 4.48 -20.74 0.30
C PHE A 36 5.34 -19.65 -0.33
N LEU A 37 5.26 -18.45 0.21
CA LEU A 37 6.22 -17.42 -0.13
C LEU A 37 7.34 -17.49 0.88
N ILE A 38 8.51 -17.93 0.45
CA ILE A 38 9.69 -17.90 1.28
C ILE A 38 10.37 -16.57 1.02
N SER A 39 10.37 -15.73 2.04
CA SER A 39 10.56 -14.30 1.86
C SER A 39 11.70 -13.76 2.73
N PHE A 40 12.52 -12.88 2.18
CA PHE A 40 13.49 -12.18 3.02
C PHE A 40 13.51 -10.70 2.64
N THR A 41 13.97 -9.87 3.59
CA THR A 41 14.05 -8.42 3.41
C THR A 41 15.49 -8.04 3.17
N ASP A 42 15.77 -7.32 2.08
CA ASP A 42 17.14 -6.92 1.81
C ASP A 42 17.46 -5.57 2.47
N LEU A 43 18.69 -5.09 2.32
CA LEU A 43 19.15 -3.88 3.00
C LEU A 43 18.27 -2.66 2.72
N LEU A 44 17.64 -2.63 1.55
CA LEU A 44 16.87 -1.46 1.17
C LEU A 44 15.40 -1.62 1.54
N GLY A 45 15.07 -2.71 2.19
CA GLY A 45 13.71 -2.94 2.67
C GLY A 45 12.84 -3.71 1.69
N VAL A 46 13.38 -4.05 0.53
CA VAL A 46 12.60 -4.71 -0.51
C VAL A 46 12.34 -6.16 -0.12
N GLN A 47 11.08 -6.56 -0.17
CA GLN A 47 10.70 -7.94 0.08
C GLN A 47 11.08 -8.80 -1.14
N ARG A 48 11.91 -9.81 -0.91
CA ARG A 48 12.33 -10.74 -1.94
C ARG A 48 11.71 -12.10 -1.63
N ALA A 49 11.15 -12.76 -2.64
CA ALA A 49 10.53 -14.05 -2.36
C ALA A 49 10.55 -15.03 -3.51
N LYS A 50 10.43 -16.30 -3.13
CA LYS A 50 10.17 -17.38 -4.06
C LYS A 50 8.82 -17.93 -3.69
N LEU A 51 8.01 -18.21 -4.70
CA LEU A 51 6.73 -18.86 -4.49
C LEU A 51 6.90 -20.35 -4.75
N VAL A 52 6.75 -21.16 -3.72
CA VAL A 52 7.01 -22.59 -3.88
C VAL A 52 5.77 -23.44 -3.54
N PRO A 53 5.41 -24.37 -4.45
CA PRO A 53 4.25 -25.26 -4.25
C PRO A 53 4.44 -26.12 -2.99
N ALA A 54 3.36 -26.54 -2.38
CA ALA A 54 3.46 -27.23 -1.09
C ALA A 54 4.35 -28.47 -1.20
N ARG A 55 4.35 -29.10 -2.37
CA ARG A 55 5.10 -30.34 -2.55
C ARG A 55 6.58 -30.17 -2.27
N ALA A 56 7.06 -28.93 -2.33
CA ALA A 56 8.50 -28.69 -2.17
C ALA A 56 8.89 -28.07 -0.83
N ILE A 57 7.94 -27.86 0.06
CA ILE A 57 8.24 -27.06 1.25
C ILE A 57 9.15 -27.77 2.26
N ALA A 58 8.96 -29.08 2.43
CA ALA A 58 9.76 -29.84 3.39
C ALA A 58 11.24 -29.68 3.07
N ASP A 59 11.58 -29.80 1.79
CA ASP A 59 12.97 -29.65 1.40
C ASP A 59 13.47 -28.22 1.62
N MET A 60 12.65 -27.25 1.26
CA MET A 60 13.07 -25.86 1.33
C MET A 60 13.22 -25.44 2.77
N ALA A 61 12.35 -25.94 3.63
CA ALA A 61 12.37 -25.54 5.04
C ALA A 61 13.66 -25.98 5.70
N VAL A 62 14.20 -27.10 5.25
CA VAL A 62 15.43 -27.62 5.82
C VAL A 62 16.65 -26.97 5.20
N ASN A 63 16.71 -27.00 3.87
CA ASN A 63 17.90 -26.58 3.15
C ASN A 63 17.86 -25.10 2.75
N GLY A 64 16.66 -24.53 2.70
CA GLY A 64 16.49 -23.15 2.28
C GLY A 64 16.21 -23.00 0.79
N ALA A 65 15.66 -21.85 0.42
CA ALA A 65 15.42 -21.50 -0.98
C ALA A 65 16.63 -20.77 -1.52
N GLY A 66 17.12 -21.16 -2.70
CA GLY A 66 18.33 -20.57 -3.26
C GLY A 66 18.10 -19.27 -4.03
N PHE A 67 18.95 -18.28 -3.81
CA PHE A 67 18.91 -17.04 -4.59
C PHE A 67 20.31 -16.59 -4.98
N ALA A 68 20.40 -15.82 -6.06
CA ALA A 68 21.62 -15.11 -6.40
C ALA A 68 21.64 -13.77 -5.66
N GLY A 69 22.39 -13.73 -4.56
CA GLY A 69 22.41 -12.60 -3.66
C GLY A 69 22.68 -11.22 -4.26
N PHE A 70 23.54 -11.17 -5.26
CA PHE A 70 23.87 -9.89 -5.89
C PHE A 70 22.64 -9.24 -6.54
N ALA A 71 21.66 -10.04 -6.90
CA ALA A 71 20.47 -9.54 -7.60
C ALA A 71 19.52 -8.81 -6.66
N ALA A 72 19.76 -8.94 -5.36
CA ALA A 72 19.01 -8.21 -4.34
C ALA A 72 19.94 -7.19 -3.69
N TRP A 73 19.41 -6.33 -2.83
CA TRP A 73 20.28 -5.37 -2.15
C TRP A 73 20.97 -6.03 -0.95
N LEU A 74 22.08 -6.70 -1.21
CA LEU A 74 22.85 -7.40 -0.18
C LEU A 74 24.35 -7.12 -0.28
N ASP A 75 24.76 -6.40 -1.33
CA ASP A 75 26.16 -6.06 -1.59
C ASP A 75 27.03 -7.30 -1.78
N MET A 76 26.64 -8.14 -2.72
CA MET A 76 27.41 -9.33 -3.03
C MET A 76 28.02 -9.25 -4.42
N SER A 77 28.43 -10.40 -4.94
CA SER A 77 29.03 -10.51 -6.27
C SER A 77 28.28 -11.53 -7.09
N PRO A 78 28.13 -11.26 -8.39
CA PRO A 78 27.52 -12.22 -9.33
C PRO A 78 28.27 -13.55 -9.27
N ALA A 79 29.54 -13.47 -8.89
CA ALA A 79 30.38 -14.65 -8.84
C ALA A 79 30.21 -15.48 -7.56
N ASP A 80 29.48 -14.95 -6.58
CA ASP A 80 29.31 -15.63 -5.29
C ASP A 80 28.37 -16.81 -5.39
N ALA A 81 28.58 -17.82 -4.54
CA ALA A 81 27.65 -18.94 -4.44
C ALA A 81 26.26 -18.47 -4.03
N ASP A 82 25.23 -19.27 -4.32
CA ASP A 82 23.87 -18.97 -3.88
C ASP A 82 23.80 -18.69 -2.39
N ILE A 83 22.99 -17.71 -2.00
CA ILE A 83 22.58 -17.61 -0.61
C ILE A 83 21.40 -18.56 -0.47
N LEU A 84 21.13 -18.99 0.76
CA LEU A 84 20.03 -19.90 1.01
C LEU A 84 19.15 -19.26 2.06
N ALA A 85 17.89 -19.02 1.70
CA ALA A 85 16.96 -18.38 2.62
C ALA A 85 16.20 -19.45 3.38
N ILE A 86 16.57 -19.62 4.65
CA ILE A 86 15.94 -20.63 5.48
C ILE A 86 14.77 -20.02 6.23
N PRO A 87 13.56 -20.49 5.91
CA PRO A 87 12.34 -19.91 6.47
C PRO A 87 12.19 -20.19 7.96
N ASP A 88 11.57 -19.26 8.67
CA ASP A 88 11.25 -19.44 10.08
C ASP A 88 9.82 -19.92 10.21
N PRO A 89 9.64 -21.23 10.47
CA PRO A 89 8.31 -21.84 10.49
C PRO A 89 7.35 -21.17 11.45
N GLU A 90 7.89 -20.49 12.47
CA GLU A 90 7.04 -19.82 13.45
C GLU A 90 6.43 -18.54 12.91
N SER A 91 6.97 -18.02 11.82
CA SER A 91 6.49 -16.77 11.22
C SER A 91 5.35 -17.00 10.23
N LEU A 92 4.97 -18.26 10.01
CA LEU A 92 3.99 -18.58 8.99
C LEU A 92 2.75 -17.71 9.08
N ILE A 93 2.33 -17.16 7.94
CA ILE A 93 1.07 -16.44 7.84
C ILE A 93 0.32 -16.87 6.58
N GLN A 94 -0.87 -17.44 6.76
CA GLN A 94 -1.74 -17.66 5.61
C GLN A 94 -2.24 -16.28 5.23
N LEU A 95 -1.95 -15.85 4.00
CA LEU A 95 -2.45 -14.56 3.51
C LEU A 95 -3.97 -14.50 3.71
N PRO A 96 -4.44 -13.59 4.57
CA PRO A 96 -5.86 -13.59 4.87
C PRO A 96 -6.71 -13.26 3.65
N TRP A 97 -6.14 -12.56 2.67
CA TRP A 97 -6.89 -12.22 1.47
C TRP A 97 -6.76 -13.32 0.41
N LYS A 98 -5.92 -14.31 0.71
CA LYS A 98 -5.65 -15.40 -0.24
C LYS A 98 -5.03 -16.59 0.50
N PRO A 99 -5.82 -17.28 1.34
CA PRO A 99 -5.35 -18.25 2.32
C PRO A 99 -4.71 -19.49 1.72
N SER A 100 -4.77 -19.68 0.41
CA SER A 100 -4.05 -20.78 -0.21
C SER A 100 -2.55 -20.50 -0.27
N VAL A 101 -2.14 -19.30 0.15
CA VAL A 101 -0.73 -18.93 0.16
C VAL A 101 -0.20 -18.67 1.58
N GLY A 102 0.91 -19.30 1.93
CA GLY A 102 1.50 -19.07 3.24
C GLY A 102 2.80 -18.28 3.16
N TRP A 103 2.87 -17.19 3.92
CA TRP A 103 4.05 -16.34 3.92
C TRP A 103 5.01 -16.72 5.04
N LEU A 104 6.29 -16.77 4.72
CA LEU A 104 7.31 -17.12 5.71
C LEU A 104 8.44 -16.12 5.65
N ALA A 105 8.85 -15.59 6.80
CA ALA A 105 10.05 -14.78 6.88
C ALA A 105 11.22 -15.73 6.96
N ALA A 106 12.36 -15.35 6.37
CA ALA A 106 13.52 -16.23 6.32
C ALA A 106 14.82 -15.50 6.67
N ASP A 107 15.80 -16.28 7.14
CA ASP A 107 17.14 -15.79 7.40
C ASP A 107 18.00 -16.18 6.22
N VAL A 108 18.63 -15.19 5.57
CA VAL A 108 19.58 -15.49 4.52
C VAL A 108 20.84 -16.13 5.11
N HIS A 109 21.18 -17.32 4.61
CA HIS A 109 22.45 -17.98 4.94
C HIS A 109 23.41 -17.95 3.74
N PHE A 110 24.69 -17.79 4.04
CA PHE A 110 25.71 -17.81 3.00
C PHE A 110 26.89 -18.64 3.53
N GLU A 111 27.44 -19.51 2.69
CA GLU A 111 28.54 -20.38 3.09
C GLU A 111 28.31 -21.08 4.43
N GLY A 112 27.12 -21.65 4.58
CA GLY A 112 26.77 -22.43 5.75
C GLY A 112 26.50 -21.69 7.06
N ARG A 113 26.60 -20.36 7.05
CA ARG A 113 26.41 -19.52 8.24
C ARG A 113 25.33 -18.47 7.98
N PRO A 114 24.64 -17.99 9.03
CA PRO A 114 23.79 -16.82 8.82
C PRO A 114 24.57 -15.67 8.18
N PHE A 115 23.98 -14.98 7.22
CA PHE A 115 24.72 -13.97 6.47
C PHE A 115 24.61 -12.60 7.14
N PRO A 116 25.73 -12.05 7.63
CA PRO A 116 25.64 -10.84 8.45
C PRO A 116 25.14 -9.58 7.73
N LYS A 117 25.20 -9.53 6.41
CA LYS A 117 24.67 -8.37 5.71
C LYS A 117 23.13 -8.38 5.59
N ALA A 118 22.50 -9.49 5.99
CA ALA A 118 21.06 -9.60 5.83
C ALA A 118 20.36 -9.04 7.05
N PRO A 119 19.45 -8.08 6.83
CA PRO A 119 18.80 -7.32 7.91
C PRO A 119 18.28 -8.19 9.05
N ARG A 120 17.52 -9.23 8.75
CA ARG A 120 16.93 -10.03 9.83
C ARG A 120 18.00 -10.73 10.66
N VAL A 121 19.10 -11.14 10.02
CA VAL A 121 20.19 -11.81 10.72
C VAL A 121 20.90 -10.83 11.63
N ALA A 122 21.10 -9.62 11.12
CA ALA A 122 21.72 -8.53 11.87
C ALA A 122 20.92 -8.21 13.12
N LEU A 123 19.59 -8.10 12.99
CA LEU A 123 18.75 -7.89 14.16
C LEU A 123 18.86 -9.05 15.15
N LYS A 124 18.75 -10.29 14.66
CA LYS A 124 18.87 -11.44 15.56
C LYS A 124 20.19 -11.41 16.34
N SER A 125 21.26 -10.88 15.76
CA SER A 125 22.55 -10.84 16.45
C SER A 125 22.56 -9.83 17.60
N VAL A 126 22.06 -8.63 17.33
CA VAL A 126 21.93 -7.62 18.36
C VAL A 126 21.05 -8.15 19.50
N LEU A 127 19.91 -8.74 19.14
CA LEU A 127 19.00 -9.30 20.13
C LEU A 127 19.66 -10.36 21.02
N ALA A 128 20.49 -11.21 20.40
CA ALA A 128 21.20 -12.26 21.13
C ALA A 128 22.18 -11.71 22.17
N ARG A 129 22.88 -10.62 21.82
CA ARG A 129 23.74 -9.94 22.78
C ARG A 129 22.93 -9.39 23.95
N ALA A 130 21.85 -8.65 23.64
CA ALA A 130 21.01 -8.08 24.67
C ALA A 130 20.47 -9.18 25.57
N ALA A 131 20.01 -10.26 24.97
CA ALA A 131 19.44 -11.40 25.69
C ALA A 131 20.45 -12.07 26.61
N GLY A 132 21.70 -12.15 26.18
CA GLY A 132 22.76 -12.67 27.03
C GLY A 132 22.95 -11.83 28.31
N LYS A 133 22.38 -10.63 28.31
CA LYS A 133 22.43 -9.76 29.49
C LYS A 133 21.05 -9.67 30.11
N ASP A 134 20.23 -10.66 29.85
CA ASP A 134 18.85 -10.70 30.32
C ASP A 134 18.08 -9.39 30.07
N MET A 135 18.28 -8.80 28.90
CA MET A 135 17.52 -7.64 28.46
C MET A 135 16.88 -7.89 27.10
N HIS A 136 15.55 -7.94 27.08
CA HIS A 136 14.84 -8.29 25.87
C HIS A 136 14.05 -7.11 25.32
N LEU A 137 14.43 -6.63 24.14
CA LEU A 137 13.74 -5.50 23.54
C LEU A 137 12.33 -5.90 23.08
N LYS A 138 11.33 -5.10 23.45
CA LYS A 138 10.01 -5.26 22.88
C LYS A 138 9.64 -3.91 22.29
N HIS A 139 8.97 -3.91 21.13
CA HIS A 139 8.57 -2.64 20.52
C HIS A 139 7.28 -2.75 19.73
N GLY A 140 6.67 -1.61 19.48
CA GLY A 140 5.53 -1.49 18.58
C GLY A 140 5.84 -0.43 17.55
N VAL A 141 5.23 -0.54 16.38
CA VAL A 141 5.52 0.38 15.29
C VAL A 141 4.25 1.09 14.84
N GLU A 142 4.40 2.35 14.44
CA GLU A 142 3.28 3.11 13.96
C GLU A 142 3.50 3.43 12.49
N CYS A 143 3.00 2.54 11.65
CA CYS A 143 3.34 2.54 10.23
C CYS A 143 2.36 3.39 9.46
N GLU A 144 2.50 4.71 9.57
CA GLU A 144 1.60 5.61 8.86
C GLU A 144 1.78 5.41 7.35
N PHE A 145 0.70 5.58 6.59
CA PHE A 145 0.75 5.46 5.14
C PHE A 145 -0.31 6.33 4.49
N PHE A 146 -0.12 6.68 3.22
CA PHE A 146 -1.16 7.37 2.46
C PHE A 146 -1.85 6.36 1.54
N LEU A 147 -3.10 6.64 1.23
CA LEU A 147 -3.78 5.90 0.19
C LEU A 147 -3.87 6.86 -1.00
N ILE A 148 -3.28 6.46 -2.12
CA ILE A 148 -3.17 7.32 -3.30
C ILE A 148 -3.72 6.68 -4.56
N GLN A 149 -3.87 7.47 -5.63
CA GLN A 149 -4.22 6.95 -6.95
C GLN A 149 -3.16 5.97 -7.40
N PRO A 150 -3.56 4.91 -8.11
CA PRO A 150 -2.60 3.93 -8.64
C PRO A 150 -1.43 4.56 -9.41
N ASP A 151 -1.65 5.71 -10.06
CA ASP A 151 -0.55 6.34 -10.81
C ASP A 151 0.29 7.26 -9.95
N GLY A 152 -0.11 7.43 -8.70
CA GLY A 152 0.68 8.21 -7.75
C GLY A 152 0.55 9.71 -7.90
N SER A 153 -0.34 10.17 -8.77
CA SER A 153 -0.48 11.60 -9.02
C SER A 153 -1.12 12.36 -7.85
N ALA A 154 -2.05 11.72 -7.15
CA ALA A 154 -2.87 12.37 -6.14
C ALA A 154 -3.28 11.36 -5.06
N ILE A 155 -3.83 11.86 -3.97
CA ILE A 155 -4.35 10.97 -2.93
C ILE A 155 -5.61 10.31 -3.49
N SER A 156 -6.06 9.22 -2.88
CA SER A 156 -7.16 8.43 -3.45
C SER A 156 -8.52 9.11 -3.30
N ASP A 157 -8.59 10.10 -2.43
CA ASP A 157 -9.88 10.69 -2.06
C ASP A 157 -9.92 12.21 -2.28
N PRO A 158 -10.47 12.61 -3.43
CA PRO A 158 -10.56 14.02 -3.88
C PRO A 158 -11.43 14.86 -2.97
N ALA A 159 -12.25 14.23 -2.13
CA ALA A 159 -13.04 14.98 -1.16
C ALA A 159 -12.30 15.23 0.18
N ASP A 160 -11.09 14.69 0.32
CA ASP A 160 -10.31 14.88 1.54
C ASP A 160 -9.42 16.11 1.35
N THR A 161 -9.96 17.29 1.68
CA THR A 161 -9.30 18.57 1.36
C THR A 161 -9.02 19.56 2.51
N GLN A 162 -9.76 19.46 3.60
CA GLN A 162 -9.66 20.47 4.67
C GLN A 162 -8.24 20.63 5.24
N ALA A 163 -7.96 21.81 5.79
CA ALA A 163 -6.64 22.16 6.32
C ALA A 163 -6.21 21.30 7.52
N LYS A 164 -7.13 21.04 8.45
CA LYS A 164 -6.87 20.11 9.56
C LYS A 164 -7.69 18.85 9.41
N PRO A 165 -7.14 17.85 8.71
CA PRO A 165 -7.93 16.64 8.44
C PRO A 165 -7.74 15.53 9.46
N CYS A 166 -6.89 15.74 10.45
CA CYS A 166 -6.53 14.65 11.35
C CYS A 166 -7.75 14.04 12.03
N TYR A 167 -7.83 12.71 12.01
CA TYR A 167 -8.92 12.01 12.66
C TYR A 167 -10.27 12.31 12.03
N ASP A 168 -10.29 12.85 10.81
CA ASP A 168 -11.55 13.15 10.15
C ASP A 168 -12.46 11.93 10.06
N GLN A 169 -13.65 12.04 10.63
CA GLN A 169 -14.60 10.94 10.64
C GLN A 169 -15.05 10.59 9.21
N ASP A 170 -15.46 11.61 8.46
CA ASP A 170 -15.92 11.42 7.10
C ASP A 170 -14.90 10.69 6.23
N ALA A 171 -13.70 11.25 6.12
CA ALA A 171 -12.70 10.67 5.24
C ALA A 171 -12.31 9.26 5.71
N LEU A 172 -12.29 9.03 7.02
CA LEU A 172 -11.99 7.70 7.54
C LEU A 172 -13.02 6.69 7.04
N MET A 173 -14.29 7.05 7.15
CA MET A 173 -15.36 6.12 6.79
C MET A 173 -15.47 5.99 5.29
N ARG A 174 -15.01 7.00 4.57
CA ARG A 174 -15.02 6.90 3.11
C ARG A 174 -14.08 5.78 2.65
N ARG A 175 -13.09 5.44 3.47
CA ARG A 175 -12.22 4.31 3.20
C ARG A 175 -12.46 3.17 4.18
N PHE A 176 -13.64 3.11 4.78
CA PHE A 176 -13.95 2.05 5.75
C PHE A 176 -13.64 0.64 5.24
N ASP A 177 -14.00 0.35 3.99
CA ASP A 177 -13.87 -1.00 3.46
C ASP A 177 -12.43 -1.48 3.44
N VAL A 178 -11.51 -0.63 2.99
CA VAL A 178 -10.11 -1.00 2.98
C VAL A 178 -9.58 -1.15 4.41
N ILE A 179 -9.85 -0.16 5.25
CA ILE A 179 -9.32 -0.13 6.61
C ILE A 179 -9.87 -1.27 7.47
N ALA A 180 -11.19 -1.46 7.43
CA ALA A 180 -11.82 -2.49 8.21
C ALA A 180 -11.34 -3.88 7.80
N GLU A 181 -11.13 -4.07 6.50
CA GLU A 181 -10.68 -5.37 6.03
C GLU A 181 -9.33 -5.71 6.64
N ILE A 182 -8.39 -4.79 6.52
CA ILE A 182 -7.04 -5.01 7.03
C ILE A 182 -7.05 -5.17 8.55
N CYS A 183 -7.81 -4.33 9.24
CA CYS A 183 -7.90 -4.45 10.68
C CYS A 183 -8.40 -5.84 11.10
N SER A 184 -9.47 -6.31 10.46
CA SER A 184 -10.03 -7.62 10.76
C SER A 184 -9.05 -8.75 10.51
N TYR A 185 -8.18 -8.58 9.52
CA TYR A 185 -7.11 -9.54 9.27
C TYR A 185 -6.16 -9.56 10.48
N MET A 186 -5.87 -8.38 11.01
CA MET A 186 -4.98 -8.27 12.17
C MET A 186 -5.63 -8.87 13.40
N VAL A 187 -6.96 -8.76 13.50
CA VAL A 187 -7.68 -9.43 14.57
C VAL A 187 -7.48 -10.95 14.47
N ASP A 188 -7.78 -11.51 13.31
CA ASP A 188 -7.64 -12.95 13.10
C ASP A 188 -6.20 -13.45 13.25
N LEU A 189 -5.23 -12.64 12.82
CA LEU A 189 -3.83 -13.05 12.96
C LEU A 189 -3.32 -13.01 14.41
N GLY A 190 -4.06 -12.32 15.27
CA GLY A 190 -3.70 -12.28 16.68
C GLY A 190 -2.72 -11.18 17.04
N TRP A 191 -2.64 -10.15 16.20
CA TRP A 191 -1.70 -9.05 16.44
C TRP A 191 -2.20 -8.11 17.51
N GLY A 192 -3.45 -8.27 17.93
CA GLY A 192 -4.07 -7.31 18.84
C GLY A 192 -4.12 -5.88 18.33
N PRO A 193 -4.76 -5.65 17.17
CA PRO A 193 -5.03 -4.28 16.73
C PRO A 193 -6.06 -3.65 17.66
N TYR A 194 -6.02 -2.34 17.83
CA TYR A 194 -6.91 -1.71 18.79
C TYR A 194 -7.41 -0.33 18.34
N GLN A 195 -6.87 0.19 17.24
CA GLN A 195 -7.35 1.46 16.70
C GLN A 195 -6.89 1.75 15.28
N ASN A 196 -7.72 2.51 14.57
CA ASN A 196 -7.40 2.96 13.23
C ASN A 196 -7.86 4.37 13.13
N ASP A 197 -7.11 5.21 12.43
CA ASP A 197 -7.69 6.49 12.05
C ASP A 197 -7.09 7.15 10.84
N HIS A 198 -7.75 8.22 10.44
CA HIS A 198 -7.21 9.18 9.51
C HIS A 198 -6.14 10.00 10.25
N GLU A 199 -4.95 10.10 9.64
CA GLU A 199 -3.88 10.88 10.22
C GLU A 199 -3.87 12.35 9.77
N ASP A 200 -2.78 13.05 10.06
CA ASP A 200 -2.77 14.51 10.00
C ASP A 200 -2.68 15.12 8.59
N ALA A 201 -2.20 14.34 7.64
CA ALA A 201 -2.16 14.79 6.25
C ALA A 201 -3.40 14.26 5.54
N ASN A 202 -3.94 15.05 4.62
CA ASN A 202 -4.99 14.56 3.74
C ASN A 202 -4.51 13.30 3.05
N GLY A 203 -5.34 12.26 3.02
CA GLY A 203 -4.99 11.01 2.39
C GLY A 203 -4.24 10.03 3.28
N GLN A 204 -3.96 10.41 4.52
CA GLN A 204 -3.08 9.60 5.36
C GLN A 204 -3.85 8.82 6.42
N PHE A 205 -3.36 7.63 6.74
CA PHE A 205 -4.03 6.74 7.68
C PHE A 205 -3.03 6.05 8.62
N GLU A 206 -3.55 5.46 9.69
CA GLU A 206 -2.69 4.70 10.60
C GLU A 206 -3.50 3.63 11.32
N MET A 207 -2.90 2.45 11.41
CA MET A 207 -3.54 1.30 12.04
C MET A 207 -2.58 0.69 13.04
N ASN A 208 -3.00 0.66 14.31
CA ASN A 208 -2.10 0.29 15.40
C ASN A 208 -2.40 -1.10 15.94
N TRP A 209 -1.34 -1.79 16.37
CA TRP A 209 -1.46 -3.11 17.00
C TRP A 209 -0.45 -3.27 18.12
N ASP A 210 -0.68 -4.27 18.97
CA ASP A 210 0.11 -4.49 20.18
C ASP A 210 1.58 -4.66 19.89
N TYR A 211 2.42 -4.03 20.72
CA TYR A 211 3.85 -4.31 20.72
C TYR A 211 4.11 -5.80 21.03
N ALA A 212 5.32 -6.24 20.75
CA ALA A 212 5.72 -7.63 20.98
C ALA A 212 7.24 -7.70 21.06
N ASP A 213 7.77 -8.90 21.26
CA ASP A 213 9.21 -9.12 21.14
C ASP A 213 9.69 -8.54 19.83
N ALA A 214 10.86 -7.90 19.84
CA ALA A 214 11.33 -7.15 18.68
C ALA A 214 11.31 -7.95 17.36
N LEU A 215 11.68 -9.23 17.40
CA LEU A 215 11.68 -10.04 16.18
C LEU A 215 10.25 -10.26 15.66
N VAL A 216 9.31 -10.45 16.58
CA VAL A 216 7.92 -10.66 16.19
C VAL A 216 7.40 -9.40 15.52
N THR A 217 7.69 -8.25 16.12
CA THR A 217 7.21 -6.98 15.61
C THR A 217 7.85 -6.68 14.24
N ALA A 218 9.14 -6.96 14.12
CA ALA A 218 9.84 -6.75 12.87
C ALA A 218 9.23 -7.59 11.76
N ASP A 219 9.01 -8.87 12.01
CA ASP A 219 8.33 -9.73 11.04
C ASP A 219 6.95 -9.17 10.68
N ARG A 220 6.18 -8.78 11.70
CA ARG A 220 4.83 -8.23 11.47
C ARG A 220 4.91 -6.92 10.70
N HIS A 221 5.91 -6.11 11.02
CA HIS A 221 6.16 -4.88 10.31
C HIS A 221 6.33 -5.16 8.83
N ALA A 222 7.21 -6.11 8.51
CA ALA A 222 7.47 -6.46 7.13
C ALA A 222 6.21 -7.01 6.42
N PHE A 223 5.45 -7.85 7.12
CA PHE A 223 4.24 -8.39 6.52
C PHE A 223 3.21 -7.29 6.33
N PHE A 224 3.10 -6.44 7.34
CA PHE A 224 2.07 -5.41 7.36
C PHE A 224 2.12 -4.54 6.10
N LYS A 225 3.32 -4.10 5.71
CA LYS A 225 3.45 -3.20 4.58
C LYS A 225 2.97 -3.91 3.31
N PHE A 226 3.38 -5.17 3.19
CA PHE A 226 2.99 -6.02 2.09
C PHE A 226 1.46 -6.19 2.08
N MET A 227 0.88 -6.41 3.25
CA MET A 227 -0.57 -6.58 3.33
C MET A 227 -1.31 -5.30 2.93
N VAL A 228 -0.85 -4.15 3.41
CA VAL A 228 -1.55 -2.91 3.10
C VAL A 228 -1.50 -2.62 1.60
N LYS A 229 -0.32 -2.76 1.01
CA LYS A 229 -0.15 -2.50 -0.41
C LYS A 229 -0.99 -3.48 -1.23
N SER A 230 -1.04 -4.72 -0.78
CA SER A 230 -1.77 -5.77 -1.47
C SER A 230 -3.28 -5.52 -1.44
N VAL A 231 -3.82 -5.25 -0.26
CA VAL A 231 -5.24 -5.03 -0.14
C VAL A 231 -5.67 -3.72 -0.81
N ALA A 232 -4.85 -2.68 -0.68
CA ALA A 232 -5.12 -1.43 -1.39
C ALA A 232 -5.29 -1.65 -2.89
N GLU A 233 -4.35 -2.39 -3.50
CA GLU A 233 -4.43 -2.68 -4.93
C GLU A 233 -5.71 -3.42 -5.29
N ARG A 234 -6.12 -4.40 -4.49
CA ARG A 234 -7.37 -5.12 -4.76
C ARG A 234 -8.57 -4.18 -4.78
N HIS A 235 -8.44 -3.05 -4.09
CA HIS A 235 -9.53 -2.07 -4.00
C HIS A 235 -9.38 -0.99 -5.06
N GLY A 236 -8.40 -1.13 -5.94
CA GLY A 236 -8.12 -0.13 -6.95
C GLY A 236 -7.45 1.12 -6.39
N LEU A 237 -6.81 0.98 -5.23
CA LEU A 237 -6.05 2.07 -4.64
C LEU A 237 -4.57 1.69 -4.59
N ARG A 238 -3.76 2.56 -4.00
CA ARG A 238 -2.35 2.29 -3.86
C ARG A 238 -1.89 2.87 -2.53
N ALA A 239 -1.12 2.10 -1.76
CA ALA A 239 -0.58 2.60 -0.49
C ALA A 239 0.89 2.98 -0.66
N THR A 240 1.31 4.05 0.01
CA THR A 240 2.71 4.39 0.03
C THR A 240 3.16 4.75 1.44
N PHE A 241 4.37 4.30 1.79
CA PHE A 241 4.98 4.62 3.08
C PHE A 241 6.08 5.66 2.91
N MET A 242 6.13 6.26 1.72
CA MET A 242 7.12 7.30 1.44
C MET A 242 7.13 8.35 2.55
N PRO A 243 8.33 8.76 3.00
CA PRO A 243 8.44 9.69 4.15
C PRO A 243 7.80 11.05 3.91
N LYS A 244 7.96 11.63 2.73
CA LYS A 244 7.40 12.95 2.49
C LYS A 244 6.89 13.05 1.06
N PRO A 245 5.68 12.50 0.81
CA PRO A 245 5.15 12.46 -0.56
C PRO A 245 4.62 13.81 -1.06
N PHE A 246 4.25 14.71 -0.15
CA PHE A 246 3.72 16.03 -0.53
C PHE A 246 4.38 17.11 0.32
N ALA A 247 4.97 18.11 -0.34
CA ALA A 247 5.85 19.06 0.34
C ALA A 247 5.17 19.90 1.42
N HIS A 248 3.85 20.05 1.31
CA HIS A 248 3.10 20.95 2.19
C HIS A 248 2.24 20.20 3.21
N LEU A 249 2.36 18.88 3.23
CA LEU A 249 1.57 18.06 4.13
C LEU A 249 2.48 17.25 5.05
N THR A 250 1.93 16.85 6.19
CA THR A 250 2.64 15.98 7.12
C THR A 250 3.19 14.74 6.40
N GLY A 251 4.34 14.26 6.85
CA GLY A 251 4.95 13.07 6.27
C GLY A 251 4.53 11.76 6.92
N ASN A 252 5.08 10.65 6.44
CA ASN A 252 4.83 9.33 7.01
C ASN A 252 5.91 8.97 8.02
N GLY A 253 5.59 9.02 9.31
CA GLY A 253 6.50 8.52 10.33
C GLY A 253 6.43 7.00 10.52
N CYS A 254 7.43 6.43 11.18
CA CYS A 254 7.31 5.09 11.75
C CYS A 254 7.83 5.10 13.20
N HIS A 255 7.10 5.77 14.09
CA HIS A 255 7.49 5.82 15.50
C HIS A 255 7.60 4.42 16.09
N THR A 256 8.60 4.23 16.93
CA THR A 256 8.76 2.98 17.64
C THR A 256 8.66 3.24 19.14
N HIS A 257 7.76 2.53 19.79
CA HIS A 257 7.69 2.54 21.24
C HIS A 257 8.56 1.40 21.74
N LEU A 258 9.40 1.70 22.73
CA LEU A 258 10.48 0.80 23.11
C LEU A 258 10.48 0.52 24.60
N SER A 259 10.62 -0.75 24.97
CA SER A 259 10.88 -1.10 26.35
C SER A 259 11.79 -2.33 26.40
N MET A 260 12.48 -2.53 27.52
CA MET A 260 13.41 -3.65 27.68
C MET A 260 12.94 -4.49 28.86
N TRP A 261 12.93 -5.81 28.68
CA TRP A 261 12.32 -6.71 29.65
C TRP A 261 13.27 -7.82 30.07
N THR A 262 13.16 -8.27 31.32
CA THR A 262 13.89 -9.45 31.76
C THR A 262 13.13 -10.68 31.28
N ALA A 263 13.82 -11.82 31.27
CA ALA A 263 13.18 -13.05 30.86
C ALA A 263 12.04 -13.43 31.80
N ALA A 264 12.10 -12.96 33.04
CA ALA A 264 11.06 -13.26 34.02
C ALA A 264 9.80 -12.42 33.80
N GLY A 265 9.87 -11.49 32.86
CA GLY A 265 8.70 -10.69 32.50
C GLY A 265 8.56 -9.35 33.20
N ASP A 266 9.69 -8.78 33.64
CA ASP A 266 9.65 -7.46 34.23
C ASP A 266 10.14 -6.39 33.28
N ASN A 267 9.43 -5.27 33.26
CA ASN A 267 9.79 -4.15 32.40
C ASN A 267 10.83 -3.26 33.08
N LEU A 268 12.07 -3.38 32.63
CA LEU A 268 13.19 -2.62 33.16
C LEU A 268 13.04 -1.11 33.05
N PHE A 269 12.20 -0.63 32.14
CA PHE A 269 12.02 0.81 31.95
C PHE A 269 11.08 1.42 32.99
N GLU A 270 10.19 0.58 33.52
CA GLU A 270 9.28 0.97 34.59
C GLU A 270 10.07 1.33 35.85
N GLY A 271 9.81 2.52 36.41
CA GLY A 271 10.62 3.02 37.50
C GLY A 271 9.98 4.09 38.36
N ASP A 272 10.74 4.60 39.33
CA ASP A 272 10.21 5.55 40.29
C ASP A 272 10.64 6.98 40.00
N GLY A 273 11.42 7.16 38.93
CA GLY A 273 11.92 8.49 38.61
C GLY A 273 10.91 9.32 37.84
N GLU A 274 11.40 10.38 37.20
CA GLU A 274 10.57 11.24 36.35
C GLU A 274 9.73 10.44 35.34
N LEU A 275 8.46 10.83 35.23
CA LEU A 275 7.55 10.32 34.23
C LEU A 275 7.37 8.80 34.29
N GLY A 276 7.66 8.23 35.47
CA GLY A 276 7.54 6.79 35.68
C GLY A 276 8.62 5.96 35.00
N LEU A 277 9.80 6.55 34.83
CA LEU A 277 10.91 5.85 34.16
C LEU A 277 12.05 5.52 35.12
N SER A 278 12.72 4.39 34.85
CA SER A 278 13.87 3.93 35.62
C SER A 278 15.18 4.53 35.12
N PRO A 279 16.26 4.43 35.92
CA PRO A 279 17.55 4.91 35.41
C PRO A 279 17.96 4.13 34.17
N THR A 280 17.59 2.86 34.11
CA THR A 280 17.87 2.06 32.92
C THR A 280 17.20 2.68 31.69
N ALA A 281 15.95 3.12 31.82
CA ALA A 281 15.28 3.78 30.71
C ALA A 281 16.01 5.06 30.28
N TYR A 282 16.47 5.85 31.26
CA TYR A 282 17.17 7.09 30.95
C TYR A 282 18.55 6.87 30.34
N ALA A 283 19.23 5.80 30.75
CA ALA A 283 20.50 5.45 30.13
C ALA A 283 20.28 4.98 28.68
N PHE A 284 19.25 4.16 28.46
CA PHE A 284 18.91 3.72 27.11
C PHE A 284 18.66 4.96 26.25
N LEU A 285 17.82 5.86 26.75
CA LEU A 285 17.58 7.16 26.13
C LEU A 285 18.88 7.93 25.90
N GLY A 286 19.80 7.83 26.85
CA GLY A 286 21.10 8.45 26.70
C GLY A 286 21.81 7.92 25.48
N GLY A 287 21.68 6.63 25.24
CA GLY A 287 22.27 6.00 24.07
C GLY A 287 21.64 6.55 22.80
N LEU A 288 20.32 6.71 22.81
CA LEU A 288 19.58 7.21 21.67
C LEU A 288 20.05 8.62 21.29
N ILE A 289 20.18 9.47 22.30
CA ILE A 289 20.65 10.83 22.12
C ILE A 289 22.10 10.86 21.63
N GLY A 290 22.97 10.12 22.31
CA GLY A 290 24.39 10.10 21.97
C GLY A 290 24.67 9.56 20.56
N HIS A 291 23.88 8.60 20.11
CA HIS A 291 24.09 7.98 18.81
C HIS A 291 23.14 8.45 17.72
N ALA A 292 22.44 9.55 17.99
CA ALA A 292 21.38 10.06 17.13
C ALA A 292 21.80 10.33 15.69
N LYS A 293 22.97 10.93 15.51
CA LYS A 293 23.44 11.29 14.17
C LYS A 293 23.55 10.05 13.26
N GLY A 294 24.22 9.02 13.76
CA GLY A 294 24.36 7.77 13.02
C GLY A 294 23.07 7.00 12.91
N LEU A 295 22.28 7.02 13.98
CA LEU A 295 20.98 6.35 13.98
C LEU A 295 20.09 6.87 12.84
N THR A 296 20.21 8.16 12.56
CA THR A 296 19.37 8.80 11.54
C THR A 296 19.60 8.21 10.15
N ALA A 297 20.83 7.83 9.86
CA ALA A 297 21.09 7.24 8.56
C ALA A 297 20.28 5.97 8.39
N VAL A 298 20.12 5.21 9.47
CA VAL A 298 19.42 3.93 9.35
C VAL A 298 17.90 4.09 9.35
N VAL A 299 17.37 4.93 10.25
CA VAL A 299 15.93 5.01 10.42
C VAL A 299 15.32 6.08 9.54
N ASN A 300 16.18 6.90 8.94
CA ASN A 300 15.76 7.83 7.90
C ASN A 300 16.59 7.57 6.63
N PRO A 301 16.36 6.42 5.98
CA PRO A 301 17.38 5.87 5.06
C PRO A 301 17.34 6.38 3.61
N THR A 302 16.50 7.36 3.29
CA THR A 302 16.36 7.82 1.91
C THR A 302 16.61 9.32 1.78
N VAL A 303 16.91 9.78 0.56
CA VAL A 303 17.07 11.21 0.31
C VAL A 303 15.86 11.99 0.81
N ASN A 304 14.69 11.47 0.44
CA ASN A 304 13.40 12.07 0.76
C ASN A 304 13.09 12.14 2.27
N SER A 305 13.67 11.22 3.05
CA SER A 305 13.54 11.22 4.51
C SER A 305 13.83 12.59 5.09
N TYR A 306 14.79 13.28 4.50
CA TYR A 306 15.28 14.55 5.04
C TYR A 306 14.40 15.72 4.61
N LYS A 307 13.29 15.41 3.95
CA LYS A 307 12.28 16.44 3.72
C LYS A 307 11.16 16.30 4.73
N ARG A 308 11.10 15.16 5.40
CA ARG A 308 10.14 15.01 6.50
C ARG A 308 10.71 15.62 7.76
N LEU A 309 11.97 15.31 8.04
CA LEU A 309 12.70 15.93 9.16
C LEU A 309 12.93 17.42 8.87
N ASN A 310 12.89 18.24 9.89
CA ASN A 310 13.20 19.67 9.73
C ASN A 310 12.45 20.29 8.56
N ALA A 311 11.18 19.92 8.45
CA ALA A 311 10.35 20.41 7.37
C ALA A 311 9.73 21.75 7.75
N PRO A 312 9.36 22.55 6.74
CA PRO A 312 8.60 23.79 7.01
C PRO A 312 7.18 23.46 7.48
N VAL A 313 6.55 24.38 8.20
CA VAL A 313 5.23 24.15 8.77
C VAL A 313 4.21 23.78 7.68
N THR A 314 3.45 22.72 7.95
CA THR A 314 2.48 22.19 7.01
C THR A 314 1.15 22.95 7.07
N VAL A 315 0.23 22.61 6.17
CA VAL A 315 -1.08 23.26 6.15
C VAL A 315 -1.86 23.01 7.45
N SER A 316 -1.61 21.87 8.10
CA SER A 316 -2.33 21.51 9.33
C SER A 316 -1.71 22.15 10.56
N GLY A 317 -0.56 22.79 10.40
CA GLY A 317 0.00 23.62 11.43
C GLY A 317 1.19 23.06 12.20
N ALA A 318 1.58 21.83 11.89
CA ALA A 318 2.76 21.22 12.52
C ALA A 318 3.27 20.06 11.67
N THR A 319 4.59 19.86 11.65
CA THR A 319 5.14 18.70 10.95
C THR A 319 5.00 17.44 11.80
N TRP A 320 5.02 17.61 13.12
CA TRP A 320 4.97 16.48 14.06
C TRP A 320 6.16 15.52 13.92
N SER A 321 7.21 15.95 13.23
CA SER A 321 8.43 15.14 13.13
C SER A 321 9.58 15.85 13.82
N PRO A 322 10.63 15.10 14.17
CA PRO A 322 11.80 15.65 14.87
C PRO A 322 12.62 16.65 14.06
N ASN A 323 13.12 17.68 14.73
CA ASN A 323 14.06 18.62 14.14
C ASN A 323 15.40 18.53 14.84
N THR A 324 15.37 18.09 16.09
CA THR A 324 16.53 18.18 16.96
C THR A 324 16.77 16.89 17.75
N ILE A 325 18.00 16.74 18.23
CA ILE A 325 18.39 15.63 19.09
C ILE A 325 18.03 16.00 20.52
N THR A 326 16.75 15.86 20.86
CA THR A 326 16.23 16.31 22.14
C THR A 326 15.11 15.39 22.53
N TYR A 327 14.69 15.44 23.79
CA TYR A 327 13.51 14.69 24.20
C TYR A 327 12.62 15.54 25.10
N GLY A 328 11.35 15.18 25.17
CA GLY A 328 10.43 15.84 26.08
C GLY A 328 9.64 14.80 26.86
N GLY A 329 8.58 15.24 27.53
CA GLY A 329 7.68 14.32 28.21
C GLY A 329 6.67 13.83 27.19
N ASN A 330 5.38 13.86 27.54
CA ASN A 330 4.35 13.51 26.58
C ASN A 330 4.20 14.70 25.62
N ASN A 331 5.11 14.77 24.65
CA ASN A 331 5.34 15.97 23.87
C ASN A 331 5.83 15.57 22.48
N ARG A 332 5.03 15.83 21.45
CA ARG A 332 5.33 15.30 20.13
C ARG A 332 6.26 16.15 19.25
N THR A 333 6.99 17.09 19.85
CA THR A 333 7.85 17.96 19.05
C THR A 333 9.33 17.57 19.13
N HIS A 334 9.62 16.42 19.74
CA HIS A 334 11.01 16.02 19.94
C HIS A 334 11.41 14.75 19.21
N MET A 335 12.72 14.47 19.21
CA MET A 335 13.20 13.21 18.69
C MET A 335 12.62 12.05 19.51
N VAL A 336 12.66 12.20 20.83
CA VAL A 336 12.07 11.22 21.74
C VAL A 336 10.97 11.85 22.59
N ARG A 337 9.87 11.14 22.71
CA ARG A 337 8.75 11.55 23.54
C ARG A 337 8.58 10.44 24.58
N ILE A 338 8.16 10.81 25.78
CA ILE A 338 7.86 9.82 26.79
C ILE A 338 6.35 9.79 26.92
N PRO A 339 5.72 8.75 26.37
CA PRO A 339 4.27 8.80 26.23
C PRO A 339 3.56 8.40 27.52
N ASP A 340 4.27 7.72 28.41
CA ASP A 340 3.64 7.08 29.54
C ASP A 340 4.75 6.40 30.31
N ALA A 341 4.47 5.97 31.54
CA ALA A 341 5.44 5.23 32.32
C ALA A 341 5.86 3.96 31.59
N GLY A 342 7.14 3.62 31.67
CA GLY A 342 7.63 2.31 31.25
C GLY A 342 8.11 2.14 29.83
N ARG A 343 8.16 3.23 29.06
CA ARG A 343 8.61 3.12 27.69
C ARG A 343 9.00 4.44 27.07
N LEU A 344 9.78 4.37 25.99
CA LEU A 344 10.19 5.55 25.25
C LEU A 344 9.55 5.51 23.88
N GLU A 345 9.19 6.66 23.34
CA GLU A 345 8.80 6.67 21.93
C GLU A 345 9.86 7.36 21.07
N LEU A 346 10.57 6.59 20.25
CA LEU A 346 11.50 7.18 19.28
C LEU A 346 10.69 7.65 18.08
N ARG A 347 10.59 8.97 17.90
CA ARG A 347 9.76 9.52 16.83
C ARG A 347 10.54 9.71 15.53
N LEU A 348 11.84 9.47 15.58
CA LEU A 348 12.73 9.71 14.46
C LEU A 348 12.44 8.91 13.16
N PRO A 349 12.14 7.60 13.27
CA PRO A 349 12.10 6.82 12.02
C PRO A 349 10.94 7.22 11.12
N ASP A 350 11.10 7.01 9.81
CA ASP A 350 10.01 7.25 8.87
C ASP A 350 9.52 5.97 8.20
N GLY A 351 8.55 6.10 7.30
CA GLY A 351 7.95 4.96 6.64
C GLY A 351 8.89 4.15 5.79
N ALA A 352 10.03 4.74 5.41
CA ALA A 352 11.04 3.98 4.66
C ALA A 352 11.93 3.07 5.54
N ALA A 353 11.94 3.26 6.86
CA ALA A 353 12.85 2.51 7.73
C ALA A 353 12.72 1.00 7.55
N ASN A 354 13.86 0.32 7.47
CA ASN A 354 13.89 -1.12 7.35
C ASN A 354 13.35 -1.77 8.62
N PRO A 355 12.36 -2.66 8.49
CA PRO A 355 11.72 -3.28 9.66
C PRO A 355 12.70 -4.03 10.56
N TYR A 356 13.85 -4.44 10.02
CA TYR A 356 14.84 -5.14 10.81
C TYR A 356 16.02 -4.26 11.22
N LEU A 357 16.57 -3.48 10.28
CA LEU A 357 17.72 -2.66 10.63
C LEU A 357 17.36 -1.64 11.69
N MET A 358 16.12 -1.15 11.64
CA MET A 358 15.61 -0.12 12.54
C MET A 358 15.67 -0.54 14.02
N PRO A 359 14.98 -1.64 14.39
CA PRO A 359 15.15 -2.09 15.78
C PRO A 359 16.60 -2.47 16.10
N ALA A 360 17.33 -3.04 15.13
CA ALA A 360 18.73 -3.43 15.39
C ALA A 360 19.61 -2.25 15.74
N ALA A 361 19.47 -1.16 14.99
CA ALA A 361 20.28 0.05 15.22
C ALA A 361 19.85 0.75 16.50
N ILE A 362 18.55 0.80 16.72
CA ILE A 362 18.01 1.39 17.94
C ILE A 362 18.56 0.64 19.16
N LEU A 363 18.48 -0.69 19.13
CA LEU A 363 18.97 -1.52 20.23
C LEU A 363 20.46 -1.36 20.44
N ALA A 364 21.23 -1.28 19.36
CA ALA A 364 22.66 -1.12 19.50
C ALA A 364 22.95 0.15 20.27
N ALA A 365 22.33 1.26 19.85
CA ALA A 365 22.54 2.54 20.53
C ALA A 365 22.04 2.49 21.97
N GLY A 366 20.85 1.94 22.16
CA GLY A 366 20.25 1.84 23.47
C GLY A 366 21.09 1.04 24.47
N LEU A 367 21.63 -0.10 24.02
CA LEU A 367 22.49 -0.94 24.86
C LEU A 367 23.75 -0.21 25.24
N ASP A 368 24.32 0.53 24.29
CA ASP A 368 25.50 1.31 24.60
C ASP A 368 25.19 2.37 25.68
N GLY A 369 24.04 3.02 25.56
CA GLY A 369 23.58 3.95 26.57
C GLY A 369 23.53 3.26 27.93
N ILE A 370 22.96 2.07 27.98
CA ILE A 370 22.86 1.34 29.23
C ILE A 370 24.24 0.96 29.82
N GLU A 371 25.15 0.50 28.96
CA GLU A 371 26.47 0.07 29.42
C GLU A 371 27.34 1.24 29.85
N THR A 372 27.11 2.42 29.28
CA THR A 372 27.90 3.58 29.65
C THR A 372 27.16 4.55 30.57
N GLN A 373 25.94 4.20 30.95
CA GLN A 373 25.13 5.10 31.78
C GLN A 373 25.13 6.48 31.14
N ALA A 374 24.79 6.52 29.85
CA ALA A 374 24.78 7.75 29.09
C ALA A 374 23.73 8.70 29.63
N ASP A 375 24.10 9.99 29.70
CA ASP A 375 23.22 11.06 30.13
C ASP A 375 22.44 11.62 28.93
N PRO A 376 21.11 11.52 28.95
CA PRO A 376 20.31 12.03 27.83
C PRO A 376 20.21 13.56 27.84
N GLY A 377 20.71 14.20 28.89
CA GLY A 377 20.63 15.65 28.98
C GLY A 377 19.30 16.06 29.60
N GLN A 378 18.95 17.34 29.49
CA GLN A 378 17.75 17.87 30.13
C GLN A 378 16.49 17.71 29.26
N ARG A 379 15.40 17.27 29.88
CA ARG A 379 14.12 17.16 29.20
C ARG A 379 13.59 18.56 28.91
N LEU A 380 13.09 18.78 27.69
CA LEU A 380 12.57 20.09 27.31
C LEU A 380 11.05 20.09 27.22
N ASP A 381 10.39 20.77 28.16
CA ASP A 381 8.94 20.82 28.17
C ASP A 381 8.45 22.03 27.39
N ILE A 382 8.93 22.15 26.16
CA ILE A 382 8.53 23.22 25.27
C ILE A 382 8.17 22.65 23.90
N ASP A 383 7.54 23.47 23.09
CA ASP A 383 7.21 23.15 21.71
C ASP A 383 8.42 23.56 20.89
N MET A 384 9.15 22.57 20.36
CA MET A 384 10.41 22.86 19.68
C MET A 384 10.21 23.62 18.38
N TYR A 385 9.03 23.53 17.80
CA TYR A 385 8.76 24.20 16.55
C TYR A 385 8.70 25.70 16.77
N VAL A 386 8.25 26.08 17.95
CA VAL A 386 8.03 27.48 18.30
C VAL A 386 9.19 28.05 19.07
N GLU A 387 9.71 27.26 20.01
CA GLU A 387 10.69 27.70 20.99
C GLU A 387 12.04 27.03 20.81
N GLY A 388 12.34 26.58 19.59
CA GLY A 388 13.60 25.91 19.34
C GLY A 388 14.77 26.85 19.46
N HIS A 389 14.53 28.12 19.15
CA HIS A 389 15.53 29.19 19.26
C HIS A 389 15.77 29.52 20.72
N SER A 390 14.71 29.39 21.52
CA SER A 390 14.77 29.61 22.96
C SER A 390 15.98 28.91 23.58
N VAL A 391 16.17 27.64 23.23
CA VAL A 391 17.23 26.85 23.83
C VAL A 391 18.29 26.42 22.80
N GLU A 392 19.45 25.98 23.31
CA GLU A 392 20.55 25.54 22.48
C GLU A 392 20.46 24.02 22.29
N ALA A 393 20.17 23.59 21.08
CA ALA A 393 19.95 22.16 20.84
C ALA A 393 20.58 21.72 19.53
N GLU A 394 21.18 20.53 19.53
CA GLU A 394 21.81 20.02 18.33
C GLU A 394 20.77 19.60 17.26
N GLN A 395 20.93 20.13 16.05
CA GLN A 395 20.10 19.74 14.93
C GLN A 395 20.45 18.33 14.46
N LEU A 396 19.45 17.60 13.97
CA LEU A 396 19.70 16.31 13.31
C LEU A 396 20.48 16.52 12.01
N PRO A 397 21.10 15.45 11.48
CA PRO A 397 21.73 15.57 10.15
C PRO A 397 20.70 16.11 9.16
N LEU A 398 21.13 17.01 8.28
CA LEU A 398 20.22 17.68 7.36
C LEU A 398 19.99 16.95 6.03
N ASN A 399 20.84 15.97 5.71
CA ASN A 399 20.67 15.24 4.46
C ASN A 399 21.23 13.83 4.61
N LEU A 400 20.87 12.96 3.68
CA LEU A 400 21.30 11.56 3.72
C LEU A 400 22.81 11.39 3.77
N LEU A 401 23.53 12.21 3.00
CA LEU A 401 24.98 12.06 2.91
C LEU A 401 25.65 12.30 4.26
N ASP A 402 25.21 13.35 4.97
CA ASP A 402 25.78 13.65 6.28
C ASP A 402 25.38 12.61 7.32
N ALA A 403 24.18 12.05 7.19
CA ALA A 403 23.74 11.02 8.12
C ALA A 403 24.57 9.74 7.93
N VAL A 404 24.82 9.40 6.66
CA VAL A 404 25.60 8.22 6.35
C VAL A 404 27.04 8.40 6.84
N ARG A 405 27.62 9.56 6.61
CA ARG A 405 28.96 9.84 7.16
C ARG A 405 28.95 9.63 8.68
N ALA A 406 27.90 10.10 9.35
CA ALA A 406 27.80 9.95 10.80
C ALA A 406 27.72 8.47 11.18
N LEU A 407 27.00 7.68 10.37
CA LEU A 407 26.89 6.24 10.58
C LEU A 407 28.26 5.56 10.57
N GLU A 408 29.05 5.90 9.56
CA GLU A 408 30.36 5.27 9.38
C GLU A 408 31.32 5.62 10.52
N ALA A 409 31.21 6.84 11.03
CA ALA A 409 32.08 7.30 12.10
C ALA A 409 31.59 6.84 13.48
N ASP A 410 30.47 6.15 13.53
CA ASP A 410 29.92 5.72 14.82
C ASP A 410 30.24 4.25 15.04
N GLU A 411 31.30 3.99 15.81
CA GLU A 411 31.79 2.64 16.06
C GLU A 411 30.74 1.70 16.64
N VAL A 412 29.95 2.20 17.58
CA VAL A 412 28.98 1.34 18.25
C VAL A 412 27.93 0.84 17.26
N LEU A 413 27.48 1.73 16.40
CA LEU A 413 26.45 1.43 15.42
C LEU A 413 27.01 0.59 14.29
N ALA A 414 28.12 1.01 13.71
CA ALA A 414 28.76 0.22 12.67
C ALA A 414 29.08 -1.18 13.21
N GLY A 415 29.65 -1.25 14.41
CA GLY A 415 30.02 -2.51 15.01
C GLY A 415 28.83 -3.40 15.33
N GLY A 416 27.77 -2.80 15.87
CA GLY A 416 26.58 -3.56 16.26
C GLY A 416 25.78 -4.11 15.09
N LEU A 417 25.76 -3.38 13.98
CA LEU A 417 25.04 -3.83 12.79
C LEU A 417 25.90 -4.76 11.93
N GLY A 418 27.19 -4.81 12.24
CA GLY A 418 28.12 -5.63 11.50
C GLY A 418 28.29 -5.16 10.06
N ALA A 419 28.57 -6.10 9.16
CA ALA A 419 28.85 -5.77 7.77
C ALA A 419 27.65 -5.14 7.07
N ALA A 420 26.48 -5.27 7.66
CA ALA A 420 25.29 -4.63 7.09
C ALA A 420 25.42 -3.11 7.09
N ALA A 421 26.20 -2.55 8.00
CA ALA A 421 26.35 -1.10 8.08
C ALA A 421 27.13 -0.56 6.87
N ALA A 422 28.27 -1.17 6.58
CA ALA A 422 29.08 -0.78 5.42
C ALA A 422 28.34 -1.00 4.11
N ALA A 423 27.66 -2.13 3.99
CA ALA A 423 26.88 -2.44 2.80
C ALA A 423 25.82 -1.36 2.60
N PHE A 424 25.10 -1.06 3.67
CA PHE A 424 24.05 -0.04 3.66
C PHE A 424 24.62 1.31 3.23
N ALA A 425 25.74 1.71 3.84
CA ALA A 425 26.36 3.00 3.55
C ALA A 425 26.73 3.13 2.08
N LYS A 426 27.25 2.05 1.50
CA LYS A 426 27.67 2.08 0.10
C LYS A 426 26.48 2.29 -0.82
N PHE A 427 25.38 1.60 -0.55
CA PHE A 427 24.19 1.76 -1.38
C PHE A 427 23.66 3.18 -1.29
N LYS A 428 23.61 3.74 -0.08
CA LYS A 428 23.03 5.07 0.11
C LYS A 428 23.88 6.17 -0.50
N ARG A 429 25.20 5.96 -0.53
CA ARG A 429 26.08 6.89 -1.21
C ARG A 429 25.87 6.84 -2.72
N ALA A 430 25.64 5.64 -3.26
CA ALA A 430 25.31 5.51 -4.67
C ALA A 430 23.98 6.21 -4.98
N GLU A 431 23.00 6.09 -4.08
CA GLU A 431 21.73 6.80 -4.25
C GLU A 431 21.91 8.31 -4.22
N TRP A 432 22.72 8.78 -3.28
CA TRP A 432 23.02 10.20 -3.19
C TRP A 432 23.66 10.72 -4.47
N ALA A 433 24.70 10.04 -4.95
CA ALA A 433 25.40 10.46 -6.16
C ALA A 433 24.45 10.57 -7.35
N ASP A 434 23.50 9.63 -7.43
CA ASP A 434 22.50 9.64 -8.48
C ASP A 434 21.54 10.83 -8.30
N TYR A 435 21.05 10.99 -7.08
CA TYR A 435 20.16 12.09 -6.77
C TYR A 435 20.74 13.46 -7.05
N LYS A 436 21.97 13.70 -6.59
CA LYS A 436 22.56 15.03 -6.64
C LYS A 436 22.81 15.54 -8.05
N SER A 437 22.61 14.70 -9.04
CA SER A 437 22.84 15.14 -10.42
C SER A 437 21.53 15.38 -11.19
N GLN A 438 20.39 15.14 -10.52
CA GLN A 438 19.09 15.38 -11.15
C GLN A 438 18.72 16.85 -11.10
N LEU A 439 18.46 17.44 -12.27
CA LEU A 439 18.02 18.83 -12.35
C LEU A 439 16.60 18.97 -11.85
N THR A 440 16.32 20.01 -11.07
CA THR A 440 14.97 20.21 -10.53
C THR A 440 14.26 21.41 -11.12
N GLU A 441 12.94 21.43 -11.01
CA GLU A 441 12.13 22.47 -11.61
C GLU A 441 12.32 23.81 -10.90
N TRP A 442 12.50 23.74 -9.58
CA TRP A 442 12.82 24.93 -8.81
C TRP A 442 14.09 25.62 -9.36
N GLU A 443 15.13 24.82 -9.61
CA GLU A 443 16.38 25.34 -10.17
C GLU A 443 16.16 26.01 -11.53
N ARG A 444 15.37 25.38 -12.40
CA ARG A 444 15.14 25.93 -13.73
C ARG A 444 14.42 27.26 -13.62
N ARG A 445 13.39 27.27 -12.78
CA ARG A 445 12.56 28.44 -12.58
C ARG A 445 13.37 29.60 -12.03
N THR A 446 14.24 29.34 -11.07
CA THR A 446 14.91 30.44 -10.37
C THR A 446 16.27 30.79 -10.94
N THR A 447 16.78 30.00 -11.90
CA THR A 447 18.13 30.22 -12.39
C THR A 447 18.24 30.53 -13.89
N LEU A 448 17.21 30.23 -14.68
CA LEU A 448 17.32 30.44 -16.12
C LEU A 448 17.66 31.89 -16.45
N ASP A 449 17.24 32.81 -15.59
CA ASP A 449 17.44 34.24 -15.84
C ASP A 449 18.63 34.83 -15.11
N CYS A 450 19.47 33.99 -14.53
CA CYS A 450 20.66 34.51 -13.86
C CYS A 450 21.54 35.22 -14.88
N THR B 22 0.47 -48.31 -26.78
CA THR B 22 -0.53 -47.65 -25.94
C THR B 22 -1.79 -47.34 -26.75
N ASP B 23 -2.96 -47.57 -26.16
CA ASP B 23 -4.19 -47.47 -26.92
C ASP B 23 -4.86 -46.08 -26.86
N LEU B 24 -4.45 -45.19 -27.76
CA LEU B 24 -4.91 -43.80 -27.75
C LEU B 24 -6.43 -43.65 -27.92
N ALA B 25 -7.04 -44.54 -28.70
CA ALA B 25 -8.48 -44.49 -28.89
C ALA B 25 -9.23 -44.75 -27.58
N SER B 26 -8.75 -45.70 -26.79
CA SER B 26 -9.39 -46.05 -25.53
C SER B 26 -9.15 -44.98 -24.48
N ILE B 27 -7.93 -44.45 -24.46
CA ILE B 27 -7.62 -43.36 -23.55
C ILE B 27 -8.51 -42.16 -23.83
N ALA B 28 -8.83 -41.93 -25.10
CA ALA B 28 -9.71 -40.83 -25.48
C ALA B 28 -11.10 -41.03 -24.89
N ARG B 29 -11.58 -42.27 -24.93
CA ARG B 29 -12.90 -42.57 -24.42
C ARG B 29 -12.93 -42.43 -22.90
N GLU B 30 -11.91 -42.95 -22.24
CA GLU B 30 -11.82 -42.89 -20.78
C GLU B 30 -11.70 -41.46 -20.24
N LYS B 31 -10.80 -40.69 -20.84
CA LYS B 31 -10.45 -39.38 -20.28
C LYS B 31 -11.24 -38.23 -20.89
N GLY B 32 -12.11 -38.54 -21.85
CA GLY B 32 -12.97 -37.55 -22.46
C GLY B 32 -12.23 -36.62 -23.42
N ILE B 33 -11.23 -37.15 -24.08
CA ILE B 33 -10.47 -36.39 -25.08
C ILE B 33 -11.21 -36.41 -26.43
N GLU B 34 -11.54 -35.22 -26.94
CA GLU B 34 -12.28 -35.11 -28.20
C GLU B 34 -11.36 -34.88 -29.41
N PHE B 35 -10.17 -34.34 -29.17
CA PHE B 35 -9.28 -33.99 -30.28
C PHE B 35 -7.84 -34.22 -29.85
N PHE B 36 -6.99 -34.62 -30.78
CA PHE B 36 -5.58 -34.70 -30.47
C PHE B 36 -4.83 -33.67 -31.30
N LEU B 37 -3.88 -32.99 -30.65
CA LEU B 37 -2.90 -32.21 -31.37
C LEU B 37 -1.69 -33.09 -31.60
N ILE B 38 -1.50 -33.49 -32.85
CA ILE B 38 -0.34 -34.25 -33.24
C ILE B 38 0.73 -33.26 -33.68
N SER B 39 1.76 -33.12 -32.86
CA SER B 39 2.67 -31.99 -32.92
C SER B 39 4.13 -32.38 -33.15
N PHE B 40 4.84 -31.59 -33.97
CA PHE B 40 6.30 -31.71 -34.06
C PHE B 40 6.95 -30.33 -34.05
N THR B 41 8.24 -30.31 -33.72
CA THR B 41 9.00 -29.08 -33.67
C THR B 41 9.90 -28.99 -34.90
N ASP B 42 9.85 -27.88 -35.61
CA ASP B 42 10.71 -27.75 -36.78
C ASP B 42 12.07 -27.14 -36.39
N LEU B 43 12.96 -26.97 -37.38
CA LEU B 43 14.31 -26.51 -37.12
C LEU B 43 14.37 -25.16 -36.41
N LEU B 44 13.36 -24.31 -36.57
CA LEU B 44 13.40 -22.99 -35.96
C LEU B 44 12.66 -22.99 -34.64
N GLY B 45 12.31 -24.17 -34.15
CA GLY B 45 11.60 -24.29 -32.89
C GLY B 45 10.11 -24.05 -32.98
N VAL B 46 9.59 -23.82 -34.19
CA VAL B 46 8.16 -23.57 -34.35
C VAL B 46 7.36 -24.86 -34.16
N GLN B 47 6.30 -24.78 -33.35
CA GLN B 47 5.42 -25.92 -33.11
C GLN B 47 4.42 -26.08 -34.26
N ARG B 48 4.46 -27.22 -34.92
CA ARG B 48 3.58 -27.50 -36.03
C ARG B 48 2.62 -28.60 -35.60
N ALA B 49 1.34 -28.48 -35.93
CA ALA B 49 0.41 -29.50 -35.49
C ALA B 49 -0.84 -29.64 -36.36
N LYS B 50 -1.45 -30.81 -36.27
CA LYS B 50 -2.77 -31.07 -36.83
C LYS B 50 -3.67 -31.39 -35.67
N LEU B 51 -4.89 -30.90 -35.74
CA LEU B 51 -5.90 -31.22 -34.75
C LEU B 51 -6.77 -32.31 -35.35
N VAL B 52 -6.76 -33.48 -34.72
CA VAL B 52 -7.51 -34.59 -35.28
C VAL B 52 -8.57 -35.07 -34.31
N PRO B 53 -9.79 -35.28 -34.81
CA PRO B 53 -10.87 -35.72 -33.90
C PRO B 53 -10.54 -37.12 -33.45
N ALA B 54 -11.09 -37.50 -32.29
CA ALA B 54 -10.74 -38.76 -31.65
C ALA B 54 -11.02 -39.94 -32.56
N ARG B 55 -12.05 -39.83 -33.41
CA ARG B 55 -12.42 -40.91 -34.30
C ARG B 55 -11.27 -41.28 -35.26
N ALA B 56 -10.28 -40.42 -35.35
CA ALA B 56 -9.22 -40.66 -36.32
C ALA B 56 -7.88 -41.00 -35.69
N ILE B 57 -7.80 -41.00 -34.36
CA ILE B 57 -6.49 -41.13 -33.73
C ILE B 57 -5.81 -42.50 -33.94
N ALA B 58 -6.58 -43.59 -34.04
CA ALA B 58 -6.01 -44.92 -34.12
C ALA B 58 -5.22 -45.07 -35.40
N ASP B 59 -5.80 -44.61 -36.49
CA ASP B 59 -5.12 -44.64 -37.78
C ASP B 59 -3.86 -43.77 -37.75
N MET B 60 -3.99 -42.56 -37.22
CA MET B 60 -2.91 -41.59 -37.22
C MET B 60 -1.75 -42.06 -36.37
N ALA B 61 -2.08 -42.74 -35.26
CA ALA B 61 -1.03 -43.20 -34.35
C ALA B 61 -0.17 -44.26 -35.03
N VAL B 62 -0.78 -45.04 -35.93
CA VAL B 62 -0.06 -46.08 -36.64
C VAL B 62 0.66 -45.49 -37.85
N ASN B 63 -0.11 -44.85 -38.73
CA ASN B 63 0.42 -44.42 -40.01
C ASN B 63 1.05 -43.02 -40.00
N GLY B 64 0.73 -42.22 -38.99
CA GLY B 64 1.23 -40.87 -38.89
C GLY B 64 0.25 -39.88 -39.51
N ALA B 65 0.34 -38.62 -39.10
CA ALA B 65 -0.39 -37.54 -39.75
C ALA B 65 0.50 -36.95 -40.87
N GLY B 66 -0.07 -36.69 -42.05
CA GLY B 66 0.71 -36.22 -43.19
C GLY B 66 0.85 -34.71 -43.23
N PHE B 67 2.00 -34.21 -43.68
CA PHE B 67 2.24 -32.78 -43.83
C PHE B 67 3.09 -32.55 -45.06
N ALA B 68 3.01 -31.35 -45.64
CA ALA B 68 3.94 -30.98 -46.70
C ALA B 68 5.16 -30.31 -46.05
N GLY B 69 6.26 -31.05 -45.97
CA GLY B 69 7.39 -30.64 -45.16
C GLY B 69 8.04 -29.32 -45.54
N PHE B 70 7.94 -28.92 -46.80
CA PHE B 70 8.56 -27.66 -47.22
C PHE B 70 7.87 -26.46 -46.55
N ALA B 71 6.59 -26.63 -46.22
CA ALA B 71 5.80 -25.56 -45.61
C ALA B 71 6.26 -25.25 -44.18
N ALA B 72 7.08 -26.14 -43.61
CA ALA B 72 7.68 -25.92 -42.29
C ALA B 72 9.19 -25.74 -42.44
N TRP B 73 9.89 -25.43 -41.35
CA TRP B 73 11.33 -25.23 -41.40
C TRP B 73 12.08 -26.56 -41.29
N LEU B 74 12.10 -27.29 -42.40
CA LEU B 74 12.66 -28.63 -42.45
C LEU B 74 13.63 -28.77 -43.61
N ASP B 75 13.71 -27.73 -44.42
CA ASP B 75 14.60 -27.69 -45.59
C ASP B 75 14.27 -28.76 -46.61
N MET B 76 13.02 -28.81 -47.06
CA MET B 76 12.64 -29.78 -48.08
C MET B 76 12.29 -29.09 -49.39
N SER B 77 11.54 -29.80 -50.23
CA SER B 77 11.11 -29.29 -51.52
C SER B 77 9.60 -29.47 -51.62
N PRO B 78 8.92 -28.50 -52.27
CA PRO B 78 7.48 -28.62 -52.53
C PRO B 78 7.15 -29.90 -53.30
N ALA B 79 8.12 -30.39 -54.07
CA ALA B 79 7.92 -31.59 -54.89
C ALA B 79 8.12 -32.89 -54.12
N ASP B 80 8.60 -32.79 -52.88
CA ASP B 80 8.79 -33.96 -52.02
C ASP B 80 7.46 -34.59 -51.62
N ALA B 81 7.49 -35.89 -51.37
CA ALA B 81 6.36 -36.62 -50.82
C ALA B 81 6.04 -36.13 -49.40
N ASP B 82 4.80 -36.33 -48.94
CA ASP B 82 4.42 -35.96 -47.58
C ASP B 82 5.42 -36.48 -46.56
N ILE B 83 5.70 -35.71 -45.52
CA ILE B 83 6.27 -36.29 -44.32
C ILE B 83 5.10 -36.84 -43.50
N LEU B 84 5.39 -37.80 -42.62
CA LEU B 84 4.38 -38.37 -41.75
C LEU B 84 4.84 -38.20 -40.33
N ALA B 85 4.07 -37.48 -39.54
CA ALA B 85 4.42 -37.26 -38.15
C ALA B 85 3.79 -38.35 -37.31
N ILE B 86 4.62 -39.28 -36.83
CA ILE B 86 4.15 -40.38 -36.00
C ILE B 86 4.20 -40.00 -34.53
N PRO B 87 3.03 -39.95 -33.89
CA PRO B 87 3.03 -39.43 -32.52
C PRO B 87 3.61 -40.45 -31.54
N ASP B 88 4.21 -39.95 -30.47
CA ASP B 88 4.71 -40.79 -29.40
C ASP B 88 3.62 -40.87 -28.33
N PRO B 89 2.95 -42.02 -28.23
CA PRO B 89 1.83 -42.11 -27.29
C PRO B 89 2.27 -41.91 -25.84
N GLU B 90 3.56 -42.08 -25.56
CA GLU B 90 4.06 -41.85 -24.20
C GLU B 90 4.08 -40.36 -23.86
N SER B 91 4.02 -39.51 -24.89
CA SER B 91 4.16 -38.09 -24.65
C SER B 91 2.81 -37.42 -24.34
N LEU B 92 1.74 -38.19 -24.36
CA LEU B 92 0.39 -37.62 -24.23
C LEU B 92 0.24 -36.67 -23.06
N ILE B 93 -0.28 -35.47 -23.34
CA ILE B 93 -0.68 -34.53 -22.31
C ILE B 93 -2.07 -33.99 -22.62
N GLN B 94 -3.04 -34.28 -21.77
CA GLN B 94 -4.32 -33.57 -21.82
C GLN B 94 -4.09 -32.13 -21.42
N LEU B 95 -4.32 -31.20 -22.34
CA LEU B 95 -4.15 -29.78 -22.06
C LEU B 95 -4.85 -29.41 -20.76
N PRO B 96 -4.06 -29.04 -19.74
CA PRO B 96 -4.71 -28.85 -18.43
C PRO B 96 -5.71 -27.70 -18.44
N TRP B 97 -5.56 -26.75 -19.36
CA TRP B 97 -6.50 -25.63 -19.45
C TRP B 97 -7.66 -25.96 -20.39
N LYS B 98 -7.59 -27.13 -21.02
CA LYS B 98 -8.60 -27.55 -21.99
C LYS B 98 -8.52 -29.06 -22.16
N PRO B 99 -8.98 -29.81 -21.16
CA PRO B 99 -8.75 -31.26 -21.05
C PRO B 99 -9.39 -32.10 -22.17
N SER B 100 -10.29 -31.52 -22.94
CA SER B 100 -10.86 -32.24 -24.08
C SER B 100 -9.86 -32.37 -25.25
N VAL B 101 -8.67 -31.79 -25.10
CA VAL B 101 -7.65 -31.83 -26.15
C VAL B 101 -6.38 -32.51 -25.66
N GLY B 102 -5.87 -33.48 -26.41
CA GLY B 102 -4.65 -34.16 -26.04
C GLY B 102 -3.49 -33.85 -26.96
N TRP B 103 -2.38 -33.40 -26.36
CA TRP B 103 -1.18 -33.04 -27.10
C TRP B 103 -0.21 -34.22 -27.23
N LEU B 104 0.28 -34.44 -28.44
CA LEU B 104 1.23 -35.53 -28.71
C LEU B 104 2.45 -35.02 -29.43
N ALA B 105 3.63 -35.30 -28.87
CA ALA B 105 4.89 -34.97 -29.53
C ALA B 105 5.15 -36.05 -30.56
N ALA B 106 5.70 -35.70 -31.72
CA ALA B 106 5.86 -36.67 -32.81
C ALA B 106 7.22 -36.65 -33.50
N ASP B 107 7.60 -37.80 -34.06
CA ASP B 107 8.79 -37.93 -34.91
C ASP B 107 8.34 -37.78 -36.36
N VAL B 108 9.00 -36.89 -37.10
CA VAL B 108 8.75 -36.76 -38.52
C VAL B 108 9.46 -37.89 -39.28
N HIS B 109 8.72 -38.59 -40.14
CA HIS B 109 9.29 -39.61 -41.02
C HIS B 109 9.18 -39.15 -42.47
N PHE B 110 10.10 -39.60 -43.31
CA PHE B 110 10.09 -39.27 -44.73
C PHE B 110 10.57 -40.46 -45.55
N GLU B 111 9.76 -40.88 -46.51
CA GLU B 111 10.09 -42.01 -47.35
C GLU B 111 10.41 -43.26 -46.53
N GLY B 112 9.66 -43.48 -45.46
CA GLY B 112 9.76 -44.71 -44.68
C GLY B 112 10.69 -44.71 -43.47
N ARG B 113 11.51 -43.68 -43.34
CA ARG B 113 12.47 -43.59 -42.24
C ARG B 113 12.31 -42.32 -41.45
N PRO B 114 12.68 -42.34 -40.16
CA PRO B 114 12.77 -41.09 -39.40
C PRO B 114 13.58 -40.06 -40.19
N PHE B 115 13.11 -38.82 -40.21
CA PHE B 115 13.71 -37.77 -41.03
C PHE B 115 14.82 -37.06 -40.24
N PRO B 116 16.08 -37.25 -40.65
CA PRO B 116 17.21 -36.76 -39.83
C PRO B 116 17.27 -35.25 -39.63
N LYS B 117 16.56 -34.47 -40.44
CA LYS B 117 16.53 -33.02 -40.25
C LYS B 117 15.53 -32.60 -39.18
N ALA B 118 14.68 -33.52 -38.73
CA ALA B 118 13.70 -33.18 -37.69
C ALA B 118 14.38 -33.19 -36.33
N PRO B 119 14.28 -32.09 -35.58
CA PRO B 119 15.01 -31.95 -34.32
C PRO B 119 14.82 -33.12 -33.35
N ARG B 120 13.61 -33.59 -33.16
CA ARG B 120 13.39 -34.68 -32.21
C ARG B 120 14.06 -35.98 -32.67
N VAL B 121 14.03 -36.23 -33.98
CA VAL B 121 14.72 -37.38 -34.54
C VAL B 121 16.22 -37.23 -34.36
N ALA B 122 16.74 -36.04 -34.64
CA ALA B 122 18.17 -35.78 -34.48
C ALA B 122 18.61 -36.01 -33.03
N LEU B 123 17.80 -35.55 -32.08
CA LEU B 123 18.08 -35.79 -30.67
C LEU B 123 18.10 -37.27 -30.31
N LYS B 124 17.11 -38.04 -30.80
CA LYS B 124 17.05 -39.46 -30.48
C LYS B 124 18.27 -40.18 -31.01
N SER B 125 18.73 -39.79 -32.20
CA SER B 125 19.96 -40.32 -32.77
C SER B 125 21.17 -40.18 -31.85
N VAL B 126 21.35 -39.01 -31.23
CA VAL B 126 22.49 -38.80 -30.34
C VAL B 126 22.30 -39.55 -29.04
N LEU B 127 21.07 -39.54 -28.52
CA LEU B 127 20.79 -40.27 -27.30
C LEU B 127 21.16 -41.75 -27.52
N ALA B 128 20.81 -42.28 -28.69
CA ALA B 128 21.07 -43.68 -29.03
C ALA B 128 22.57 -44.02 -29.03
N ARG B 129 23.40 -43.15 -29.61
CA ARG B 129 24.84 -43.35 -29.54
C ARG B 129 25.29 -43.40 -28.08
N ALA B 130 24.98 -42.36 -27.33
CA ALA B 130 25.32 -42.31 -25.91
C ALA B 130 24.81 -43.54 -25.16
N ALA B 131 23.59 -43.96 -25.44
CA ALA B 131 22.98 -45.08 -24.72
C ALA B 131 23.69 -46.40 -25.01
N GLY B 132 24.26 -46.52 -26.21
CA GLY B 132 24.99 -47.71 -26.58
C GLY B 132 26.24 -47.84 -25.74
N LYS B 133 26.63 -46.76 -25.09
CA LYS B 133 27.83 -46.75 -24.25
C LYS B 133 27.47 -46.71 -22.77
N ASP B 134 26.23 -47.10 -22.47
CA ASP B 134 25.69 -46.99 -21.12
C ASP B 134 25.86 -45.60 -20.50
N MET B 135 25.64 -44.56 -21.30
CA MET B 135 25.59 -43.19 -20.80
C MET B 135 24.30 -42.51 -21.25
N HIS B 136 23.50 -42.10 -20.27
CA HIS B 136 22.18 -41.56 -20.49
C HIS B 136 22.14 -40.12 -20.00
N LEU B 137 21.84 -39.19 -20.90
CA LEU B 137 21.80 -37.77 -20.54
C LEU B 137 20.50 -37.46 -19.82
N LYS B 138 20.63 -36.87 -18.64
CA LYS B 138 19.50 -36.28 -17.94
C LYS B 138 19.75 -34.79 -17.83
N HIS B 139 18.72 -33.98 -18.11
CA HIS B 139 18.88 -32.54 -17.99
C HIS B 139 17.62 -31.84 -17.52
N GLY B 140 17.82 -30.64 -17.02
CA GLY B 140 16.72 -29.76 -16.63
C GLY B 140 16.95 -28.41 -17.26
N VAL B 141 15.84 -27.71 -17.53
CA VAL B 141 15.90 -26.44 -18.25
C VAL B 141 15.30 -25.33 -17.42
N GLU B 142 15.91 -24.15 -17.52
CA GLU B 142 15.39 -22.97 -16.86
C GLU B 142 14.88 -22.00 -17.91
N CYS B 143 13.59 -22.11 -18.20
CA CYS B 143 12.97 -21.39 -19.30
C CYS B 143 12.47 -20.04 -18.84
N GLU B 144 13.38 -19.10 -18.62
CA GLU B 144 13.01 -17.75 -18.25
C GLU B 144 12.13 -17.10 -19.34
N PHE B 145 11.14 -16.33 -18.93
CA PHE B 145 10.27 -15.63 -19.88
C PHE B 145 9.84 -14.27 -19.34
N PHE B 146 9.44 -13.36 -20.24
CA PHE B 146 8.86 -12.08 -19.83
C PHE B 146 7.36 -12.18 -20.04
N LEU B 147 6.58 -11.49 -19.23
CA LEU B 147 5.17 -11.31 -19.52
C LEU B 147 4.97 -9.90 -20.05
N ILE B 148 4.42 -9.79 -21.26
CA ILE B 148 4.31 -8.49 -21.92
C ILE B 148 2.88 -8.17 -22.35
N GLN B 149 2.69 -6.92 -22.80
CA GLN B 149 1.43 -6.49 -23.40
C GLN B 149 1.24 -7.29 -24.67
N PRO B 150 -0.01 -7.61 -25.01
CA PRO B 150 -0.28 -8.36 -26.25
C PRO B 150 0.36 -7.73 -27.49
N ASP B 151 0.46 -6.41 -27.56
CA ASP B 151 1.05 -5.77 -28.74
C ASP B 151 2.56 -5.80 -28.71
N GLY B 152 3.12 -6.22 -27.56
CA GLY B 152 4.55 -6.39 -27.42
C GLY B 152 5.32 -5.12 -27.15
N SER B 153 4.61 -4.02 -26.96
CA SER B 153 5.26 -2.71 -26.79
C SER B 153 5.94 -2.54 -25.42
N ALA B 154 5.42 -3.21 -24.39
CA ALA B 154 5.96 -3.06 -23.05
C ALA B 154 5.68 -4.30 -22.21
N ILE B 155 6.20 -4.34 -20.99
CA ILE B 155 5.93 -5.47 -20.11
C ILE B 155 4.50 -5.38 -19.63
N SER B 156 3.96 -6.46 -19.09
CA SER B 156 2.54 -6.48 -18.71
C SER B 156 2.23 -5.63 -17.47
N ASP B 157 3.26 -5.28 -16.71
CA ASP B 157 3.05 -4.66 -15.40
C ASP B 157 3.76 -3.31 -15.28
N PRO B 158 3.01 -2.22 -15.44
CA PRO B 158 3.61 -0.88 -15.44
C PRO B 158 4.10 -0.48 -14.04
N ALA B 159 3.70 -1.21 -13.00
CA ALA B 159 4.23 -0.94 -11.66
C ALA B 159 5.56 -1.67 -11.37
N ASP B 160 6.03 -2.49 -12.32
CA ASP B 160 7.29 -3.21 -12.16
C ASP B 160 8.42 -2.37 -12.77
N THR B 161 9.06 -1.54 -11.94
CA THR B 161 9.98 -0.51 -12.43
C THR B 161 11.32 -0.39 -11.71
N GLN B 162 11.46 -1.00 -10.53
CA GLN B 162 12.67 -0.77 -9.74
C GLN B 162 13.92 -1.31 -10.43
N ALA B 163 15.08 -0.76 -10.06
CA ALA B 163 16.34 -1.10 -10.71
C ALA B 163 16.81 -2.55 -10.47
N LYS B 164 16.65 -3.04 -9.24
CA LYS B 164 16.92 -4.43 -8.91
C LYS B 164 15.61 -5.11 -8.55
N PRO B 165 14.90 -5.68 -9.55
CA PRO B 165 13.57 -6.24 -9.27
C PRO B 165 13.62 -7.75 -9.03
N CYS B 166 14.80 -8.36 -9.05
CA CYS B 166 14.86 -9.81 -8.97
C CYS B 166 14.21 -10.32 -7.71
N TYR B 167 13.40 -11.36 -7.84
CA TYR B 167 12.71 -11.98 -6.71
C TYR B 167 11.75 -11.03 -6.00
N ASP B 168 11.37 -9.95 -6.67
CA ASP B 168 10.41 -9.01 -6.11
C ASP B 168 9.10 -9.70 -5.69
N GLN B 169 8.78 -9.61 -4.42
CA GLN B 169 7.57 -10.23 -3.90
C GLN B 169 6.29 -9.59 -4.45
N ASP B 170 6.25 -8.25 -4.51
CA ASP B 170 5.05 -7.55 -4.98
C ASP B 170 4.71 -7.91 -6.43
N ALA B 171 5.68 -7.70 -7.31
CA ALA B 171 5.47 -7.94 -8.72
C ALA B 171 5.19 -9.42 -8.97
N LEU B 172 5.79 -10.30 -8.18
CA LEU B 172 5.52 -11.72 -8.33
C LEU B 172 4.06 -12.01 -8.00
N MET B 173 3.59 -11.51 -6.86
CA MET B 173 2.19 -11.74 -6.46
C MET B 173 1.20 -11.00 -7.35
N ARG B 174 1.63 -9.93 -8.00
CA ARG B 174 0.77 -9.26 -8.95
C ARG B 174 0.42 -10.17 -10.14
N ARG B 175 1.28 -11.14 -10.42
CA ARG B 175 0.99 -12.13 -11.47
C ARG B 175 0.70 -13.50 -10.87
N PHE B 176 0.30 -13.53 -9.61
CA PHE B 176 0.05 -14.81 -8.96
C PHE B 176 -0.88 -15.70 -9.78
N ASP B 177 -1.98 -15.13 -10.26
CA ASP B 177 -2.99 -15.92 -10.97
C ASP B 177 -2.44 -16.69 -12.16
N VAL B 178 -1.63 -16.05 -13.00
CA VAL B 178 -1.02 -16.73 -14.13
C VAL B 178 -0.02 -17.79 -13.67
N ILE B 179 0.92 -17.36 -12.84
CA ILE B 179 2.01 -18.21 -12.39
C ILE B 179 1.51 -19.44 -11.62
N ALA B 180 0.56 -19.22 -10.70
CA ALA B 180 0.02 -20.30 -9.88
C ALA B 180 -0.74 -21.31 -10.71
N GLU B 181 -1.48 -20.81 -11.71
CA GLU B 181 -2.25 -21.70 -12.56
C GLU B 181 -1.29 -22.64 -13.30
N ILE B 182 -0.28 -22.07 -13.95
CA ILE B 182 0.69 -22.87 -14.68
C ILE B 182 1.43 -23.84 -13.76
N CYS B 183 1.95 -23.35 -12.65
CA CYS B 183 2.63 -24.23 -11.70
C CYS B 183 1.75 -25.39 -11.24
N SER B 184 0.50 -25.11 -10.90
CA SER B 184 -0.42 -26.18 -10.51
C SER B 184 -0.66 -27.18 -11.62
N TYR B 185 -0.55 -26.72 -12.87
CA TYR B 185 -0.68 -27.64 -14.00
C TYR B 185 0.50 -28.60 -13.98
N MET B 186 1.68 -28.09 -13.64
CA MET B 186 2.89 -28.90 -13.67
C MET B 186 2.89 -29.88 -12.50
N VAL B 187 2.26 -29.49 -11.41
CA VAL B 187 2.07 -30.40 -10.29
C VAL B 187 1.25 -31.58 -10.77
N ASP B 188 0.10 -31.28 -11.37
CA ASP B 188 -0.82 -32.30 -11.81
C ASP B 188 -0.21 -33.17 -12.91
N LEU B 189 0.70 -32.61 -13.70
CA LEU B 189 1.26 -33.37 -14.81
C LEU B 189 2.40 -34.25 -14.34
N GLY B 190 2.82 -34.09 -13.08
CA GLY B 190 3.88 -34.92 -12.54
C GLY B 190 5.29 -34.48 -12.93
N TRP B 191 5.45 -33.20 -13.25
CA TRP B 191 6.76 -32.70 -13.64
C TRP B 191 7.64 -32.41 -12.45
N GLY B 192 7.03 -32.39 -11.27
CA GLY B 192 7.74 -32.01 -10.06
C GLY B 192 8.23 -30.58 -10.04
N PRO B 193 7.32 -29.60 -10.24
CA PRO B 193 7.72 -28.21 -10.08
C PRO B 193 8.09 -27.93 -8.60
N TYR B 194 9.02 -27.02 -8.34
CA TYR B 194 9.43 -26.79 -6.96
C TYR B 194 9.63 -25.33 -6.60
N GLN B 195 9.64 -24.44 -7.60
CA GLN B 195 9.74 -23.01 -7.29
C GLN B 195 9.38 -22.13 -8.46
N ASN B 196 8.95 -20.91 -8.14
CA ASN B 196 8.64 -19.88 -9.12
C ASN B 196 9.15 -18.57 -8.58
N ASP B 197 9.71 -17.72 -9.43
CA ASP B 197 9.98 -16.37 -8.96
C ASP B 197 10.00 -15.32 -10.06
N HIS B 198 9.96 -14.07 -9.63
CA HIS B 198 10.24 -12.97 -10.52
C HIS B 198 11.75 -12.98 -10.76
N GLU B 199 12.17 -12.90 -12.02
CA GLU B 199 13.59 -12.88 -12.33
C GLU B 199 14.21 -11.47 -12.37
N ASP B 200 15.44 -11.38 -12.88
CA ASP B 200 16.26 -10.18 -12.69
C ASP B 200 15.86 -8.96 -13.53
N ALA B 201 15.11 -9.17 -14.60
CA ALA B 201 14.61 -8.04 -15.38
C ALA B 201 13.17 -7.72 -14.99
N ASN B 202 12.79 -6.45 -15.09
CA ASN B 202 11.40 -6.08 -14.91
C ASN B 202 10.54 -6.87 -15.92
N GLY B 203 9.45 -7.47 -15.46
CA GLY B 203 8.59 -8.20 -16.35
C GLY B 203 8.94 -9.67 -16.52
N GLN B 204 10.04 -10.11 -15.91
CA GLN B 204 10.55 -11.45 -16.21
C GLN B 204 10.34 -12.46 -15.09
N PHE B 205 10.06 -13.70 -15.44
CA PHE B 205 9.74 -14.75 -14.47
C PHE B 205 10.45 -16.06 -14.77
N GLU B 206 10.45 -16.97 -13.81
CA GLU B 206 10.97 -18.32 -14.05
C GLU B 206 10.24 -19.36 -13.21
N MET B 207 9.94 -20.49 -13.81
CA MET B 207 9.25 -21.57 -13.12
C MET B 207 10.03 -22.85 -13.35
N ASN B 208 10.50 -23.45 -12.26
CA ASN B 208 11.44 -24.56 -12.36
C ASN B 208 10.78 -25.89 -12.06
N TRP B 209 11.26 -26.93 -12.72
CA TRP B 209 10.75 -28.27 -12.45
C TRP B 209 11.87 -29.32 -12.54
N ASP B 210 11.56 -30.54 -12.10
CA ASP B 210 12.56 -31.61 -11.99
C ASP B 210 13.16 -32.01 -13.33
N TYR B 211 14.48 -32.10 -13.37
CA TYR B 211 15.17 -32.70 -14.52
C TYR B 211 14.64 -34.11 -14.78
N ALA B 212 15.03 -34.68 -15.92
CA ALA B 212 14.55 -36.00 -16.36
C ALA B 212 15.42 -36.48 -17.50
N ASP B 213 15.14 -37.66 -18.05
CA ASP B 213 15.83 -38.12 -19.25
C ASP B 213 15.69 -37.06 -20.32
N ALA B 214 16.74 -36.85 -21.09
CA ALA B 214 16.76 -35.80 -22.11
C ALA B 214 15.48 -35.73 -22.94
N LEU B 215 15.02 -36.87 -23.47
CA LEU B 215 13.85 -36.84 -24.33
C LEU B 215 12.61 -36.37 -23.56
N VAL B 216 12.48 -36.78 -22.30
CA VAL B 216 11.34 -36.35 -21.49
C VAL B 216 11.38 -34.83 -21.29
N THR B 217 12.55 -34.33 -20.92
CA THR B 217 12.75 -32.92 -20.68
C THR B 217 12.54 -32.09 -21.93
N ALA B 218 12.99 -32.60 -23.08
CA ALA B 218 12.78 -31.89 -24.35
C ALA B 218 11.30 -31.77 -24.70
N ASP B 219 10.55 -32.87 -24.54
CA ASP B 219 9.11 -32.83 -24.75
C ASP B 219 8.44 -31.85 -23.78
N ARG B 220 8.87 -31.88 -22.51
CA ARG B 220 8.32 -30.96 -21.52
C ARG B 220 8.64 -29.51 -21.85
N HIS B 221 9.87 -29.29 -22.33
CA HIS B 221 10.34 -27.97 -22.71
C HIS B 221 9.42 -27.43 -23.81
N ALA B 222 9.26 -28.22 -24.87
CA ALA B 222 8.40 -27.83 -25.98
C ALA B 222 6.98 -27.55 -25.53
N PHE B 223 6.44 -28.40 -24.66
CA PHE B 223 5.06 -28.21 -24.20
C PHE B 223 4.97 -26.99 -23.33
N PHE B 224 5.91 -26.85 -22.40
CA PHE B 224 5.93 -25.74 -21.43
C PHE B 224 5.79 -24.39 -22.13
N LYS B 225 6.57 -24.18 -23.19
CA LYS B 225 6.54 -22.92 -23.91
C LYS B 225 5.17 -22.63 -24.50
N PHE B 226 4.53 -23.67 -25.00
CA PHE B 226 3.19 -23.57 -25.55
C PHE B 226 2.16 -23.33 -24.44
N MET B 227 2.32 -24.02 -23.32
CA MET B 227 1.50 -23.78 -22.13
C MET B 227 1.59 -22.34 -21.61
N VAL B 228 2.80 -21.84 -21.44
CA VAL B 228 2.95 -20.49 -20.92
C VAL B 228 2.31 -19.46 -21.86
N LYS B 229 2.59 -19.59 -23.15
CA LYS B 229 2.05 -18.65 -24.13
C LYS B 229 0.53 -18.71 -24.13
N SER B 230 -0.03 -19.91 -24.05
CA SER B 230 -1.49 -20.12 -24.11
C SER B 230 -2.19 -19.54 -22.88
N VAL B 231 -1.68 -19.88 -21.70
CA VAL B 231 -2.25 -19.39 -20.46
C VAL B 231 -2.13 -17.87 -20.36
N ALA B 232 -0.95 -17.31 -20.68
CA ALA B 232 -0.79 -15.87 -20.72
C ALA B 232 -1.91 -15.21 -21.54
N GLU B 233 -2.10 -15.70 -22.78
CA GLU B 233 -3.13 -15.16 -23.65
C GLU B 233 -4.52 -15.19 -23.00
N ARG B 234 -4.82 -16.28 -22.30
CA ARG B 234 -6.13 -16.41 -21.68
C ARG B 234 -6.31 -15.35 -20.60
N HIS B 235 -5.21 -14.86 -20.05
CA HIS B 235 -5.26 -13.81 -19.03
C HIS B 235 -5.13 -12.42 -19.64
N GLY B 236 -5.15 -12.34 -20.97
CA GLY B 236 -4.99 -11.06 -21.64
C GLY B 236 -3.55 -10.58 -21.63
N LEU B 237 -2.62 -11.50 -21.42
CA LEU B 237 -1.20 -11.14 -21.41
C LEU B 237 -0.51 -11.81 -22.59
N ARG B 238 0.82 -11.70 -22.64
CA ARG B 238 1.58 -12.36 -23.66
C ARG B 238 2.92 -12.80 -23.08
N ALA B 239 3.32 -14.03 -23.34
CA ALA B 239 4.64 -14.48 -22.90
C ALA B 239 5.62 -14.44 -24.07
N THR B 240 6.84 -14.02 -23.78
CA THR B 240 7.89 -14.14 -24.78
C THR B 240 9.16 -14.73 -24.20
N PHE B 241 9.81 -15.59 -24.99
CA PHE B 241 11.06 -16.21 -24.59
C PHE B 241 12.22 -15.59 -25.36
N MET B 242 11.96 -14.45 -25.99
CA MET B 242 12.99 -13.74 -26.75
C MET B 242 14.23 -13.52 -25.88
N PRO B 243 15.42 -13.78 -26.45
CA PRO B 243 16.69 -13.70 -25.71
C PRO B 243 16.98 -12.32 -25.12
N LYS B 244 16.78 -11.25 -25.88
CA LYS B 244 17.10 -9.92 -25.39
C LYS B 244 16.05 -8.94 -25.87
N PRO B 245 14.88 -8.93 -25.20
CA PRO B 245 13.76 -8.06 -25.59
C PRO B 245 13.92 -6.59 -25.20
N PHE B 246 14.80 -6.29 -24.24
CA PHE B 246 15.06 -4.90 -23.84
C PHE B 246 16.57 -4.69 -23.72
N ALA B 247 17.06 -3.66 -24.40
CA ALA B 247 18.51 -3.46 -24.50
C ALA B 247 19.21 -3.24 -23.16
N HIS B 248 18.47 -2.74 -22.17
CA HIS B 248 19.07 -2.31 -20.90
C HIS B 248 18.74 -3.27 -19.76
N LEU B 249 17.92 -4.27 -20.05
CA LEU B 249 17.52 -5.23 -19.03
C LEU B 249 18.14 -6.59 -19.29
N THR B 250 18.25 -7.39 -18.24
CA THR B 250 18.68 -8.76 -18.35
C THR B 250 17.84 -9.50 -19.39
N GLY B 251 18.46 -10.44 -20.10
CA GLY B 251 17.76 -11.20 -21.13
C GLY B 251 17.23 -12.55 -20.65
N ASN B 252 16.57 -13.27 -21.56
CA ASN B 252 16.01 -14.59 -21.29
C ASN B 252 17.01 -15.72 -21.57
N GLY B 253 17.55 -16.32 -20.52
CA GLY B 253 18.38 -17.51 -20.70
C GLY B 253 17.56 -18.80 -20.74
N CYS B 254 18.21 -19.88 -21.16
CA CYS B 254 17.68 -21.22 -20.93
C CYS B 254 18.83 -22.09 -20.45
N HIS B 255 19.25 -21.88 -19.20
CA HIS B 255 20.35 -22.69 -18.66
C HIS B 255 19.92 -24.14 -18.65
N THR B 256 20.84 -25.03 -18.98
CA THR B 256 20.56 -26.45 -18.83
C THR B 256 21.48 -27.06 -17.79
N HIS B 257 20.89 -27.80 -16.87
CA HIS B 257 21.67 -28.54 -15.87
C HIS B 257 21.82 -29.96 -16.42
N LEU B 258 23.05 -30.47 -16.37
CA LEU B 258 23.41 -31.67 -17.12
C LEU B 258 24.09 -32.74 -16.26
N SER B 259 23.64 -33.98 -16.38
CA SER B 259 24.35 -35.11 -15.77
C SER B 259 24.19 -36.37 -16.62
N MET B 260 25.15 -37.30 -16.52
CA MET B 260 25.14 -38.52 -17.31
C MET B 260 25.01 -39.74 -16.38
N TRP B 261 24.06 -40.61 -16.68
CA TRP B 261 23.73 -41.72 -15.80
C TRP B 261 23.89 -43.06 -16.50
N THR B 262 24.22 -44.10 -15.72
CA THR B 262 24.22 -45.45 -16.24
C THR B 262 22.82 -46.05 -16.16
N ALA B 263 22.58 -47.09 -16.94
CA ALA B 263 21.29 -47.76 -16.93
C ALA B 263 20.98 -48.25 -15.53
N ALA B 264 22.03 -48.56 -14.78
CA ALA B 264 21.85 -49.08 -13.42
C ALA B 264 21.39 -47.99 -12.47
N GLY B 265 21.53 -46.73 -12.90
CA GLY B 265 21.03 -45.62 -12.11
C GLY B 265 22.06 -44.85 -11.28
N ASP B 266 23.32 -44.89 -11.70
CA ASP B 266 24.36 -44.13 -11.01
C ASP B 266 24.74 -42.89 -11.81
N ASN B 267 24.99 -41.81 -11.10
CA ASN B 267 25.37 -40.55 -11.72
C ASN B 267 26.86 -40.53 -11.99
N LEU B 268 27.21 -40.68 -13.26
CA LEU B 268 28.61 -40.73 -13.67
C LEU B 268 29.37 -39.43 -13.39
N PHE B 269 28.66 -38.32 -13.17
CA PHE B 269 29.33 -37.05 -12.92
C PHE B 269 29.70 -36.92 -11.44
N GLU B 270 29.02 -37.69 -10.61
CA GLU B 270 29.32 -37.73 -9.18
C GLU B 270 30.72 -38.29 -8.96
N GLY B 271 31.56 -37.56 -8.23
CA GLY B 271 32.96 -37.97 -8.10
C GLY B 271 33.71 -37.40 -6.91
N ASP B 272 35.00 -37.72 -6.85
CA ASP B 272 35.84 -37.29 -5.75
C ASP B 272 36.79 -36.17 -6.14
N GLY B 273 36.68 -35.71 -7.40
CA GLY B 273 37.48 -34.60 -7.88
C GLY B 273 37.01 -33.26 -7.30
N GLU B 274 37.50 -32.16 -7.85
CA GLU B 274 37.10 -30.84 -7.36
C GLU B 274 35.58 -30.68 -7.41
N LEU B 275 35.03 -30.06 -6.37
CA LEU B 275 33.63 -29.71 -6.31
C LEU B 275 32.69 -30.91 -6.45
N GLY B 276 33.18 -32.08 -6.07
CA GLY B 276 32.38 -33.30 -6.10
C GLY B 276 32.08 -33.81 -7.49
N LEU B 277 32.97 -33.50 -8.44
CA LEU B 277 32.83 -33.95 -9.83
C LEU B 277 33.82 -35.05 -10.17
N SER B 278 33.41 -35.99 -11.02
CA SER B 278 34.28 -37.08 -11.47
C SER B 278 35.09 -36.66 -12.69
N PRO B 279 36.08 -37.49 -13.08
CA PRO B 279 36.84 -37.20 -14.29
C PRO B 279 35.96 -37.27 -15.54
N THR B 280 34.93 -38.11 -15.49
CA THR B 280 34.01 -38.21 -16.61
C THR B 280 33.28 -36.86 -16.76
N ALA B 281 32.86 -36.30 -15.63
CA ALA B 281 32.22 -34.99 -15.63
C ALA B 281 33.14 -33.92 -16.23
N TYR B 282 34.42 -33.95 -15.88
CA TYR B 282 35.38 -32.95 -16.37
C TYR B 282 35.76 -33.13 -17.81
N ALA B 283 35.77 -34.38 -18.29
CA ALA B 283 36.03 -34.61 -19.70
C ALA B 283 34.82 -34.15 -20.53
N PHE B 284 33.62 -34.41 -20.01
CA PHE B 284 32.39 -33.91 -20.62
C PHE B 284 32.46 -32.40 -20.74
N LEU B 285 32.77 -31.73 -19.64
CA LEU B 285 32.99 -30.28 -19.61
C LEU B 285 33.98 -29.88 -20.68
N GLY B 286 35.04 -30.69 -20.83
CA GLY B 286 36.09 -30.43 -21.79
C GLY B 286 35.57 -30.37 -23.21
N GLY B 287 34.57 -31.21 -23.52
CA GLY B 287 33.94 -31.17 -24.83
C GLY B 287 33.15 -29.89 -25.04
N LEU B 288 32.44 -29.48 -23.99
CA LEU B 288 31.66 -28.25 -23.98
C LEU B 288 32.53 -27.03 -24.29
N ILE B 289 33.64 -26.92 -23.55
CA ILE B 289 34.60 -25.84 -23.73
C ILE B 289 35.23 -25.91 -25.10
N GLY B 290 35.65 -27.12 -25.48
CA GLY B 290 36.34 -27.30 -26.75
C GLY B 290 35.44 -27.02 -27.94
N HIS B 291 34.16 -27.34 -27.78
CA HIS B 291 33.21 -27.21 -28.89
C HIS B 291 32.32 -25.99 -28.80
N ALA B 292 32.66 -25.07 -27.89
CA ALA B 292 31.79 -23.93 -27.54
C ALA B 292 31.42 -23.02 -28.71
N LYS B 293 32.37 -22.74 -29.59
CA LYS B 293 32.11 -21.79 -30.68
C LYS B 293 30.95 -22.28 -31.57
N GLY B 294 31.01 -23.55 -31.96
CA GLY B 294 29.95 -24.15 -32.76
C GLY B 294 28.66 -24.38 -31.98
N LEU B 295 28.78 -24.81 -30.73
CA LEU B 295 27.62 -25.04 -29.90
C LEU B 295 26.81 -23.75 -29.78
N THR B 296 27.50 -22.62 -29.81
CA THR B 296 26.84 -21.31 -29.69
C THR B 296 25.81 -21.08 -30.80
N ALA B 297 26.13 -21.51 -32.01
CA ALA B 297 25.21 -21.30 -33.14
C ALA B 297 23.88 -21.99 -32.88
N VAL B 298 23.92 -23.16 -32.24
CA VAL B 298 22.70 -23.92 -31.97
C VAL B 298 21.92 -23.40 -30.77
N VAL B 299 22.62 -23.15 -29.67
CA VAL B 299 21.92 -22.80 -28.44
C VAL B 299 21.71 -21.28 -28.30
N ASN B 300 22.32 -20.52 -29.20
CA ASN B 300 22.06 -19.10 -29.35
C ASN B 300 21.70 -18.80 -30.81
N PRO B 301 20.52 -19.26 -31.25
CA PRO B 301 20.35 -19.46 -32.68
C PRO B 301 19.72 -18.29 -33.44
N THR B 302 19.63 -17.11 -32.83
CA THR B 302 19.00 -15.98 -33.50
C THR B 302 19.93 -14.79 -33.52
N VAL B 303 19.68 -13.85 -34.43
CA VAL B 303 20.51 -12.65 -34.48
C VAL B 303 20.50 -11.99 -33.10
N ASN B 304 19.30 -11.94 -32.52
CA ASN B 304 19.05 -11.29 -31.24
C ASN B 304 19.77 -11.97 -30.08
N SER B 305 20.04 -13.27 -30.20
CA SER B 305 20.82 -14.02 -29.20
C SER B 305 22.11 -13.32 -28.81
N TYR B 306 22.73 -12.62 -29.76
CA TYR B 306 24.06 -12.06 -29.57
C TYR B 306 24.02 -10.70 -28.89
N LYS B 307 22.82 -10.25 -28.59
CA LYS B 307 22.68 -9.09 -27.74
C LYS B 307 22.48 -9.49 -26.27
N ARG B 308 22.22 -10.77 -26.01
CA ARG B 308 22.23 -11.27 -24.64
C ARG B 308 23.64 -11.65 -24.20
N LEU B 309 24.35 -12.38 -25.06
CA LEU B 309 25.77 -12.68 -24.84
C LEU B 309 26.62 -11.41 -24.95
N ASN B 310 27.63 -11.27 -24.10
CA ASN B 310 28.53 -10.12 -24.20
C ASN B 310 27.78 -8.79 -24.20
N ALA B 311 26.79 -8.66 -23.34
CA ALA B 311 25.99 -7.45 -23.28
C ALA B 311 26.61 -6.43 -22.33
N PRO B 312 26.35 -5.13 -22.58
CA PRO B 312 26.80 -4.11 -21.63
C PRO B 312 26.03 -4.29 -20.32
N VAL B 313 26.58 -3.79 -19.21
CA VAL B 313 25.94 -4.00 -17.92
C VAL B 313 24.51 -3.46 -17.90
N THR B 314 23.60 -4.21 -17.29
CA THR B 314 22.19 -3.84 -17.23
C THR B 314 21.89 -2.91 -16.05
N VAL B 315 20.64 -2.45 -15.97
CA VAL B 315 20.24 -1.56 -14.88
C VAL B 315 20.33 -2.26 -13.52
N SER B 316 20.15 -3.57 -13.53
CA SER B 316 20.22 -4.35 -12.31
C SER B 316 21.66 -4.68 -11.88
N GLY B 317 22.65 -4.32 -12.69
CA GLY B 317 24.03 -4.46 -12.25
C GLY B 317 24.83 -5.59 -12.88
N ALA B 318 24.16 -6.52 -13.55
CA ALA B 318 24.81 -7.66 -14.17
C ALA B 318 23.95 -8.31 -15.24
N THR B 319 24.60 -8.85 -16.27
CA THR B 319 23.88 -9.50 -17.36
C THR B 319 23.56 -10.94 -16.99
N TRP B 320 24.39 -11.54 -16.14
CA TRP B 320 24.22 -12.94 -15.72
C TRP B 320 24.31 -13.91 -16.90
N SER B 321 24.76 -13.43 -18.05
CA SER B 321 24.94 -14.29 -19.21
C SER B 321 26.44 -14.40 -19.54
N PRO B 322 26.84 -15.43 -20.29
CA PRO B 322 28.25 -15.66 -20.63
C PRO B 322 28.85 -14.65 -21.60
N ASN B 323 30.13 -14.33 -21.39
CA ASN B 323 30.91 -13.53 -22.34
C ASN B 323 32.05 -14.36 -22.96
N THR B 324 32.43 -15.44 -22.29
CA THR B 324 33.68 -16.13 -22.57
C THR B 324 33.52 -17.63 -22.47
N ILE B 325 34.37 -18.35 -23.18
CA ILE B 325 34.40 -19.80 -23.13
C ILE B 325 35.21 -20.25 -21.91
N THR B 326 34.61 -20.12 -20.73
CA THR B 326 35.28 -20.39 -19.47
C THR B 326 34.29 -21.05 -18.51
N TYR B 327 34.81 -21.59 -17.42
CA TYR B 327 33.94 -22.15 -16.39
C TYR B 327 34.40 -21.80 -14.98
N GLY B 328 33.45 -21.77 -14.05
CA GLY B 328 33.77 -21.52 -12.67
C GLY B 328 33.13 -22.56 -11.76
N GLY B 329 33.19 -22.31 -10.45
CA GLY B 329 32.51 -23.11 -9.47
C GLY B 329 31.06 -22.66 -9.40
N ASN B 330 30.54 -22.51 -8.18
CA ASN B 330 29.19 -21.99 -8.02
C ASN B 330 29.23 -20.49 -8.30
N ASN B 331 29.27 -20.15 -9.58
CA ASN B 331 29.69 -18.84 -10.05
C ASN B 331 28.97 -18.54 -11.36
N ARG B 332 28.11 -17.53 -11.34
CA ARG B 332 27.18 -17.27 -12.45
C ARG B 332 27.72 -16.39 -13.55
N THR B 333 29.02 -16.12 -13.55
CA THR B 333 29.58 -15.20 -14.53
C THR B 333 30.29 -15.90 -15.70
N HIS B 334 30.16 -17.22 -15.81
CA HIS B 334 30.86 -17.99 -16.86
C HIS B 334 29.94 -18.71 -17.82
N MET B 335 30.54 -19.33 -18.84
CA MET B 335 29.80 -20.18 -19.75
C MET B 335 29.23 -21.39 -19.02
N VAL B 336 30.07 -22.02 -18.20
CA VAL B 336 29.67 -23.17 -17.40
C VAL B 336 29.81 -22.83 -15.92
N ARG B 337 28.84 -23.24 -15.13
CA ARG B 337 28.88 -23.05 -13.69
C ARG B 337 28.76 -24.43 -13.06
N ILE B 338 29.44 -24.64 -11.95
CA ILE B 338 29.31 -25.89 -11.23
C ILE B 338 28.46 -25.65 -10.00
N PRO B 339 27.18 -25.98 -10.08
CA PRO B 339 26.22 -25.53 -9.07
C PRO B 339 26.27 -26.33 -7.79
N ASP B 340 26.72 -27.57 -7.87
CA ASP B 340 26.64 -28.50 -6.77
C ASP B 340 27.37 -29.75 -7.19
N ALA B 341 27.56 -30.69 -6.29
CA ALA B 341 28.19 -31.96 -6.66
C ALA B 341 27.34 -32.71 -7.66
N GLY B 342 27.97 -33.23 -8.72
CA GLY B 342 27.30 -34.17 -9.60
C GLY B 342 26.60 -33.65 -10.84
N ARG B 343 26.87 -32.41 -11.23
CA ARG B 343 26.29 -31.87 -12.45
C ARG B 343 26.97 -30.59 -12.93
N LEU B 344 26.73 -30.26 -14.19
CA LEU B 344 27.25 -29.03 -14.75
C LEU B 344 26.05 -28.17 -15.12
N GLU B 345 26.21 -26.85 -15.00
CA GLU B 345 25.23 -25.95 -15.58
C GLU B 345 25.81 -25.22 -16.79
N LEU B 346 25.30 -25.53 -17.98
CA LEU B 346 25.63 -24.74 -19.17
C LEU B 346 24.73 -23.52 -19.20
N ARG B 347 25.32 -22.34 -19.01
CA ARG B 347 24.55 -21.11 -18.93
C ARG B 347 24.39 -20.42 -20.28
N LEU B 348 25.04 -21.01 -21.29
CA LEU B 348 25.08 -20.46 -22.64
C LEU B 348 23.71 -20.31 -23.34
N PRO B 349 22.86 -21.35 -23.33
CA PRO B 349 21.67 -21.29 -24.17
C PRO B 349 20.70 -20.18 -23.77
N ASP B 350 19.92 -19.68 -24.73
CA ASP B 350 18.91 -18.69 -24.44
C ASP B 350 17.50 -19.20 -24.72
N GLY B 351 16.51 -18.32 -24.55
CA GLY B 351 15.12 -18.72 -24.67
C GLY B 351 14.71 -19.11 -26.08
N ALA B 352 15.54 -18.84 -27.08
CA ALA B 352 15.21 -19.27 -28.45
C ALA B 352 15.72 -20.68 -28.80
N ALA B 353 16.60 -21.22 -27.96
CA ALA B 353 17.20 -22.52 -28.24
C ALA B 353 16.13 -23.57 -28.49
N ASN B 354 16.31 -24.33 -29.56
CA ASN B 354 15.43 -25.44 -29.90
C ASN B 354 15.50 -26.49 -28.80
N PRO B 355 14.34 -26.88 -28.23
CA PRO B 355 14.23 -27.87 -27.14
C PRO B 355 14.88 -29.21 -27.47
N TYR B 356 14.99 -29.55 -28.74
CA TYR B 356 15.58 -30.83 -29.15
C TYR B 356 17.02 -30.69 -29.63
N LEU B 357 17.29 -29.69 -30.47
CA LEU B 357 18.65 -29.46 -30.96
C LEU B 357 19.61 -29.06 -29.83
N MET B 358 19.07 -28.46 -28.78
CA MET B 358 19.93 -27.99 -27.71
C MET B 358 20.58 -29.13 -26.94
N PRO B 359 19.77 -30.06 -26.37
CA PRO B 359 20.39 -31.21 -25.73
C PRO B 359 21.19 -32.04 -26.73
N ALA B 360 20.72 -32.13 -27.99
CA ALA B 360 21.43 -32.93 -29.01
C ALA B 360 22.83 -32.39 -29.26
N ALA B 361 22.96 -31.08 -29.44
CA ALA B 361 24.28 -30.50 -29.68
C ALA B 361 25.15 -30.49 -28.42
N ILE B 362 24.50 -30.32 -27.26
CA ILE B 362 25.24 -30.40 -26.01
C ILE B 362 25.82 -31.79 -25.81
N LEU B 363 24.98 -32.81 -26.02
CA LEU B 363 25.39 -34.20 -25.85
C LEU B 363 26.51 -34.60 -26.82
N ALA B 364 26.42 -34.14 -28.07
CA ALA B 364 27.46 -34.42 -29.05
C ALA B 364 28.80 -33.86 -28.58
N ALA B 365 28.80 -32.61 -28.12
CA ALA B 365 30.03 -32.00 -27.62
C ALA B 365 30.53 -32.77 -26.40
N GLY B 366 29.61 -33.11 -25.51
CA GLY B 366 29.92 -33.82 -24.28
C GLY B 366 30.51 -35.20 -24.50
N LEU B 367 29.88 -36.01 -25.35
CA LEU B 367 30.38 -37.35 -25.68
C LEU B 367 31.79 -37.30 -26.23
N ASP B 368 32.04 -36.38 -27.15
CA ASP B 368 33.36 -36.21 -27.72
C ASP B 368 34.39 -35.82 -26.65
N GLY B 369 33.98 -35.00 -25.70
CA GLY B 369 34.86 -34.64 -24.61
C GLY B 369 35.25 -35.89 -23.84
N ILE B 370 34.28 -36.74 -23.56
CA ILE B 370 34.54 -37.96 -22.81
C ILE B 370 35.48 -38.90 -23.56
N GLU B 371 35.24 -39.09 -24.85
CA GLU B 371 36.01 -40.02 -25.68
C GLU B 371 37.45 -39.55 -25.93
N THR B 372 37.64 -38.23 -26.03
CA THR B 372 38.96 -37.68 -26.25
C THR B 372 39.62 -37.31 -24.92
N GLN B 373 38.92 -37.57 -23.83
CA GLN B 373 39.34 -37.10 -22.52
C GLN B 373 39.75 -35.64 -22.59
N ALA B 374 38.84 -34.79 -23.03
CA ALA B 374 39.13 -33.37 -23.22
C ALA B 374 39.43 -32.68 -21.90
N ASP B 375 40.41 -31.80 -21.93
CA ASP B 375 40.79 -31.00 -20.76
C ASP B 375 40.03 -29.68 -20.81
N PRO B 376 39.18 -29.42 -19.80
CA PRO B 376 38.36 -28.21 -19.76
C PRO B 376 39.17 -26.98 -19.38
N GLY B 377 40.40 -27.20 -18.96
CA GLY B 377 41.26 -26.10 -18.57
C GLY B 377 41.14 -25.78 -17.08
N GLN B 378 41.49 -24.56 -16.74
CA GLN B 378 41.52 -24.10 -15.36
C GLN B 378 40.21 -23.40 -14.94
N ARG B 379 39.62 -23.87 -13.84
CA ARG B 379 38.45 -23.19 -13.27
C ARG B 379 38.80 -21.76 -12.82
N LEU B 380 37.98 -20.78 -13.19
CA LEU B 380 38.21 -19.40 -12.82
C LEU B 380 37.29 -18.96 -11.67
N ASP B 381 37.88 -18.70 -10.50
CA ASP B 381 37.10 -18.33 -9.32
C ASP B 381 37.00 -16.82 -9.18
N ILE B 382 36.62 -16.16 -10.26
CA ILE B 382 36.51 -14.71 -10.26
C ILE B 382 35.20 -14.30 -10.91
N ASP B 383 34.88 -13.02 -10.77
CA ASP B 383 33.76 -12.39 -11.45
C ASP B 383 34.25 -12.01 -12.83
N MET B 384 33.80 -12.74 -13.86
CA MET B 384 34.32 -12.52 -15.21
C MET B 384 33.92 -11.16 -15.79
N TYR B 385 32.90 -10.52 -15.21
CA TYR B 385 32.45 -9.23 -15.71
C TYR B 385 33.40 -8.12 -15.30
N VAL B 386 34.09 -8.34 -14.19
CA VAL B 386 34.97 -7.33 -13.62
C VAL B 386 36.42 -7.62 -13.95
N GLU B 387 36.83 -8.88 -13.76
CA GLU B 387 38.20 -9.32 -14.00
C GLU B 387 38.39 -10.14 -15.27
N GLY B 388 37.64 -9.82 -16.32
CA GLY B 388 37.78 -10.50 -17.59
C GLY B 388 39.11 -10.13 -18.22
N HIS B 389 39.48 -8.86 -18.07
CA HIS B 389 40.75 -8.33 -18.58
C HIS B 389 41.92 -8.95 -17.83
N SER B 390 41.67 -9.30 -16.58
CA SER B 390 42.69 -9.85 -15.70
C SER B 390 43.29 -11.15 -16.23
N VAL B 391 42.58 -11.82 -17.13
CA VAL B 391 43.02 -13.12 -17.61
C VAL B 391 42.80 -13.36 -19.12
N GLU B 392 43.68 -14.16 -19.70
CA GLU B 392 43.55 -14.60 -21.08
C GLU B 392 42.40 -15.59 -21.18
N ALA B 393 41.38 -15.24 -21.95
CA ALA B 393 40.22 -16.10 -22.11
C ALA B 393 39.64 -15.87 -23.48
N GLU B 394 39.28 -16.96 -24.16
CA GLU B 394 38.67 -16.86 -25.47
C GLU B 394 37.23 -16.32 -25.38
N GLN B 395 36.93 -15.32 -26.20
CA GLN B 395 35.58 -14.77 -26.28
C GLN B 395 34.68 -15.70 -27.12
N LEU B 396 33.38 -15.66 -26.87
CA LEU B 396 32.40 -16.40 -27.68
C LEU B 396 32.15 -15.69 -29.01
N PRO B 397 31.66 -16.42 -30.03
CA PRO B 397 31.32 -15.74 -31.28
C PRO B 397 30.46 -14.51 -30.95
N LEU B 398 30.68 -13.41 -31.65
CA LEU B 398 29.99 -12.15 -31.32
C LEU B 398 28.69 -11.92 -32.08
N ASN B 399 28.43 -12.73 -33.10
CA ASN B 399 27.22 -12.56 -33.88
C ASN B 399 26.85 -13.89 -34.51
N LEU B 400 25.61 -13.98 -35.01
CA LEU B 400 25.07 -15.23 -35.57
C LEU B 400 25.90 -15.79 -36.73
N LEU B 401 26.33 -14.92 -37.63
CA LEU B 401 27.03 -15.37 -38.83
C LEU B 401 28.32 -16.13 -38.47
N ASP B 402 29.11 -15.55 -37.56
CA ASP B 402 30.33 -16.20 -37.04
C ASP B 402 30.07 -17.48 -36.26
N ALA B 403 28.96 -17.53 -35.51
CA ALA B 403 28.64 -18.75 -34.77
C ALA B 403 28.30 -19.88 -35.75
N VAL B 404 27.53 -19.55 -36.78
CA VAL B 404 27.15 -20.51 -37.81
C VAL B 404 28.38 -21.03 -38.59
N ARG B 405 29.27 -20.12 -38.97
CA ARG B 405 30.53 -20.51 -39.60
C ARG B 405 31.29 -21.52 -38.73
N ALA B 406 31.30 -21.28 -37.42
CA ALA B 406 31.98 -22.16 -36.48
C ALA B 406 31.28 -23.53 -36.36
N LEU B 407 29.95 -23.52 -36.40
CA LEU B 407 29.18 -24.77 -36.42
C LEU B 407 29.59 -25.61 -37.61
N GLU B 408 29.73 -24.96 -38.77
CA GLU B 408 30.00 -25.65 -40.02
C GLU B 408 31.40 -26.26 -40.03
N ALA B 409 32.34 -25.57 -39.39
CA ALA B 409 33.72 -26.03 -39.33
C ALA B 409 33.95 -27.08 -38.25
N ASP B 410 32.97 -27.29 -37.37
CA ASP B 410 33.12 -28.22 -36.26
C ASP B 410 32.60 -29.60 -36.64
N GLU B 411 33.52 -30.53 -36.91
CA GLU B 411 33.18 -31.85 -37.44
C GLU B 411 32.32 -32.67 -36.50
N VAL B 412 32.71 -32.69 -35.23
CA VAL B 412 31.98 -33.43 -34.20
C VAL B 412 30.54 -32.99 -34.18
N LEU B 413 30.35 -31.68 -34.19
CA LEU B 413 29.03 -31.10 -34.03
C LEU B 413 28.21 -31.27 -35.29
N ALA B 414 28.76 -30.84 -36.42
CA ALA B 414 28.08 -31.00 -37.69
C ALA B 414 27.75 -32.49 -37.94
N GLY B 415 28.75 -33.34 -37.80
CA GLY B 415 28.53 -34.77 -37.95
C GLY B 415 27.58 -35.32 -36.92
N GLY B 416 27.66 -34.81 -35.70
CA GLY B 416 26.80 -35.24 -34.62
C GLY B 416 25.32 -34.95 -34.85
N LEU B 417 25.01 -33.73 -35.30
CA LEU B 417 23.62 -33.34 -35.55
C LEU B 417 23.15 -33.81 -36.93
N GLY B 418 24.12 -34.17 -37.77
CA GLY B 418 23.81 -34.62 -39.11
C GLY B 418 23.25 -33.53 -40.02
N ALA B 419 22.35 -33.94 -40.91
CA ALA B 419 21.74 -33.02 -41.85
C ALA B 419 20.99 -31.88 -41.16
N ALA B 420 20.60 -32.06 -39.91
CA ALA B 420 19.91 -30.97 -39.21
C ALA B 420 20.82 -29.74 -39.12
N ALA B 421 22.12 -29.96 -38.99
CA ALA B 421 23.05 -28.87 -38.79
C ALA B 421 23.18 -28.03 -40.06
N ALA B 422 23.38 -28.72 -41.18
CA ALA B 422 23.50 -28.05 -42.48
C ALA B 422 22.24 -27.26 -42.81
N ALA B 423 21.09 -27.88 -42.56
CA ALA B 423 19.81 -27.25 -42.84
C ALA B 423 19.65 -26.03 -41.93
N PHE B 424 19.91 -26.22 -40.64
CA PHE B 424 19.90 -25.12 -39.67
C PHE B 424 20.78 -23.98 -40.17
N ALA B 425 22.00 -24.30 -40.57
CA ALA B 425 22.93 -23.30 -41.04
C ALA B 425 22.39 -22.55 -42.26
N LYS B 426 21.74 -23.26 -43.18
CA LYS B 426 21.21 -22.59 -44.35
C LYS B 426 20.17 -21.55 -43.94
N PHE B 427 19.27 -21.95 -43.04
CA PHE B 427 18.21 -21.04 -42.61
C PHE B 427 18.77 -19.81 -41.89
N LYS B 428 19.73 -20.02 -41.00
CA LYS B 428 20.31 -18.90 -40.25
C LYS B 428 21.09 -17.91 -41.12
N ARG B 429 21.69 -18.38 -42.20
CA ARG B 429 22.37 -17.50 -43.12
C ARG B 429 21.37 -16.65 -43.89
N ALA B 430 20.24 -17.26 -44.23
CA ALA B 430 19.15 -16.54 -44.88
C ALA B 430 18.61 -15.46 -43.94
N GLU B 431 18.43 -15.81 -42.67
CA GLU B 431 18.00 -14.84 -41.67
C GLU B 431 19.00 -13.70 -41.57
N TRP B 432 20.28 -14.03 -41.52
CA TRP B 432 21.32 -13.01 -41.43
C TRP B 432 21.31 -12.07 -42.65
N ALA B 433 21.15 -12.63 -43.85
CA ALA B 433 21.13 -11.82 -45.06
C ALA B 433 19.98 -10.83 -45.03
N ASP B 434 18.83 -11.28 -44.52
CA ASP B 434 17.66 -10.44 -44.38
C ASP B 434 17.91 -9.33 -43.35
N TYR B 435 18.45 -9.72 -42.20
CA TYR B 435 18.70 -8.80 -41.10
C TYR B 435 19.74 -7.71 -41.43
N LYS B 436 20.87 -8.12 -41.98
CA LYS B 436 21.96 -7.19 -42.26
C LYS B 436 21.56 -6.05 -43.21
N SER B 437 20.42 -6.17 -43.87
CA SER B 437 20.02 -5.13 -44.80
C SER B 437 18.98 -4.16 -44.22
N GLN B 438 18.54 -4.41 -42.99
CA GLN B 438 17.56 -3.53 -42.35
C GLN B 438 18.25 -2.26 -41.83
N LEU B 439 17.69 -1.11 -42.18
CA LEU B 439 18.19 0.16 -41.67
C LEU B 439 17.72 0.34 -40.24
N THR B 440 18.62 0.76 -39.36
CA THR B 440 18.25 0.96 -37.96
C THR B 440 18.21 2.44 -37.60
N GLU B 441 17.49 2.76 -36.54
CA GLU B 441 17.28 4.15 -36.14
C GLU B 441 18.58 4.80 -35.65
N TRP B 442 19.41 4.02 -34.98
CA TRP B 442 20.72 4.49 -34.51
C TRP B 442 21.57 4.99 -35.69
N GLU B 443 21.50 4.28 -36.81
CA GLU B 443 22.23 4.67 -38.01
C GLU B 443 21.76 6.01 -38.57
N ARG B 444 20.45 6.18 -38.68
CA ARG B 444 19.90 7.44 -39.18
C ARG B 444 20.30 8.57 -38.25
N ARG B 445 20.21 8.33 -36.96
CA ARG B 445 20.50 9.37 -35.99
C ARG B 445 21.96 9.78 -36.08
N THR B 446 22.85 8.80 -36.23
CA THR B 446 24.27 9.10 -36.14
C THR B 446 24.97 9.33 -37.47
N THR B 447 24.29 9.07 -38.58
CA THR B 447 24.92 9.16 -39.89
C THR B 447 24.33 10.22 -40.83
N LEU B 448 23.10 10.67 -40.58
CA LEU B 448 22.46 11.63 -41.48
C LEU B 448 23.29 12.88 -41.69
N ASP B 449 24.07 13.27 -40.69
CA ASP B 449 24.84 14.50 -40.81
C ASP B 449 26.30 14.25 -41.15
N CYS B 450 26.62 13.03 -41.57
CA CYS B 450 27.99 12.78 -42.01
C CYS B 450 28.31 13.69 -43.20
N THR C 22 -22.93 0.91 31.26
CA THR C 22 -23.39 0.06 30.17
C THR C 22 -22.21 -0.69 29.57
N ASP C 23 -22.40 -1.97 29.27
CA ASP C 23 -21.28 -2.82 28.87
C ASP C 23 -21.10 -2.96 27.35
N LEU C 24 -20.29 -2.10 26.78
CA LEU C 24 -20.13 -2.02 25.33
C LEU C 24 -19.63 -3.33 24.69
N ALA C 25 -18.73 -4.02 25.36
CA ALA C 25 -18.22 -5.29 24.87
C ALA C 25 -19.34 -6.32 24.70
N SER C 26 -20.19 -6.43 25.72
CA SER C 26 -21.32 -7.38 25.67
C SER C 26 -22.28 -7.00 24.57
N ILE C 27 -22.61 -5.72 24.52
CA ILE C 27 -23.50 -5.20 23.48
C ILE C 27 -22.93 -5.49 22.09
N ALA C 28 -21.61 -5.38 21.94
CA ALA C 28 -20.97 -5.64 20.67
C ALA C 28 -21.25 -7.08 20.23
N ARG C 29 -21.16 -7.99 21.19
CA ARG C 29 -21.38 -9.40 20.91
C ARG C 29 -22.85 -9.66 20.59
N GLU C 30 -23.75 -9.12 21.41
CA GLU C 30 -25.18 -9.34 21.22
C GLU C 30 -25.65 -8.80 19.87
N LYS C 31 -25.18 -7.60 19.54
CA LYS C 31 -25.69 -6.87 18.37
C LYS C 31 -24.88 -7.03 17.08
N GLY C 32 -23.74 -7.70 17.15
CA GLY C 32 -22.89 -7.88 15.99
C GLY C 32 -22.15 -6.61 15.59
N ILE C 33 -21.70 -5.84 16.57
CA ILE C 33 -20.89 -4.67 16.27
C ILE C 33 -19.42 -5.07 16.21
N GLU C 34 -18.78 -4.83 15.07
CA GLU C 34 -17.37 -5.19 14.89
C GLU C 34 -16.42 -4.03 15.17
N PHE C 35 -16.88 -2.80 15.00
CA PHE C 35 -16.03 -1.63 15.22
C PHE C 35 -16.86 -0.54 15.85
N PHE C 36 -16.23 0.27 16.69
CA PHE C 36 -16.86 1.45 17.21
C PHE C 36 -16.14 2.69 16.69
N LEU C 37 -16.92 3.71 16.34
CA LEU C 37 -16.39 5.04 16.11
C LEU C 37 -16.46 5.82 17.41
N ILE C 38 -15.32 6.04 18.04
CA ILE C 38 -15.28 6.93 19.18
C ILE C 38 -15.09 8.36 18.67
N SER C 39 -16.13 9.17 18.84
CA SER C 39 -16.22 10.41 18.10
C SER C 39 -16.39 11.65 18.99
N PHE C 40 -15.66 12.71 18.69
CA PHE C 40 -15.97 13.99 19.31
C PHE C 40 -16.09 15.10 18.28
N THR C 41 -16.73 16.20 18.68
CA THR C 41 -16.93 17.36 17.82
C THR C 41 -15.95 18.44 18.27
N ASP C 42 -15.13 18.95 17.34
CA ASP C 42 -14.21 20.03 17.71
C ASP C 42 -14.89 21.39 17.58
N LEU C 43 -14.16 22.45 17.89
CA LEU C 43 -14.75 23.78 18.03
C LEU C 43 -15.41 24.21 16.72
N LEU C 44 -14.84 23.78 15.60
CA LEU C 44 -15.34 24.16 14.30
C LEU C 44 -16.46 23.23 13.82
N GLY C 45 -16.82 22.25 14.65
CA GLY C 45 -17.92 21.36 14.31
C GLY C 45 -17.51 20.09 13.57
N VAL C 46 -16.23 19.98 13.26
CA VAL C 46 -15.72 18.82 12.53
C VAL C 46 -15.78 17.56 13.42
N GLN C 47 -16.34 16.48 12.88
CA GLN C 47 -16.40 15.22 13.58
C GLN C 47 -15.05 14.53 13.56
N ARG C 48 -14.48 14.33 14.74
CA ARG C 48 -13.22 13.61 14.86
C ARG C 48 -13.47 12.23 15.46
N ALA C 49 -12.87 11.20 14.90
CA ALA C 49 -13.12 9.87 15.44
C ALA C 49 -11.96 8.91 15.24
N LYS C 50 -11.94 7.87 16.07
CA LYS C 50 -11.10 6.71 15.84
C LYS C 50 -12.02 5.52 15.59
N LEU C 51 -11.59 4.63 14.72
CA LEU C 51 -12.33 3.40 14.47
C LEU C 51 -11.63 2.28 15.24
N VAL C 52 -12.28 1.79 16.29
CA VAL C 52 -11.65 0.78 17.12
C VAL C 52 -12.42 -0.52 17.04
N PRO C 53 -11.71 -1.64 16.88
CA PRO C 53 -12.36 -2.96 16.80
C PRO C 53 -12.97 -3.35 18.15
N ALA C 54 -13.99 -4.20 18.14
CA ALA C 54 -14.72 -4.53 19.37
C ALA C 54 -13.81 -5.05 20.48
N ARG C 55 -12.74 -5.73 20.10
CA ARG C 55 -11.83 -6.31 21.09
C ARG C 55 -11.20 -5.25 22.01
N ALA C 56 -11.21 -4.00 21.57
CA ALA C 56 -10.53 -2.97 22.31
C ALA C 56 -11.49 -2.01 22.99
N ILE C 57 -12.79 -2.21 22.84
CA ILE C 57 -13.72 -1.21 23.34
C ILE C 57 -13.74 -1.09 24.85
N ALA C 58 -13.60 -2.19 25.58
CA ALA C 58 -13.71 -2.13 27.04
C ALA C 58 -12.64 -1.23 27.63
N ASP C 59 -11.41 -1.36 27.15
CA ASP C 59 -10.34 -0.47 27.59
C ASP C 59 -10.60 0.98 27.18
N MET C 60 -11.10 1.18 25.96
CA MET C 60 -11.33 2.53 25.43
C MET C 60 -12.45 3.25 26.19
N ALA C 61 -13.49 2.50 26.55
CA ALA C 61 -14.62 3.06 27.27
C ALA C 61 -14.21 3.59 28.64
N VAL C 62 -13.28 2.90 29.29
CA VAL C 62 -12.84 3.29 30.61
C VAL C 62 -11.78 4.39 30.56
N ASN C 63 -10.76 4.19 29.72
CA ASN C 63 -9.61 5.09 29.69
C ASN C 63 -9.68 6.17 28.61
N GLY C 64 -10.57 5.98 27.64
CA GLY C 64 -10.73 6.92 26.53
C GLY C 64 -9.77 6.60 25.39
N ALA C 65 -10.13 7.07 24.19
CA ALA C 65 -9.27 7.00 23.02
C ALA C 65 -8.36 8.24 22.96
N GLY C 66 -7.07 8.02 22.66
CA GLY C 66 -6.11 9.12 22.70
C GLY C 66 -5.97 9.87 21.39
N PHE C 67 -5.80 11.19 21.45
CA PHE C 67 -5.61 12.02 20.26
C PHE C 67 -4.63 13.17 20.56
N ALA C 68 -3.91 13.62 19.54
CA ALA C 68 -3.14 14.86 19.65
C ALA C 68 -4.05 16.05 19.39
N GLY C 69 -4.51 16.68 20.46
CA GLY C 69 -5.49 17.76 20.40
C GLY C 69 -5.23 18.91 19.44
N PHE C 70 -3.96 19.25 19.23
CA PHE C 70 -3.62 20.34 18.33
C PHE C 70 -4.02 20.05 16.89
N ALA C 71 -4.14 18.76 16.56
CA ALA C 71 -4.47 18.35 15.20
C ALA C 71 -5.94 18.53 14.86
N ALA C 72 -6.77 18.79 15.87
CA ALA C 72 -8.19 19.16 15.67
C ALA C 72 -8.37 20.61 16.05
N TRP C 73 -9.56 21.16 15.84
CA TRP C 73 -9.82 22.54 16.24
C TRP C 73 -10.16 22.64 17.73
N LEU C 74 -9.12 22.59 18.57
CA LEU C 74 -9.31 22.68 20.02
C LEU C 74 -8.39 23.73 20.64
N ASP C 75 -7.57 24.36 19.81
CA ASP C 75 -6.60 25.38 20.23
C ASP C 75 -5.63 24.89 21.30
N MET C 76 -4.93 23.80 21.00
CA MET C 76 -3.89 23.29 21.89
C MET C 76 -2.50 23.52 21.29
N SER C 77 -1.52 22.75 21.76
CA SER C 77 -0.14 22.83 21.27
C SER C 77 0.35 21.44 20.92
N PRO C 78 1.19 21.33 19.89
CA PRO C 78 1.79 20.05 19.52
C PRO C 78 2.52 19.41 20.70
N ALA C 79 2.94 20.28 21.62
CA ALA C 79 3.70 19.86 22.79
C ALA C 79 2.84 19.33 23.95
N ASP C 80 1.53 19.53 23.88
CA ASP C 80 0.63 19.07 24.95
C ASP C 80 0.49 17.55 24.99
N ALA C 81 0.21 17.00 26.16
CA ALA C 81 -0.06 15.58 26.28
C ALA C 81 -1.35 15.22 25.52
N ASP C 82 -1.51 13.93 25.21
CA ASP C 82 -2.72 13.46 24.54
C ASP C 82 -3.95 13.90 25.29
N ILE C 83 -4.97 14.32 24.57
CA ILE C 83 -6.30 14.31 25.12
C ILE C 83 -6.88 12.88 25.03
N LEU C 84 -7.85 12.58 25.89
CA LEU C 84 -8.51 11.28 25.89
C LEU C 84 -10.01 11.48 25.71
N ALA C 85 -10.55 10.97 24.62
CA ALA C 85 -11.97 11.12 24.37
C ALA C 85 -12.69 9.96 25.01
N ILE C 86 -13.48 10.25 26.02
CA ILE C 86 -14.17 9.21 26.77
C ILE C 86 -15.61 9.06 26.29
N PRO C 87 -15.93 7.90 25.71
CA PRO C 87 -17.22 7.74 25.05
C PRO C 87 -18.38 7.65 26.03
N ASP C 88 -19.51 8.25 25.64
CA ASP C 88 -20.74 8.16 26.42
C ASP C 88 -21.51 6.95 25.94
N PRO C 89 -21.51 5.86 26.74
CA PRO C 89 -22.12 4.62 26.29
C PRO C 89 -23.61 4.76 25.98
N GLU C 90 -24.26 5.76 26.58
CA GLU C 90 -25.68 5.98 26.34
C GLU C 90 -25.95 6.50 24.93
N SER C 91 -24.92 7.06 24.31
CA SER C 91 -25.09 7.71 23.01
C SER C 91 -24.99 6.72 21.86
N LEU C 92 -24.72 5.45 22.18
CA LEU C 92 -24.43 4.45 21.16
C LEU C 92 -25.48 4.45 20.06
N ILE C 93 -25.01 4.51 18.83
CA ILE C 93 -25.85 4.28 17.67
C ILE C 93 -25.20 3.29 16.70
N GLN C 94 -25.86 2.17 16.46
CA GLN C 94 -25.45 1.30 15.35
C GLN C 94 -25.78 2.03 14.06
N LEU C 95 -24.76 2.30 13.24
CA LEU C 95 -25.00 2.94 11.95
C LEU C 95 -26.07 2.15 11.18
N PRO C 96 -27.24 2.75 10.97
CA PRO C 96 -28.33 1.98 10.33
C PRO C 96 -27.99 1.51 8.93
N TRP C 97 -27.11 2.22 8.23
CA TRP C 97 -26.72 1.85 6.88
C TRP C 97 -25.56 0.89 6.90
N LYS C 98 -25.01 0.68 8.10
CA LYS C 98 -23.90 -0.25 8.29
C LYS C 98 -23.87 -0.62 9.77
N PRO C 99 -24.68 -1.59 10.15
CA PRO C 99 -24.91 -1.90 11.57
C PRO C 99 -23.73 -2.58 12.26
N SER C 100 -22.74 -3.02 11.50
CA SER C 100 -21.54 -3.58 12.10
C SER C 100 -20.65 -2.51 12.80
N VAL C 101 -20.97 -1.23 12.62
CA VAL C 101 -20.21 -0.13 13.23
C VAL C 101 -21.11 0.65 14.22
N GLY C 102 -20.59 0.89 15.42
CA GLY C 102 -21.33 1.63 16.44
C GLY C 102 -20.69 2.97 16.76
N TRP C 103 -21.46 4.03 16.57
CA TRP C 103 -20.99 5.39 16.81
C TRP C 103 -21.23 5.81 18.25
N LEU C 104 -20.22 6.45 18.83
CA LEU C 104 -20.29 6.93 20.21
C LEU C 104 -19.87 8.38 20.28
N ALA C 105 -20.69 9.23 20.89
CA ALA C 105 -20.27 10.60 21.18
C ALA C 105 -19.36 10.59 22.41
N ALA C 106 -18.42 11.52 22.49
CA ALA C 106 -17.42 11.48 23.55
C ALA C 106 -17.08 12.85 24.13
N ASP C 107 -16.71 12.81 25.41
CA ASP C 107 -16.21 13.98 26.11
C ASP C 107 -14.68 13.94 26.06
N VAL C 108 -14.08 15.01 25.56
CA VAL C 108 -12.63 15.13 25.57
C VAL C 108 -12.14 15.46 26.99
N HIS C 109 -11.21 14.66 27.48
CA HIS C 109 -10.54 14.95 28.75
C HIS C 109 -9.09 15.35 28.50
N PHE C 110 -8.56 16.19 29.39
CA PHE C 110 -7.18 16.61 29.31
C PHE C 110 -6.63 16.78 30.72
N GLU C 111 -5.49 16.13 30.98
CA GLU C 111 -4.87 16.20 32.28
C GLU C 111 -5.83 15.76 33.41
N GLY C 112 -6.64 14.75 33.12
CA GLY C 112 -7.50 14.15 34.12
C GLY C 112 -8.90 14.72 34.31
N ARG C 113 -9.20 15.84 33.65
CA ARG C 113 -10.52 16.48 33.78
C ARG C 113 -11.12 16.75 32.41
N PRO C 114 -12.45 16.84 32.34
CA PRO C 114 -13.10 17.30 31.10
C PRO C 114 -12.47 18.60 30.62
N PHE C 115 -12.24 18.67 29.31
CA PHE C 115 -11.53 19.80 28.71
C PHE C 115 -12.53 20.88 28.32
N PRO C 116 -12.43 22.07 28.95
CA PRO C 116 -13.41 23.14 28.77
C PRO C 116 -13.47 23.71 27.36
N LYS C 117 -12.45 23.46 26.53
CA LYS C 117 -12.48 23.94 25.15
C LYS C 117 -13.30 23.01 24.24
N ALA C 118 -13.56 21.79 24.70
CA ALA C 118 -14.35 20.85 23.90
C ALA C 118 -15.83 21.22 24.00
N PRO C 119 -16.47 21.39 22.84
CA PRO C 119 -17.88 21.80 22.76
C PRO C 119 -18.85 20.96 23.59
N ARG C 120 -18.74 19.63 23.56
CA ARG C 120 -19.69 18.80 24.29
C ARG C 120 -19.51 19.01 25.80
N VAL C 121 -18.27 19.21 26.23
CA VAL C 121 -17.98 19.51 27.64
C VAL C 121 -18.52 20.90 28.02
N ALA C 122 -18.29 21.90 27.18
CA ALA C 122 -18.81 23.24 27.44
C ALA C 122 -20.32 23.19 27.62
N LEU C 123 -21.00 22.50 26.72
CA LEU C 123 -22.46 22.38 26.82
C LEU C 123 -22.85 21.72 28.13
N LYS C 124 -22.19 20.62 28.49
CA LYS C 124 -22.56 19.91 29.71
C LYS C 124 -22.41 20.77 30.96
N SER C 125 -21.40 21.63 30.98
CA SER C 125 -21.17 22.54 32.11
C SER C 125 -22.33 23.51 32.31
N VAL C 126 -22.81 24.11 31.23
CA VAL C 126 -23.94 25.03 31.31
C VAL C 126 -25.20 24.28 31.69
N LEU C 127 -25.34 23.06 31.17
CA LEU C 127 -26.50 22.25 31.51
C LEU C 127 -26.54 21.96 33.01
N ALA C 128 -25.39 21.63 33.58
CA ALA C 128 -25.30 21.35 35.02
C ALA C 128 -25.65 22.56 35.88
N ARG C 129 -25.18 23.75 35.49
CA ARG C 129 -25.53 24.97 36.19
C ARG C 129 -27.04 25.15 36.23
N ALA C 130 -27.67 25.11 35.05
CA ALA C 130 -29.12 25.23 34.95
C ALA C 130 -29.84 24.15 35.76
N ALA C 131 -29.37 22.92 35.65
CA ALA C 131 -29.98 21.80 36.35
C ALA C 131 -29.94 21.99 37.86
N GLY C 132 -28.92 22.68 38.34
CA GLY C 132 -28.79 22.96 39.75
C GLY C 132 -29.84 23.92 40.25
N LYS C 133 -30.53 24.59 39.32
CA LYS C 133 -31.62 25.50 39.66
C LYS C 133 -32.96 24.90 39.23
N ASP C 134 -32.96 23.58 39.06
CA ASP C 134 -34.12 22.84 38.57
C ASP C 134 -34.67 23.39 37.25
N MET C 135 -33.78 23.78 36.33
CA MET C 135 -34.18 24.18 34.98
C MET C 135 -33.44 23.36 33.93
N HIS C 136 -34.20 22.63 33.10
CA HIS C 136 -33.61 21.71 32.12
C HIS C 136 -33.96 22.11 30.68
N LEU C 137 -32.95 22.53 29.92
CA LEU C 137 -33.16 22.90 28.52
C LEU C 137 -33.55 21.69 27.67
N LYS C 138 -34.69 21.77 26.99
CA LYS C 138 -35.03 20.84 25.93
C LYS C 138 -35.13 21.62 24.63
N HIS C 139 -34.56 21.07 23.55
CA HIS C 139 -34.67 21.71 22.23
C HIS C 139 -34.81 20.74 21.08
N GLY C 140 -35.35 21.26 19.99
CA GLY C 140 -35.41 20.57 18.72
C GLY C 140 -34.67 21.40 17.69
N VAL C 141 -34.04 20.74 16.73
CA VAL C 141 -33.28 21.44 15.68
C VAL C 141 -33.88 21.19 14.30
N GLU C 142 -33.85 22.21 13.45
CA GLU C 142 -34.29 22.07 12.07
C GLU C 142 -33.12 22.19 11.11
N CYS C 143 -32.47 21.07 10.82
CA CYS C 143 -31.24 21.06 10.06
C CYS C 143 -31.50 21.01 8.56
N GLU C 144 -31.87 22.15 7.98
CA GLU C 144 -32.08 22.19 6.55
C GLU C 144 -30.75 21.94 5.85
N PHE C 145 -30.80 21.33 4.68
CA PHE C 145 -29.62 21.01 3.88
C PHE C 145 -30.00 21.02 2.39
N PHE C 146 -29.00 21.12 1.52
CA PHE C 146 -29.20 21.01 0.08
C PHE C 146 -28.63 19.69 -0.35
N LEU C 147 -29.24 19.07 -1.36
CA LEU C 147 -28.62 17.96 -2.05
C LEU C 147 -28.00 18.48 -3.36
N ILE C 148 -26.70 18.26 -3.51
CA ILE C 148 -25.94 18.83 -4.62
C ILE C 148 -25.12 17.78 -5.35
N GLN C 149 -24.62 18.14 -6.53
CA GLN C 149 -23.68 17.28 -7.26
C GLN C 149 -22.47 17.03 -6.38
N PRO C 150 -21.87 15.84 -6.47
CA PRO C 150 -20.64 15.58 -5.73
C PRO C 150 -19.54 16.64 -5.92
N ASP C 151 -19.48 17.29 -7.08
CA ASP C 151 -18.41 18.27 -7.29
C ASP C 151 -18.72 19.65 -6.72
N GLY C 152 -19.92 19.83 -6.18
CA GLY C 152 -20.33 21.11 -5.61
C GLY C 152 -20.78 22.14 -6.63
N SER C 153 -20.85 21.76 -7.90
CA SER C 153 -21.12 22.74 -8.96
C SER C 153 -22.59 23.18 -9.03
N ALA C 154 -23.50 22.29 -8.64
CA ALA C 154 -24.92 22.54 -8.81
C ALA C 154 -25.72 21.65 -7.86
N ILE C 155 -27.01 21.94 -7.72
CA ILE C 155 -27.88 21.08 -6.93
C ILE C 155 -28.05 19.75 -7.65
N SER C 156 -28.43 18.72 -6.92
CA SER C 156 -28.47 17.37 -7.50
C SER C 156 -29.56 17.19 -8.56
N ASP C 157 -30.59 18.03 -8.56
CA ASP C 157 -31.75 17.83 -9.44
C ASP C 157 -31.95 18.96 -10.46
N PRO C 158 -31.47 18.74 -11.70
CA PRO C 158 -31.55 19.72 -12.80
C PRO C 158 -32.99 20.07 -13.17
N ALA C 159 -33.98 19.26 -12.76
CA ALA C 159 -35.37 19.60 -13.05
C ALA C 159 -36.05 20.47 -11.97
N ASP C 160 -35.33 20.74 -10.88
CA ASP C 160 -35.85 21.54 -9.79
C ASP C 160 -35.45 22.99 -10.04
N THR C 161 -36.31 23.73 -10.73
CA THR C 161 -35.96 25.05 -11.26
C THR C 161 -36.96 26.17 -10.98
N GLN C 162 -38.18 25.84 -10.59
CA GLN C 162 -39.23 26.86 -10.49
C GLN C 162 -38.94 27.93 -9.43
N ALA C 163 -39.50 29.11 -9.62
CA ALA C 163 -39.22 30.24 -8.74
C ALA C 163 -39.65 30.02 -7.29
N LYS C 164 -40.81 29.36 -7.11
CA LYS C 164 -41.25 29.01 -5.77
C LYS C 164 -41.32 27.49 -5.61
N PRO C 165 -40.22 26.87 -5.18
CA PRO C 165 -40.15 25.41 -5.13
C PRO C 165 -40.51 24.79 -3.77
N CYS C 166 -40.84 25.60 -2.78
CA CYS C 166 -41.09 25.09 -1.44
C CYS C 166 -42.20 24.05 -1.40
N TYR C 167 -41.93 22.93 -0.74
CA TYR C 167 -42.91 21.87 -0.59
C TYR C 167 -43.29 21.21 -1.92
N ASP C 168 -42.43 21.39 -2.92
CA ASP C 168 -42.70 20.82 -4.23
C ASP C 168 -42.80 19.30 -4.13
N GLN C 169 -43.96 18.77 -4.50
CA GLN C 169 -44.23 17.35 -4.42
C GLN C 169 -43.39 16.55 -5.43
N ASP C 170 -43.30 17.07 -6.65
CA ASP C 170 -42.52 16.41 -7.70
C ASP C 170 -41.08 16.24 -7.27
N ALA C 171 -40.44 17.35 -6.90
CA ALA C 171 -39.02 17.34 -6.58
C ALA C 171 -38.74 16.58 -5.29
N LEU C 172 -39.67 16.64 -4.34
CA LEU C 172 -39.55 15.84 -3.13
C LEU C 172 -39.55 14.38 -3.50
N MET C 173 -40.51 13.94 -4.31
CA MET C 173 -40.60 12.52 -4.64
C MET C 173 -39.46 12.08 -5.55
N ARG C 174 -38.91 13.00 -6.32
CA ARG C 174 -37.76 12.65 -7.13
C ARG C 174 -36.54 12.25 -6.26
N ARG C 175 -36.53 12.68 -5.00
CA ARG C 175 -35.49 12.25 -4.06
C ARG C 175 -36.05 11.40 -2.94
N PHE C 176 -37.21 10.78 -3.19
CA PHE C 176 -37.83 9.89 -2.20
C PHE C 176 -36.85 8.88 -1.60
N ASP C 177 -36.09 8.19 -2.45
CA ASP C 177 -35.26 7.09 -1.99
C ASP C 177 -34.28 7.52 -0.91
N VAL C 178 -33.60 8.65 -1.12
CA VAL C 178 -32.68 9.17 -0.11
C VAL C 178 -33.42 9.62 1.15
N ILE C 179 -34.46 10.44 0.96
CA ILE C 179 -35.19 10.99 2.09
C ILE C 179 -35.84 9.89 2.94
N ALA C 180 -36.58 8.99 2.31
CA ALA C 180 -37.28 7.93 3.00
C ALA C 180 -36.33 7.02 3.77
N GLU C 181 -35.18 6.72 3.16
CA GLU C 181 -34.18 5.89 3.81
C GLU C 181 -33.74 6.51 5.13
N ILE C 182 -33.34 7.78 5.07
CA ILE C 182 -32.93 8.48 6.27
C ILE C 182 -34.07 8.60 7.29
N CYS C 183 -35.27 8.93 6.83
CA CYS C 183 -36.40 9.03 7.76
C CYS C 183 -36.67 7.70 8.47
N SER C 184 -36.58 6.60 7.73
CA SER C 184 -36.80 5.27 8.30
C SER C 184 -35.75 4.93 9.32
N TYR C 185 -34.53 5.39 9.09
CA TYR C 185 -33.47 5.22 10.07
C TYR C 185 -33.86 5.92 11.36
N MET C 186 -34.33 7.16 11.25
CA MET C 186 -34.72 7.92 12.43
C MET C 186 -35.91 7.26 13.13
N VAL C 187 -36.84 6.70 12.38
CA VAL C 187 -37.89 5.92 13.01
C VAL C 187 -37.27 4.81 13.86
N ASP C 188 -36.39 4.03 13.24
CA ASP C 188 -35.81 2.86 13.90
C ASP C 188 -34.97 3.26 15.11
N LEU C 189 -34.36 4.44 15.05
CA LEU C 189 -33.52 4.91 16.16
C LEU C 189 -34.33 5.49 17.29
N GLY C 190 -35.63 5.68 17.07
CA GLY C 190 -36.50 6.20 18.12
C GLY C 190 -36.43 7.71 18.29
N TRP C 191 -36.12 8.44 17.23
CA TRP C 191 -36.02 9.89 17.35
C TRP C 191 -37.39 10.57 17.23
N GLY C 192 -38.42 9.81 16.89
CA GLY C 192 -39.71 10.40 16.63
C GLY C 192 -39.71 11.40 15.47
N PRO C 193 -39.23 10.98 14.29
CA PRO C 193 -39.36 11.86 13.12
C PRO C 193 -40.83 11.93 12.71
N TYR C 194 -41.26 13.07 12.17
CA TYR C 194 -42.68 13.23 11.89
C TYR C 194 -42.97 13.92 10.55
N GLN C 195 -41.94 14.45 9.89
CA GLN C 195 -42.16 15.08 8.59
C GLN C 195 -40.89 15.34 7.78
N ASN C 196 -41.04 15.26 6.46
CA ASN C 196 -39.98 15.61 5.53
C ASN C 196 -40.57 16.48 4.44
N ASP C 197 -39.85 17.50 4.01
CA ASP C 197 -40.28 18.15 2.77
C ASP C 197 -39.15 18.82 1.99
N HIS C 198 -39.50 19.18 0.75
CA HIS C 198 -38.66 20.07 -0.03
C HIS C 198 -38.76 21.47 0.61
N GLU C 199 -37.63 22.10 0.84
CA GLU C 199 -37.65 23.46 1.37
C GLU C 199 -37.69 24.55 0.29
N ASP C 200 -37.48 25.79 0.71
CA ASP C 200 -37.80 26.97 -0.09
C ASP C 200 -36.83 27.29 -1.23
N ALA C 201 -35.60 26.79 -1.13
CA ALA C 201 -34.64 26.90 -2.22
C ALA C 201 -34.69 25.66 -3.08
N ASN C 202 -34.52 25.83 -4.38
CA ASN C 202 -34.29 24.68 -5.25
C ASN C 202 -33.18 23.80 -4.67
N GLY C 203 -33.43 22.50 -4.60
CA GLY C 203 -32.40 21.58 -4.16
C GLY C 203 -32.34 21.39 -2.66
N GLN C 204 -33.22 22.04 -1.91
CA GLN C 204 -33.11 22.05 -0.46
C GLN C 204 -34.21 21.27 0.23
N PHE C 205 -33.86 20.64 1.35
CA PHE C 205 -34.77 19.74 2.05
C PHE C 205 -34.73 19.95 3.56
N GLU C 206 -35.73 19.43 4.24
CA GLU C 206 -35.74 19.41 5.70
C GLU C 206 -36.43 18.15 6.20
N MET C 207 -35.88 17.59 7.29
CA MET C 207 -36.45 16.42 7.93
C MET C 207 -36.51 16.72 9.43
N ASN C 208 -37.70 16.63 10.01
CA ASN C 208 -37.88 17.00 11.42
C ASN C 208 -38.09 15.82 12.32
N TRP C 209 -37.62 15.94 13.56
CA TRP C 209 -37.81 14.90 14.58
C TRP C 209 -38.02 15.53 15.96
N ASP C 210 -38.53 14.72 16.90
CA ASP C 210 -38.93 15.21 18.21
C ASP C 210 -37.79 15.87 18.96
N TYR C 211 -38.09 16.98 19.62
CA TYR C 211 -37.16 17.59 20.57
C TYR C 211 -36.88 16.65 21.74
N ALA C 212 -35.92 17.04 22.56
CA ALA C 212 -35.44 16.18 23.64
C ALA C 212 -34.53 16.99 24.54
N ASP C 213 -34.07 16.37 25.63
CA ASP C 213 -33.07 17.01 26.48
C ASP C 213 -31.94 17.55 25.61
N ALA C 214 -31.43 18.73 25.95
CA ALA C 214 -30.45 19.39 25.10
C ALA C 214 -29.29 18.47 24.70
N LEU C 215 -28.79 17.68 25.64
CA LEU C 215 -27.66 16.83 25.32
C LEU C 215 -28.04 15.75 24.31
N VAL C 216 -29.26 15.22 24.43
CA VAL C 216 -29.72 14.19 23.52
C VAL C 216 -29.84 14.75 22.11
N THR C 217 -30.45 15.93 22.00
CA THR C 217 -30.62 16.60 20.71
C THR C 217 -29.27 16.95 20.09
N ALA C 218 -28.33 17.44 20.90
CA ALA C 218 -26.99 17.80 20.44
C ALA C 218 -26.27 16.59 19.85
N ASP C 219 -26.27 15.48 20.58
CA ASP C 219 -25.74 14.21 20.05
C ASP C 219 -26.45 13.80 18.75
N ARG C 220 -27.78 13.81 18.77
CA ARG C 220 -28.54 13.45 17.57
C ARG C 220 -28.19 14.38 16.41
N HIS C 221 -28.13 15.67 16.70
CA HIS C 221 -27.78 16.70 15.72
C HIS C 221 -26.42 16.43 15.06
N ALA C 222 -25.41 16.13 15.88
CA ALA C 222 -24.09 15.75 15.37
C ALA C 222 -24.18 14.50 14.48
N PHE C 223 -24.93 13.50 14.95
CA PHE C 223 -25.04 12.26 14.20
C PHE C 223 -25.82 12.49 12.92
N PHE C 224 -26.88 13.27 13.00
CA PHE C 224 -27.75 13.49 11.84
C PHE C 224 -26.96 13.99 10.64
N LYS C 225 -26.11 14.99 10.83
CA LYS C 225 -25.35 15.58 9.74
C LYS C 225 -24.48 14.51 9.10
N PHE C 226 -23.82 13.73 9.95
CA PHE C 226 -22.99 12.63 9.49
C PHE C 226 -23.81 11.59 8.72
N MET C 227 -25.01 11.33 9.21
CA MET C 227 -25.85 10.34 8.54
C MET C 227 -26.28 10.85 7.17
N VAL C 228 -26.78 12.08 7.11
CA VAL C 228 -27.24 12.64 5.84
C VAL C 228 -26.12 12.70 4.78
N LYS C 229 -24.93 13.13 5.18
CA LYS C 229 -23.81 13.22 4.26
C LYS C 229 -23.44 11.83 3.76
N SER C 230 -23.47 10.85 4.66
CA SER C 230 -23.06 9.47 4.36
C SER C 230 -24.05 8.79 3.41
N VAL C 231 -25.33 8.94 3.66
CA VAL C 231 -26.34 8.31 2.84
C VAL C 231 -26.40 9.00 1.46
N ALA C 232 -26.33 10.33 1.46
CA ALA C 232 -26.27 11.08 0.21
C ALA C 232 -25.15 10.53 -0.67
N GLU C 233 -23.97 10.35 -0.09
CA GLU C 233 -22.84 9.79 -0.83
C GLU C 233 -23.14 8.41 -1.41
N ARG C 234 -23.81 7.57 -0.64
CA ARG C 234 -24.10 6.21 -1.09
C ARG C 234 -25.01 6.23 -2.31
N HIS C 235 -25.77 7.31 -2.47
CA HIS C 235 -26.67 7.47 -3.60
C HIS C 235 -26.01 8.28 -4.72
N GLY C 236 -24.71 8.53 -4.59
CA GLY C 236 -24.00 9.31 -5.58
C GLY C 236 -24.34 10.79 -5.54
N LEU C 237 -24.95 11.23 -4.43
CA LEU C 237 -25.24 12.64 -4.22
C LEU C 237 -24.33 13.25 -3.16
N ARG C 238 -24.55 14.52 -2.84
CA ARG C 238 -23.78 15.17 -1.79
C ARG C 238 -24.68 16.08 -0.96
N ALA C 239 -24.51 16.08 0.35
CA ALA C 239 -25.29 16.96 1.19
C ALA C 239 -24.45 18.12 1.74
N THR C 240 -25.02 19.31 1.76
CA THR C 240 -24.35 20.44 2.37
C THR C 240 -25.28 21.22 3.29
N PHE C 241 -24.72 21.60 4.45
CA PHE C 241 -25.42 22.42 5.41
C PHE C 241 -24.91 23.86 5.35
N MET C 242 -24.12 24.17 4.33
CA MET C 242 -23.61 25.53 4.13
C MET C 242 -24.72 26.59 4.27
N PRO C 243 -24.46 27.66 5.04
CA PRO C 243 -25.51 28.65 5.30
C PRO C 243 -26.11 29.29 4.04
N LYS C 244 -25.28 29.67 3.08
CA LYS C 244 -25.76 30.37 1.90
C LYS C 244 -24.96 29.90 0.67
N PRO C 245 -25.33 28.72 0.13
CA PRO C 245 -24.56 28.14 -0.97
C PRO C 245 -24.85 28.78 -2.31
N PHE C 246 -25.94 29.54 -2.42
CA PHE C 246 -26.32 30.16 -3.68
C PHE C 246 -26.82 31.57 -3.39
N ALA C 247 -26.31 32.55 -4.12
CA ALA C 247 -26.53 33.94 -3.77
C ALA C 247 -27.99 34.37 -3.82
N HIS C 248 -28.76 33.74 -4.71
CA HIS C 248 -30.09 34.23 -5.04
C HIS C 248 -31.20 33.35 -4.46
N LEU C 249 -30.80 32.31 -3.72
CA LEU C 249 -31.74 31.37 -3.15
C LEU C 249 -31.72 31.41 -1.63
N THR C 250 -32.79 30.94 -1.01
CA THR C 250 -32.87 30.84 0.42
C THR C 250 -31.70 30.02 0.96
N GLY C 251 -31.22 30.37 2.14
CA GLY C 251 -30.09 29.68 2.73
C GLY C 251 -30.50 28.55 3.66
N ASN C 252 -29.50 27.88 4.25
CA ASN C 252 -29.75 26.80 5.20
C ASN C 252 -29.81 27.35 6.62
N GLY C 253 -31.00 27.33 7.22
CA GLY C 253 -31.13 27.69 8.62
C GLY C 253 -30.88 26.47 9.51
N CYS C 254 -30.73 26.70 10.81
CA CYS C 254 -30.86 25.63 11.80
C CYS C 254 -31.62 26.18 13.00
N HIS C 255 -32.90 26.46 12.83
CA HIS C 255 -33.73 27.05 13.88
C HIS C 255 -33.73 26.11 15.07
N THR C 256 -33.73 26.66 16.27
CA THR C 256 -33.89 25.85 17.45
C THR C 256 -35.14 26.25 18.21
N HIS C 257 -36.01 25.27 18.46
CA HIS C 257 -37.17 25.45 19.31
C HIS C 257 -36.74 25.10 20.73
N LEU C 258 -37.10 25.96 21.68
CA LEU C 258 -36.52 25.94 23.02
C LEU C 258 -37.58 25.94 24.12
N SER C 259 -37.41 25.10 25.13
CA SER C 259 -38.25 25.17 26.32
C SER C 259 -37.47 24.74 27.55
N MET C 260 -37.89 25.23 28.72
CA MET C 260 -37.22 24.93 29.98
C MET C 260 -38.16 24.13 30.91
N TRP C 261 -37.66 23.02 31.42
CA TRP C 261 -38.45 22.09 32.21
C TRP C 261 -37.88 21.85 33.61
N THR C 262 -38.77 21.59 34.57
CA THR C 262 -38.38 21.15 35.90
C THR C 262 -38.15 19.66 35.85
N ALA C 263 -37.48 19.13 36.85
CA ALA C 263 -37.23 17.69 36.92
C ALA C 263 -38.53 16.89 36.99
N ALA C 264 -39.56 17.49 37.57
CA ALA C 264 -40.84 16.81 37.75
C ALA C 264 -41.66 16.73 36.47
N GLY C 265 -41.18 17.41 35.42
CA GLY C 265 -41.81 17.29 34.12
C GLY C 265 -42.73 18.41 33.71
N ASP C 266 -42.56 19.59 34.32
CA ASP C 266 -43.34 20.77 33.94
C ASP C 266 -42.57 21.72 33.03
N ASN C 267 -43.25 22.25 32.02
CA ASN C 267 -42.67 23.22 31.11
C ASN C 267 -42.82 24.64 31.66
N LEU C 268 -41.71 25.19 32.12
CA LEU C 268 -41.69 26.53 32.72
C LEU C 268 -42.07 27.64 31.75
N PHE C 269 -41.94 27.40 30.44
CA PHE C 269 -42.30 28.41 29.45
C PHE C 269 -43.81 28.47 29.29
N GLU C 270 -44.48 27.37 29.62
CA GLU C 270 -45.94 27.32 29.56
C GLU C 270 -46.56 28.31 30.54
N GLY C 271 -47.39 29.22 30.05
CA GLY C 271 -47.91 30.28 30.91
C GLY C 271 -49.21 30.97 30.54
N ASP C 272 -49.52 32.03 31.27
CA ASP C 272 -50.78 32.74 31.10
C ASP C 272 -50.59 34.12 30.46
N GLY C 273 -49.34 34.44 30.13
CA GLY C 273 -49.03 35.71 29.49
C GLY C 273 -49.37 35.68 28.00
N GLU C 274 -48.88 36.66 27.26
CA GLU C 274 -49.14 36.75 25.83
C GLU C 274 -48.75 35.46 25.11
N LEU C 275 -49.65 34.99 24.26
CA LEU C 275 -49.38 33.88 23.35
C LEU C 275 -49.06 32.57 24.08
N GLY C 276 -49.61 32.41 25.29
CA GLY C 276 -49.40 31.19 26.06
C GLY C 276 -48.03 31.03 26.68
N LEU C 277 -47.32 32.13 26.89
CA LEU C 277 -45.98 32.10 27.47
C LEU C 277 -45.96 32.67 28.90
N SER C 278 -45.06 32.15 29.72
CA SER C 278 -44.89 32.56 31.11
C SER C 278 -43.86 33.69 31.27
N PRO C 279 -43.84 34.36 32.43
CA PRO C 279 -42.81 35.39 32.62
C PRO C 279 -41.41 34.80 32.53
N THR C 280 -41.26 33.56 32.96
CA THR C 280 -39.98 32.87 32.83
C THR C 280 -39.56 32.76 31.34
N ALA C 281 -40.49 32.34 30.49
CA ALA C 281 -40.23 32.29 29.06
C ALA C 281 -39.78 33.65 28.53
N TYR C 282 -40.47 34.72 28.92
CA TYR C 282 -40.16 36.07 28.43
C TYR C 282 -38.89 36.66 28.98
N ALA C 283 -38.51 36.25 30.19
CA ALA C 283 -37.22 36.65 30.73
C ALA C 283 -36.09 35.91 29.98
N PHE C 284 -36.32 34.65 29.66
CA PHE C 284 -35.39 33.87 28.85
C PHE C 284 -35.22 34.56 27.49
N LEU C 285 -36.34 34.88 26.83
CA LEU C 285 -36.33 35.66 25.60
C LEU C 285 -35.55 36.97 25.77
N GLY C 286 -35.69 37.57 26.94
CA GLY C 286 -34.97 38.79 27.24
C GLY C 286 -33.47 38.58 27.21
N GLY C 287 -33.03 37.41 27.67
CA GLY C 287 -31.63 37.04 27.58
C GLY C 287 -31.17 36.88 26.14
N LEU C 288 -31.99 36.21 25.33
CA LEU C 288 -31.73 36.05 23.91
C LEU C 288 -31.58 37.39 23.21
N ILE C 289 -32.54 38.29 23.44
CA ILE C 289 -32.48 39.62 22.86
C ILE C 289 -31.25 40.39 23.34
N GLY C 290 -31.01 40.38 24.66
CA GLY C 290 -29.92 41.15 25.23
C GLY C 290 -28.56 40.70 24.76
N HIS C 291 -28.40 39.39 24.57
CA HIS C 291 -27.09 38.86 24.22
C HIS C 291 -26.97 38.51 22.75
N ALA C 292 -27.90 39.02 21.95
CA ALA C 292 -28.01 38.60 20.55
C ALA C 292 -26.75 38.83 19.75
N LYS C 293 -26.06 39.94 20.02
CA LYS C 293 -24.89 40.31 19.23
C LYS C 293 -23.80 39.25 19.38
N GLY C 294 -23.44 38.95 20.62
CA GLY C 294 -22.42 37.94 20.89
C GLY C 294 -22.90 36.55 20.50
N LEU C 295 -24.19 36.29 20.69
CA LEU C 295 -24.75 34.99 20.39
C LEU C 295 -24.62 34.70 18.89
N THR C 296 -24.69 35.75 18.07
CA THR C 296 -24.60 35.62 16.62
C THR C 296 -23.26 35.00 16.19
N ALA C 297 -22.20 35.35 16.89
CA ALA C 297 -20.89 34.82 16.56
C ALA C 297 -20.91 33.30 16.67
N VAL C 298 -21.58 32.77 17.69
CA VAL C 298 -21.56 31.32 17.89
C VAL C 298 -22.47 30.58 16.92
N VAL C 299 -23.71 31.05 16.79
CA VAL C 299 -24.71 30.34 16.01
C VAL C 299 -24.69 30.72 14.53
N ASN C 300 -23.89 31.72 14.18
CA ASN C 300 -23.61 32.07 12.78
C ASN C 300 -22.09 32.14 12.61
N PRO C 301 -21.43 30.98 12.71
CA PRO C 301 -19.99 31.00 12.99
C PRO C 301 -19.07 31.13 11.77
N THR C 302 -19.59 31.30 10.56
CA THR C 302 -18.72 31.37 9.37
C THR C 302 -18.86 32.71 8.67
N VAL C 303 -17.85 33.11 7.90
CA VAL C 303 -17.95 34.28 7.03
C VAL C 303 -19.26 34.22 6.25
N ASN C 304 -19.48 33.06 5.63
CA ASN C 304 -20.63 32.82 4.79
C ASN C 304 -21.97 32.98 5.51
N SER C 305 -21.96 32.85 6.84
CA SER C 305 -23.20 32.98 7.63
C SER C 305 -23.83 34.32 7.38
N TYR C 306 -23.00 35.32 7.15
CA TYR C 306 -23.43 36.72 7.09
C TYR C 306 -24.00 37.09 5.72
N LYS C 307 -23.97 36.13 4.81
CA LYS C 307 -24.67 36.25 3.54
C LYS C 307 -26.06 35.64 3.60
N ARG C 308 -26.32 34.82 4.63
CA ARG C 308 -27.68 34.35 4.89
C ARG C 308 -28.51 35.39 5.67
N LEU C 309 -27.91 35.95 6.72
CA LEU C 309 -28.51 37.05 7.47
C LEU C 309 -28.51 38.32 6.62
N ASN C 310 -29.54 39.14 6.77
CA ASN C 310 -29.63 40.40 6.02
C ASN C 310 -29.38 40.22 4.53
N ALA C 311 -29.99 39.20 3.95
CA ALA C 311 -29.75 38.87 2.56
C ALA C 311 -30.73 39.63 1.67
N PRO C 312 -30.32 39.96 0.45
CA PRO C 312 -31.27 40.58 -0.46
C PRO C 312 -32.35 39.57 -0.81
N VAL C 313 -33.52 40.04 -1.27
CA VAL C 313 -34.64 39.13 -1.49
C VAL C 313 -34.28 38.05 -2.52
N THR C 314 -34.75 36.82 -2.28
CA THR C 314 -34.44 35.66 -3.10
C THR C 314 -35.46 35.51 -4.21
N VAL C 315 -35.25 34.56 -5.12
CA VAL C 315 -36.20 34.35 -6.21
C VAL C 315 -37.57 33.88 -5.71
N SER C 316 -37.60 33.26 -4.53
CA SER C 316 -38.85 32.74 -3.97
C SER C 316 -39.66 33.82 -3.25
N GLY C 317 -39.09 35.00 -3.07
CA GLY C 317 -39.83 36.13 -2.51
C GLY C 317 -39.50 36.50 -1.07
N ALA C 318 -38.74 35.66 -0.37
CA ALA C 318 -38.29 35.99 0.97
C ALA C 318 -37.09 35.18 1.37
N THR C 319 -36.27 35.76 2.25
CA THR C 319 -35.09 35.07 2.74
C THR C 319 -35.45 34.15 3.88
N TRP C 320 -36.49 34.48 4.64
CA TRP C 320 -36.92 33.69 5.79
C TRP C 320 -35.92 33.65 6.94
N SER C 321 -34.88 34.47 6.87
CA SER C 321 -33.87 34.53 7.91
C SER C 321 -33.92 35.86 8.62
N PRO C 322 -33.38 35.93 9.84
CA PRO C 322 -33.42 37.17 10.62
C PRO C 322 -32.52 38.26 10.06
N ASN C 323 -33.00 39.50 10.17
CA ASN C 323 -32.23 40.67 9.82
C ASN C 323 -31.93 41.48 11.09
N THR C 324 -32.84 41.39 12.07
CA THR C 324 -32.83 42.29 13.21
C THR C 324 -32.97 41.55 14.54
N ILE C 325 -32.65 42.25 15.61
CA ILE C 325 -32.72 41.71 16.94
C ILE C 325 -34.11 41.98 17.50
N THR C 326 -35.08 41.19 17.05
CA THR C 326 -36.48 41.42 17.37
C THR C 326 -37.20 40.10 17.46
N TYR C 327 -38.42 40.12 17.98
CA TYR C 327 -39.24 38.93 18.00
C TYR C 327 -40.68 39.26 17.61
N GLY C 328 -41.37 38.28 17.05
CA GLY C 328 -42.77 38.40 16.71
C GLY C 328 -43.57 37.25 17.31
N GLY C 329 -44.82 37.12 16.88
CA GLY C 329 -45.64 35.98 17.26
C GLY C 329 -45.31 34.80 16.36
N ASN C 330 -46.35 34.14 15.85
CA ASN C 330 -46.13 33.12 14.84
C ASN C 330 -45.78 33.82 13.52
N ASN C 331 -44.54 34.25 13.43
CA ASN C 331 -44.11 35.23 12.43
C ASN C 331 -42.65 34.92 12.08
N ARG C 332 -42.40 34.53 10.83
CA ARG C 332 -41.09 34.00 10.47
C ARG C 332 -40.10 35.06 10.01
N THR C 333 -40.38 36.34 10.23
CA THR C 333 -39.50 37.40 9.75
C THR C 333 -38.63 38.00 10.84
N HIS C 334 -38.56 37.35 12.00
CA HIS C 334 -37.82 37.89 13.14
C HIS C 334 -36.70 37.00 13.62
N MET C 335 -35.87 37.52 14.51
CA MET C 335 -34.82 36.72 15.10
C MET C 335 -35.43 35.59 15.92
N VAL C 336 -36.53 35.91 16.60
CA VAL C 336 -37.27 34.94 17.42
C VAL C 336 -38.73 34.89 17.00
N ARG C 337 -39.24 33.69 16.87
CA ARG C 337 -40.65 33.48 16.55
C ARG C 337 -41.29 32.74 17.72
N ILE C 338 -42.54 33.05 18.01
CA ILE C 338 -43.26 32.30 19.02
C ILE C 338 -44.22 31.43 18.25
N PRO C 339 -43.89 30.14 18.12
CA PRO C 339 -44.61 29.25 17.19
C PRO C 339 -45.92 28.72 17.77
N ASP C 340 -46.00 28.69 19.09
CA ASP C 340 -47.10 28.02 19.77
C ASP C 340 -46.85 28.24 21.24
N ALA C 341 -47.83 27.94 22.09
CA ALA C 341 -47.64 28.10 23.54
C ALA C 341 -46.50 27.24 24.06
N GLY C 342 -45.73 27.79 25.01
CA GLY C 342 -44.78 27.00 25.77
C GLY C 342 -43.40 26.81 25.16
N ARG C 343 -43.10 27.54 24.09
CA ARG C 343 -41.76 27.47 23.52
C ARG C 343 -41.38 28.71 22.71
N LEU C 344 -40.08 28.86 22.48
CA LEU C 344 -39.57 29.94 21.64
C LEU C 344 -38.89 29.30 20.45
N GLU C 345 -38.94 29.96 19.30
CA GLU C 345 -38.15 29.52 18.17
C GLU C 345 -37.06 30.53 17.88
N LEU C 346 -35.81 30.15 18.12
CA LEU C 346 -34.71 31.04 17.74
C LEU C 346 -34.35 30.71 16.30
N ARG C 347 -34.59 31.65 15.40
CA ARG C 347 -34.43 31.41 13.96
C ARG C 347 -33.06 31.85 13.48
N LEU C 348 -32.25 32.35 14.41
CA LEU C 348 -30.93 32.90 14.10
C LEU C 348 -29.91 31.90 13.57
N PRO C 349 -29.77 30.72 14.21
CA PRO C 349 -28.66 29.85 13.81
C PRO C 349 -28.75 29.34 12.36
N ASP C 350 -27.61 28.98 11.78
CA ASP C 350 -27.57 28.40 10.44
C ASP C 350 -26.98 26.99 10.44
N GLY C 351 -26.91 26.37 9.27
CA GLY C 351 -26.39 25.02 9.14
C GLY C 351 -24.95 24.82 9.58
N ALA C 352 -24.18 25.89 9.75
CA ALA C 352 -22.81 25.77 10.25
C ALA C 352 -22.72 25.71 11.78
N ALA C 353 -23.81 26.07 12.46
CA ALA C 353 -23.76 26.17 13.92
C ALA C 353 -23.33 24.86 14.58
N ASN C 354 -22.40 24.96 15.53
CA ASN C 354 -21.91 23.79 16.28
C ASN C 354 -23.04 23.20 17.12
N PRO C 355 -23.30 21.90 16.99
CA PRO C 355 -24.42 21.24 17.69
C PRO C 355 -24.35 21.32 19.22
N TYR C 356 -23.17 21.61 19.78
CA TYR C 356 -23.01 21.74 21.23
C TYR C 356 -22.86 23.19 21.66
N LEU C 357 -22.01 23.95 20.98
CA LEU C 357 -21.82 25.34 21.35
C LEU C 357 -23.11 26.14 21.20
N MET C 358 -23.95 25.74 20.22
CA MET C 358 -25.19 26.45 19.94
C MET C 358 -26.18 26.39 21.12
N PRO C 359 -26.52 25.18 21.60
CA PRO C 359 -27.39 25.14 22.78
C PRO C 359 -26.69 25.74 24.00
N ALA C 360 -25.38 25.52 24.12
CA ALA C 360 -24.63 26.08 25.25
C ALA C 360 -24.72 27.60 25.26
N ALA C 361 -24.50 28.21 24.10
CA ALA C 361 -24.51 29.68 24.01
C ALA C 361 -25.91 30.24 24.26
N ILE C 362 -26.90 29.58 23.68
CA ILE C 362 -28.29 29.96 23.83
C ILE C 362 -28.70 29.86 25.30
N LEU C 363 -28.32 28.76 25.95
CA LEU C 363 -28.67 28.55 27.34
C LEU C 363 -28.04 29.60 28.25
N ALA C 364 -26.76 29.84 28.08
CA ALA C 364 -26.06 30.83 28.89
C ALA C 364 -26.81 32.17 28.81
N ALA C 365 -27.16 32.56 27.59
CA ALA C 365 -27.89 33.82 27.36
C ALA C 365 -29.29 33.80 27.99
N GLY C 366 -29.99 32.67 27.84
CA GLY C 366 -31.32 32.53 28.40
C GLY C 366 -31.31 32.52 29.92
N LEU C 367 -30.40 31.76 30.53
CA LEU C 367 -30.32 31.71 31.99
C LEU C 367 -30.09 33.10 32.55
N ASP C 368 -29.21 33.87 31.91
CA ASP C 368 -28.93 35.21 32.39
C ASP C 368 -30.15 36.11 32.26
N GLY C 369 -30.93 35.87 31.22
CA GLY C 369 -32.18 36.59 31.05
C GLY C 369 -33.12 36.31 32.20
N ILE C 370 -33.19 35.04 32.60
CA ILE C 370 -34.06 34.62 33.70
C ILE C 370 -33.58 35.18 35.03
N GLU C 371 -32.28 35.17 35.27
CA GLU C 371 -31.71 35.67 36.51
C GLU C 371 -31.84 37.18 36.65
N THR C 372 -31.77 37.92 35.55
CA THR C 372 -31.88 39.36 35.61
C THR C 372 -33.28 39.86 35.29
N GLN C 373 -34.21 38.93 35.07
CA GLN C 373 -35.56 39.29 34.64
C GLN C 373 -35.51 40.28 33.47
N ALA C 374 -34.73 39.92 32.45
CA ALA C 374 -34.57 40.73 31.25
C ALA C 374 -35.89 40.96 30.51
N ASP C 375 -36.05 42.17 30.02
CA ASP C 375 -37.22 42.57 29.26
C ASP C 375 -36.88 42.44 27.79
N PRO C 376 -37.58 41.54 27.08
CA PRO C 376 -37.32 41.29 25.66
C PRO C 376 -37.77 42.45 24.80
N GLY C 377 -38.55 43.37 25.37
CA GLY C 377 -39.03 44.51 24.63
C GLY C 377 -40.40 44.21 24.07
N GLN C 378 -40.82 44.97 23.07
CA GLN C 378 -42.15 44.79 22.48
C GLN C 378 -42.19 43.84 21.27
N ARG C 379 -43.17 42.95 21.27
CA ARG C 379 -43.41 42.07 20.13
C ARG C 379 -43.79 42.85 18.89
N LEU C 380 -43.20 42.50 17.76
CA LEU C 380 -43.50 43.18 16.49
C LEU C 380 -44.33 42.29 15.53
N ASP C 381 -45.61 42.59 15.38
CA ASP C 381 -46.47 41.80 14.50
C ASP C 381 -46.45 42.31 13.06
N ILE C 382 -45.26 42.62 12.55
CA ILE C 382 -45.14 43.07 11.19
C ILE C 382 -44.20 42.17 10.40
N ASP C 383 -44.27 42.29 9.08
CA ASP C 383 -43.31 41.68 8.18
C ASP C 383 -42.07 42.56 8.19
N MET C 384 -41.02 42.11 8.87
CA MET C 384 -39.82 42.93 9.03
C MET C 384 -39.08 43.18 7.71
N TYR C 385 -39.30 42.33 6.71
CA TYR C 385 -38.66 42.52 5.40
C TYR C 385 -39.28 43.68 4.65
N VAL C 386 -40.55 43.93 4.93
CA VAL C 386 -41.29 44.97 4.22
C VAL C 386 -41.26 46.25 5.02
N GLU C 387 -41.48 46.12 6.33
CA GLU C 387 -41.68 47.25 7.23
C GLU C 387 -40.61 47.39 8.28
N GLY C 388 -39.39 46.99 7.96
CA GLY C 388 -38.27 47.16 8.88
C GLY C 388 -37.98 48.63 9.09
N HIS C 389 -38.24 49.43 8.04
CA HIS C 389 -38.02 50.87 8.05
C HIS C 389 -39.04 51.59 8.94
N SER C 390 -40.24 51.04 8.99
CA SER C 390 -41.35 51.61 9.77
C SER C 390 -41.04 51.69 11.26
N VAL C 391 -40.10 50.88 11.73
CA VAL C 391 -39.78 50.85 13.16
C VAL C 391 -38.29 50.99 13.44
N GLU C 392 -37.97 51.43 14.66
CA GLU C 392 -36.59 51.51 15.12
C GLU C 392 -36.19 50.16 15.70
N ALA C 393 -35.36 49.41 14.98
CA ALA C 393 -34.91 48.12 15.46
C ALA C 393 -33.41 47.98 15.29
N GLU C 394 -32.77 47.29 16.22
CA GLU C 394 -31.33 47.07 16.16
C GLU C 394 -30.97 45.98 15.14
N GLN C 395 -30.07 46.27 14.21
CA GLN C 395 -29.64 45.25 13.26
C GLN C 395 -28.70 44.25 13.91
N LEU C 396 -28.73 43.01 13.43
CA LEU C 396 -27.75 42.01 13.84
C LEU C 396 -26.37 42.41 13.29
N PRO C 397 -25.28 41.93 13.94
CA PRO C 397 -23.93 42.08 13.39
C PRO C 397 -23.91 41.75 11.88
N LEU C 398 -23.18 42.54 11.09
CA LEU C 398 -23.22 42.41 9.64
C LEU C 398 -22.14 41.50 9.04
N ASN C 399 -21.16 41.12 9.86
CA ASN C 399 -20.09 40.25 9.40
C ASN C 399 -19.48 39.48 10.57
N LEU C 400 -18.72 38.44 10.26
CA LEU C 400 -18.13 37.57 11.29
C LEU C 400 -17.25 38.33 12.29
N LEU C 401 -16.38 39.19 11.79
CA LEU C 401 -15.44 39.89 12.64
C LEU C 401 -16.17 40.75 13.70
N ASP C 402 -17.23 41.46 13.29
CA ASP C 402 -18.01 42.26 14.23
C ASP C 402 -18.76 41.37 15.24
N ALA C 403 -19.31 40.26 14.77
CA ALA C 403 -19.98 39.31 15.67
C ALA C 403 -19.01 38.74 16.70
N VAL C 404 -17.80 38.40 16.28
CA VAL C 404 -16.78 37.88 17.19
C VAL C 404 -16.37 38.91 18.26
N ARG C 405 -16.10 40.15 17.84
CA ARG C 405 -15.87 41.26 18.78
C ARG C 405 -16.99 41.34 19.83
N ALA C 406 -18.23 41.16 19.39
CA ALA C 406 -19.35 41.21 20.33
C ALA C 406 -19.31 40.03 21.30
N LEU C 407 -18.89 38.88 20.79
CA LEU C 407 -18.75 37.69 21.64
C LEU C 407 -17.76 37.96 22.75
N GLU C 408 -16.61 38.50 22.37
CA GLU C 408 -15.50 38.73 23.30
C GLU C 408 -15.86 39.74 24.37
N ALA C 409 -16.67 40.74 23.99
CA ALA C 409 -17.09 41.79 24.90
C ALA C 409 -18.31 41.37 25.75
N ASP C 410 -18.84 40.19 25.50
CA ASP C 410 -20.01 39.73 26.25
C ASP C 410 -19.59 38.78 27.36
N GLU C 411 -19.52 39.33 28.58
CA GLU C 411 -19.04 38.60 29.74
C GLU C 411 -19.86 37.35 30.05
N VAL C 412 -21.18 37.48 30.04
CA VAL C 412 -22.04 36.35 30.36
C VAL C 412 -21.79 35.19 29.42
N LEU C 413 -21.73 35.52 28.12
CA LEU C 413 -21.56 34.53 27.08
C LEU C 413 -20.17 33.95 27.14
N ALA C 414 -19.16 34.83 27.17
CA ALA C 414 -17.78 34.39 27.19
C ALA C 414 -17.50 33.55 28.43
N GLY C 415 -18.10 33.94 29.55
CA GLY C 415 -17.89 33.22 30.80
C GLY C 415 -18.69 31.94 30.85
N GLY C 416 -19.87 31.96 30.26
CA GLY C 416 -20.69 30.76 30.20
C GLY C 416 -20.06 29.64 29.37
N LEU C 417 -19.39 30.01 28.29
CA LEU C 417 -18.77 29.03 27.40
C LEU C 417 -17.37 28.64 27.87
N GLY C 418 -16.82 29.42 28.78
CA GLY C 418 -15.51 29.14 29.31
C GLY C 418 -14.46 29.36 28.25
N ALA C 419 -13.38 28.58 28.32
CA ALA C 419 -12.24 28.77 27.44
C ALA C 419 -12.59 28.46 25.99
N ALA C 420 -13.74 27.83 25.76
CA ALA C 420 -14.18 27.57 24.40
C ALA C 420 -14.41 28.88 23.65
N ALA C 421 -14.90 29.89 24.35
CA ALA C 421 -15.23 31.15 23.68
C ALA C 421 -13.98 31.80 23.09
N ALA C 422 -12.93 31.93 23.91
CA ALA C 422 -11.71 32.57 23.44
C ALA C 422 -11.02 31.75 22.34
N ALA C 423 -11.09 30.44 22.47
CA ALA C 423 -10.51 29.54 21.46
C ALA C 423 -11.26 29.71 20.14
N PHE C 424 -12.58 29.66 20.21
CA PHE C 424 -13.45 29.87 19.06
C PHE C 424 -13.11 31.21 18.37
N ALA C 425 -13.04 32.27 19.16
CA ALA C 425 -12.79 33.61 18.65
C ALA C 425 -11.45 33.68 17.91
N LYS C 426 -10.44 33.02 18.46
CA LYS C 426 -9.13 33.03 17.82
C LYS C 426 -9.21 32.37 16.44
N PHE C 427 -9.91 31.25 16.35
CA PHE C 427 -10.00 30.55 15.08
C PHE C 427 -10.75 31.37 14.05
N LYS C 428 -11.85 31.99 14.48
CA LYS C 428 -12.70 32.74 13.57
C LYS C 428 -12.01 34.00 13.05
N ARG C 429 -11.18 34.61 13.90
CA ARG C 429 -10.35 35.74 13.48
C ARG C 429 -9.33 35.31 12.44
N ALA C 430 -8.79 34.11 12.61
CA ALA C 430 -7.83 33.60 11.66
C ALA C 430 -8.54 33.39 10.32
N GLU C 431 -9.74 32.84 10.37
CA GLU C 431 -10.49 32.61 9.15
C GLU C 431 -10.80 33.93 8.47
N TRP C 432 -11.13 34.93 9.26
CA TRP C 432 -11.44 36.24 8.70
C TRP C 432 -10.23 36.86 8.00
N ALA C 433 -9.06 36.77 8.63
CA ALA C 433 -7.87 37.36 8.05
C ALA C 433 -7.56 36.70 6.72
N ASP C 434 -7.87 35.41 6.63
CA ASP C 434 -7.63 34.63 5.43
C ASP C 434 -8.60 35.05 4.33
N TYR C 435 -9.88 35.08 4.68
CA TYR C 435 -10.93 35.49 3.76
C TYR C 435 -10.77 36.92 3.22
N LYS C 436 -10.49 37.88 4.11
CA LYS C 436 -10.48 39.29 3.72
C LYS C 436 -9.41 39.62 2.70
N SER C 437 -8.50 38.68 2.44
CA SER C 437 -7.45 38.91 1.47
C SER C 437 -7.73 38.23 0.12
N GLN C 438 -8.82 37.48 0.04
CA GLN C 438 -9.16 36.80 -1.20
C GLN C 438 -9.74 37.76 -2.23
N LEU C 439 -9.13 37.84 -3.40
CA LEU C 439 -9.65 38.64 -4.51
C LEU C 439 -10.93 38.01 -5.08
N THR C 440 -11.96 38.81 -5.30
CA THR C 440 -13.21 38.26 -5.84
C THR C 440 -13.49 38.72 -7.28
N GLU C 441 -14.28 37.93 -8.00
CA GLU C 441 -14.60 38.23 -9.39
C GLU C 441 -15.34 39.55 -9.54
N TRP C 442 -16.26 39.83 -8.63
CA TRP C 442 -16.97 41.12 -8.62
C TRP C 442 -16.00 42.31 -8.60
N GLU C 443 -15.00 42.27 -7.71
CA GLU C 443 -13.95 43.30 -7.66
C GLU C 443 -13.23 43.48 -8.99
N ARG C 444 -12.80 42.38 -9.60
CA ARG C 444 -12.10 42.45 -10.89
C ARG C 444 -12.99 43.10 -11.94
N ARG C 445 -14.20 42.62 -12.03
CA ARG C 445 -15.13 43.08 -13.05
C ARG C 445 -15.40 44.58 -12.88
N THR C 446 -15.60 45.04 -11.65
CA THR C 446 -16.01 46.42 -11.42
C THR C 446 -14.88 47.42 -11.13
N THR C 447 -13.64 46.95 -10.98
CA THR C 447 -12.53 47.83 -10.60
C THR C 447 -11.41 47.92 -11.64
N LEU C 448 -11.33 46.94 -12.54
CA LEU C 448 -10.24 46.88 -13.50
C LEU C 448 -10.13 48.17 -14.32
N ASP C 449 -11.27 48.81 -14.58
CA ASP C 449 -11.30 49.98 -15.45
C ASP C 449 -11.33 51.28 -14.66
N CYS C 450 -11.09 51.20 -13.37
CA CYS C 450 -11.02 52.42 -12.58
C CYS C 450 -9.92 53.31 -13.15
MG MG D . -0.10 6.71 16.38
MG MG E . 3.60 7.76 17.89
MG MG F . 0.42 9.11 14.05
PG ANP G . 0.72 9.17 17.70
O1G ANP G . 0.01 10.63 17.96
O2G ANP G . 2.29 9.44 17.78
O3G ANP G . 0.43 8.81 16.36
PB ANP G . 1.00 7.47 20.15
O1B ANP G . 2.40 6.98 19.66
O2B ANP G . 0.95 8.25 21.51
N3B ANP G . 0.13 7.99 18.77
PA ANP G . 0.07 4.78 19.37
O1A ANP G . -1.20 4.09 19.96
O2A ANP G . -0.17 5.16 17.94
O3A ANP G . 0.39 5.98 20.35
O5' ANP G . 1.26 3.73 19.45
C5' ANP G . 1.54 2.98 20.61
C4' ANP G . 2.31 1.80 20.39
O4' ANP G . 3.19 1.55 21.53
C3' ANP G . 1.47 0.60 20.21
O3' ANP G . 1.96 -0.18 19.18
C2' ANP G . 1.59 -0.05 21.52
O2' ANP G . 1.26 -1.38 21.53
C1' ANP G . 3.00 0.20 21.89
N9 ANP G . 3.38 -0.05 23.25
C8 ANP G . 2.59 0.04 24.35
N7 ANP G . 3.34 -0.29 25.43
C5 ANP G . 4.59 -0.59 25.02
C6 ANP G . 5.75 -0.98 25.68
N6 ANP G . 5.78 -1.15 27.11
N1 ANP G . 6.86 -1.18 24.95
C2 ANP G . 6.86 -1.02 23.61
N3 ANP G . 5.77 -0.66 22.96
C4 ANP G . 4.63 -0.43 23.63
OXT MSL H . 6.07 12.42 10.50
C MSL H . 5.39 12.08 11.52
O MSL H . 5.90 11.36 12.42
CA MSL H . 3.99 12.57 11.63
N MSL H . 3.26 11.94 10.56
CB MSL H . 3.42 12.23 13.00
CG MSL H . 2.03 12.77 13.26
SD MSL H . 1.21 12.46 14.80
OE MSL H . 1.25 11.11 15.21
NE MSL H . -0.13 13.29 14.96
CE MSL H . 2.22 13.19 15.91
MG MG I . 16.94 -20.71 -12.36
MG MG J . 20.52 -21.46 -13.89
MG MG K . 17.22 -17.50 -13.62
PG ANP L . 19.46 -19.61 -11.54
O1G ANP L . 20.04 -18.38 -10.62
O2G ANP L . 20.62 -19.88 -12.59
O3G ANP L . 18.30 -19.10 -12.21
PB ANP L . 20.05 -22.32 -10.49
O1B ANP L . 20.36 -22.70 -11.96
O2B ANP L . 21.23 -22.36 -9.44
N3B ANP L . 19.02 -20.95 -10.62
PA ANP L . 17.56 -23.80 -10.76
O1A ANP L . 16.68 -24.36 -9.61
O2A ANP L . 16.93 -22.62 -11.43
O3A ANP L . 19.01 -23.51 -10.19
O5' ANP L . 17.69 -24.97 -11.84
C5' ANP L . 18.00 -26.28 -11.47
C4' ANP L . 17.69 -27.27 -12.46
O4' ANP L . 18.72 -28.31 -12.48
C3' ANP L . 16.41 -27.93 -12.14
O3' ANP L . 15.73 -28.16 -13.32
C2' ANP L . 16.86 -29.18 -11.50
O2' ANP L . 15.94 -30.19 -11.48
C1' ANP L . 18.03 -29.53 -12.33
N9 ANP L . 18.86 -30.56 -11.81
C8 ANP L . 19.09 -30.86 -10.52
N7 ANP L . 19.94 -31.90 -10.46
C5 ANP L . 20.25 -32.25 -11.72
C6 ANP L . 21.08 -33.23 -12.26
N6 ANP L . 21.79 -34.10 -11.36
N1 ANP L . 21.17 -33.33 -13.61
C2 ANP L . 20.49 -32.49 -14.42
N3 ANP L . 19.70 -31.54 -13.94
C4 ANP L . 19.56 -31.40 -12.60
OXT MSL M . 20.93 -16.24 -18.43
C MSL M . 20.48 -15.05 -18.43
O MSL M . 20.45 -14.35 -19.50
CA MSL M . 19.94 -14.41 -17.20
N MSL M . 18.53 -14.14 -17.37
CB MSL M . 20.15 -15.28 -15.99
CG MSL M . 19.85 -14.57 -14.69
SD MSL M . 20.13 -15.45 -13.18
OE MSL M . 19.66 -16.78 -13.20
NE MSL M . 19.90 -14.53 -11.90
CE MSL M . 21.78 -15.64 -13.18
MG MG N . -39.09 23.43 9.87
MG MG O . -38.28 26.65 12.15
MG MG P . -37.56 25.20 7.17
PG ANP Q . -40.26 26.02 9.60
O1G ANP Q . -41.12 26.87 8.48
O2G ANP Q . -39.43 27.13 10.39
O3G ANP Q . -39.30 25.25 8.87
PB ANP Q . -41.54 25.29 12.21
O1B ANP Q . -40.19 25.62 12.90
O2B ANP Q . -42.81 26.16 12.62
N3B ANP Q . -41.22 25.01 10.54
PA ANP Q . -40.82 22.46 12.67
O1A ANP Q . -41.91 21.33 12.71
O2A ANP Q . -40.02 22.38 11.43
O3A ANP Q . -41.64 23.82 12.87
O5' ANP Q . -39.86 22.23 13.91
C5' ANP Q . -40.35 22.15 15.24
C4' ANP Q . -39.43 21.63 16.22
O4' ANP Q . -39.75 22.10 17.57
C3' ANP Q . -39.49 20.15 16.27
O3' ANP Q . -38.21 19.64 16.41
C2' ANP Q . -40.29 19.90 17.48
O2' ANP Q . -40.11 18.66 18.00
C1' ANP Q . -39.80 20.96 18.40
N9 ANP Q . -40.55 21.19 19.60
C8 ANP Q . -41.87 20.97 19.78
N7 ANP Q . -42.18 21.32 21.05
C5 ANP Q . -41.07 21.75 21.66
C6 ANP Q . -40.81 22.23 22.94
N6 ANP Q . -41.86 22.33 23.91
N1 ANP Q . -39.55 22.60 23.25
C2 ANP Q . -38.55 22.53 22.34
N3 ANP Q . -38.78 22.07 21.11
C4 ANP Q . -40.02 21.68 20.74
OXT MSL R . -32.47 30.52 6.36
C MSL R . -33.55 30.06 6.84
O MSL R . -33.74 30.05 8.10
CA MSL R . -34.59 29.57 5.89
N MSL R . -34.06 28.45 5.13
CB MSL R . -35.87 29.17 6.62
CG MSL R . -36.99 28.82 5.67
SD MSL R . -38.62 28.50 6.29
OE MSL R . -38.62 27.62 7.39
NE MSL R . -39.68 28.31 5.12
CE MSL R . -39.11 29.95 6.95
#